data_2PUV
#
_entry.id   2PUV
#
_cell.length_a   66.121
_cell.length_b   118.167
_cell.length_c   100.137
_cell.angle_alpha   90.00
_cell.angle_beta   91.87
_cell.angle_gamma   90.00
#
_symmetry.space_group_name_H-M   'P 1 21 1'
#
loop_
_entity.id
_entity.type
_entity.pdbx_description
1 polymer 'isomerase domain of glutamine-fructose-6-phosphate transaminase (isomerizing)'
2 non-polymer 'ACETATE ION'
3 non-polymer 'SODIUM ION'
4 non-polymer URIDINE-DIPHOSPHATE-N-ACETYLGLUCOSAMINE
5 non-polymer 5-AMINO-5-DEOXY-1-O-PHOSPHONO-D-MANNITOL
6 water water
#
_entity_poly.entity_id   1
_entity_poly.type   'polypeptide(L)'
_entity_poly.pdbx_seq_one_letter_code
;MKGPYKHFMQKEIFEQPDSAFNTMRGRIDFENCVVTLGGLKSWLSTIRRCRRIIMIACGTSYHSCLATRSIFEELTEIPV
SVELASDFLDRRSPVFRDDTCVFVSQSGETADSILALQYCLERGALTVGIVNSVGSSMSRQTHCGVHINAGPEIGVASTK
AYTSQYIALVMFALSLSNDSISRKGRHEEIIKGLQKIPEQIKQVLKLENKIKDLCNSSLNDQKSLLLLGRGYQFATALEG
ALKIKEISYMHSEGVLAGELKHGILALVDEDLPIIAFATRDSLFPKVMSAIEQVTARDGRPIVICNEGDAIISNDKVHTT
LEVPETVDCLQGLLNVIPLQLISYWLAVNRGIDVDFPRNLAKSVTVE
;
_entity_poly.pdbx_strand_id   A,B,C,D
#
# COMPACT_ATOMS: atom_id res chain seq x y z
N GLY A 3 45.07 0.10 28.65
CA GLY A 3 45.15 0.73 30.00
C GLY A 3 45.40 -0.33 31.06
N PRO A 4 44.53 -0.37 32.10
CA PRO A 4 44.66 -1.45 33.10
C PRO A 4 44.00 -2.75 32.62
N TYR A 5 43.57 -2.79 31.36
CA TYR A 5 42.84 -3.93 30.82
C TYR A 5 43.77 -4.95 30.15
N LYS A 6 43.52 -6.24 30.41
CA LYS A 6 44.31 -7.33 29.79
C LYS A 6 44.17 -7.39 28.26
N HIS A 7 42.98 -7.07 27.75
CA HIS A 7 42.68 -7.19 26.33
C HIS A 7 41.83 -6.04 25.82
N PHE A 8 41.91 -5.77 24.51
CA PHE A 8 41.03 -4.82 23.82
C PHE A 8 39.58 -5.16 24.09
N MET A 9 39.24 -6.44 24.05
CA MET A 9 37.85 -6.83 24.19
C MET A 9 37.34 -6.45 25.56
N GLN A 10 38.20 -6.59 26.57
CA GLN A 10 37.83 -6.25 27.93
C GLN A 10 37.66 -4.76 28.05
N LYS A 11 38.60 -4.00 27.47
CA LYS A 11 38.48 -2.53 27.41
C LYS A 11 37.14 -2.10 26.78
N GLU A 12 36.81 -2.69 25.63
CA GLU A 12 35.63 -2.33 24.88
C GLU A 12 34.37 -2.69 25.58
N ILE A 13 34.34 -3.82 26.30
CA ILE A 13 33.20 -4.13 27.16
C ILE A 13 33.02 -3.04 28.22
N PHE A 14 34.12 -2.74 28.90
CA PHE A 14 34.06 -1.80 30.01
C PHE A 14 33.85 -0.34 29.55
N GLU A 15 34.11 -0.08 28.28
CA GLU A 15 33.86 1.23 27.64
C GLU A 15 32.38 1.50 27.35
N GLN A 16 31.51 0.49 27.46
CA GLN A 16 30.10 0.68 27.04
C GLN A 16 29.31 1.82 27.72
N PRO A 17 29.57 2.10 29.04
CA PRO A 17 28.87 3.29 29.52
C PRO A 17 29.19 4.49 28.65
N ASP A 18 30.44 4.61 28.22
CA ASP A 18 30.88 5.75 27.47
C ASP A 18 30.39 5.70 26.01
N SER A 19 30.43 4.53 25.38
CA SER A 19 29.96 4.42 23.98
C SER A 19 28.42 4.54 23.90
N ALA A 20 27.71 4.02 24.92
CA ALA A 20 26.26 4.23 24.99
C ALA A 20 25.90 5.74 25.10
N PHE A 21 26.58 6.44 26.01
CA PHE A 21 26.42 7.90 26.07
C PHE A 21 26.77 8.61 24.75
N ASN A 22 27.89 8.24 24.15
CA ASN A 22 28.34 8.88 22.91
C ASN A 22 27.40 8.69 21.74
N THR A 23 26.84 7.51 21.64
CA THR A 23 25.77 7.24 20.66
C THR A 23 24.59 8.22 20.76
N MET A 24 24.18 8.51 21.99
CA MET A 24 23.09 9.43 22.28
C MET A 24 23.42 10.91 22.24
N ARG A 25 24.70 11.23 22.35
CA ARG A 25 25.17 12.60 22.58
C ARG A 25 24.76 13.56 21.43
N GLY A 26 24.17 14.68 21.78
CA GLY A 26 23.68 15.61 20.76
C GLY A 26 22.38 15.20 20.06
N ARG A 27 21.78 14.07 20.46
CA ARG A 27 20.64 13.51 19.73
C ARG A 27 19.39 13.36 20.56
N ILE A 28 19.55 13.37 21.89
CA ILE A 28 18.40 13.22 22.74
C ILE A 28 18.31 14.34 23.76
N ASP A 29 17.21 15.05 23.72
CA ASP A 29 16.91 16.04 24.74
C ASP A 29 16.13 15.31 25.80
N PHE A 30 16.73 15.02 26.96
CA PHE A 30 16.07 14.13 27.94
C PHE A 30 15.01 14.85 28.75
N GLU A 31 15.14 16.17 28.81
CA GLU A 31 14.24 17.01 29.57
C GLU A 31 12.96 17.23 28.77
N ASN A 32 13.10 17.59 27.51
CA ASN A 32 11.94 17.75 26.63
C ASN A 32 11.48 16.50 25.91
N CYS A 33 12.20 15.39 26.12
CA CYS A 33 11.94 14.10 25.45
C CYS A 33 11.85 14.22 23.93
N VAL A 34 12.92 14.71 23.34
CA VAL A 34 12.97 14.92 21.90
C VAL A 34 14.20 14.22 21.34
N VAL A 35 13.99 13.35 20.36
CA VAL A 35 15.09 12.77 19.61
C VAL A 35 15.33 13.46 18.27
N THR A 36 16.56 13.85 18.02
CA THR A 36 16.94 14.44 16.74
C THR A 36 18.15 13.79 16.10
N LEU A 37 17.90 13.10 15.00
CA LEU A 37 18.95 12.41 14.28
C LEU A 37 19.23 13.21 12.99
N GLY A 38 20.37 13.91 12.96
CA GLY A 38 20.64 14.86 11.87
C GLY A 38 20.67 14.21 10.48
N GLY A 39 21.24 13.01 10.40
CA GLY A 39 21.33 12.25 9.15
C GLY A 39 19.98 11.88 8.53
N LEU A 40 18.94 11.85 9.34
CA LEU A 40 17.61 11.39 8.95
C LEU A 40 16.57 12.49 8.76
N LYS A 41 16.84 13.64 9.38
CA LYS A 41 15.82 14.70 9.56
C LYS A 41 14.90 14.91 8.33
N SER A 42 15.50 15.12 7.17
CA SER A 42 14.70 15.40 6.02
C SER A 42 14.10 14.18 5.32
N TRP A 43 14.35 13.00 5.87
CA TRP A 43 13.97 11.78 5.18
C TRP A 43 12.86 11.03 5.91
N LEU A 44 12.54 11.46 7.12
CA LEU A 44 11.61 10.71 7.99
C LEU A 44 10.24 10.56 7.38
N SER A 45 9.70 11.64 6.83
CA SER A 45 8.37 11.61 6.25
C SER A 45 8.30 10.59 5.12
N THR A 46 9.37 10.54 4.34
CA THR A 46 9.48 9.57 3.24
C THR A 46 9.65 8.13 3.78
N ILE A 47 10.60 7.93 4.70
CA ILE A 47 10.74 6.59 5.31
C ILE A 47 9.43 6.06 5.83
N ARG A 48 8.61 6.86 6.51
CA ARG A 48 7.32 6.35 7.03
C ARG A 48 6.37 5.86 5.91
N ARG A 49 6.44 6.52 4.76
CA ARG A 49 5.57 6.22 3.61
C ARG A 49 6.17 5.09 2.79
N CYS A 50 6.18 3.90 3.35
CA CYS A 50 6.70 2.75 2.65
C CYS A 50 5.72 1.61 2.90
N ARG A 51 5.72 0.62 2.03
CA ARG A 51 4.91 -0.57 2.22
C ARG A 51 5.44 -1.29 3.49
N ARG A 52 6.75 -1.28 3.67
CA ARG A 52 7.38 -2.03 4.80
C ARG A 52 8.84 -1.70 4.91
N ILE A 53 9.43 -2.08 6.06
CA ILE A 53 10.83 -1.86 6.40
C ILE A 53 11.44 -3.26 6.42
N ILE A 54 12.57 -3.40 5.75
CA ILE A 54 13.35 -4.60 5.81
C ILE A 54 14.67 -4.28 6.47
N MET A 55 14.96 -4.92 7.61
CA MET A 55 16.26 -4.70 8.24
C MET A 55 17.18 -5.81 7.74
N ILE A 56 18.38 -5.46 7.29
CA ILE A 56 19.25 -6.39 6.63
C ILE A 56 20.68 -6.27 7.22
N ALA A 57 21.25 -7.37 7.66
CA ALA A 57 22.52 -7.31 8.39
C ALA A 57 23.11 -8.72 8.54
N CYS A 58 24.33 -8.77 9.09
CA CYS A 58 25.07 -10.01 9.30
C CYS A 58 25.50 -10.07 10.75
N GLY A 59 25.66 -11.29 11.29
CA GLY A 59 26.29 -11.48 12.60
C GLY A 59 25.61 -10.70 13.71
N THR A 60 26.44 -10.04 14.52
CA THR A 60 25.94 -9.33 15.66
C THR A 60 24.99 -8.22 15.24
N SER A 61 25.23 -7.64 14.05
CA SER A 61 24.40 -6.54 13.58
C SER A 61 23.00 -7.06 13.25
N TYR A 62 22.93 -8.30 12.71
CA TYR A 62 21.63 -8.98 12.52
C TYR A 62 20.92 -9.16 13.90
N HIS A 63 21.69 -9.49 14.95
CA HIS A 63 21.12 -9.59 16.30
C HIS A 63 20.55 -8.27 16.79
N SER A 64 21.28 -7.18 16.55
CA SER A 64 20.75 -5.88 16.99
C SER A 64 19.40 -5.54 16.31
N CYS A 65 19.19 -6.02 15.06
CA CYS A 65 17.87 -5.90 14.39
C CYS A 65 16.83 -6.74 15.06
N LEU A 66 17.16 -8.00 15.35
CA LEU A 66 16.17 -8.81 16.04
C LEU A 66 15.82 -8.21 17.40
N ALA A 67 16.80 -7.64 18.08
CA ALA A 67 16.61 -7.01 19.44
C ALA A 67 15.71 -5.78 19.43
N THR A 68 15.56 -5.14 18.27
CA THR A 68 14.78 -3.90 18.16
C THR A 68 13.60 -4.00 17.19
N ARG A 69 13.41 -5.16 16.57
CA ARG A 69 12.27 -5.35 15.65
C ARG A 69 10.93 -4.99 16.32
N SER A 70 10.73 -5.51 17.53
CA SER A 70 9.45 -5.35 18.21
C SER A 70 9.11 -3.88 18.48
N ILE A 71 10.10 -3.10 18.98
CA ILE A 71 9.86 -1.67 19.21
C ILE A 71 9.60 -0.87 17.95
N PHE A 72 10.29 -1.18 16.84
CA PHE A 72 9.91 -0.59 15.55
C PHE A 72 8.46 -0.90 15.20
N GLU A 73 8.07 -2.16 15.32
CA GLU A 73 6.71 -2.52 14.97
C GLU A 73 5.71 -1.81 15.86
N GLU A 74 5.97 -1.85 17.17
CA GLU A 74 5.06 -1.22 18.12
C GLU A 74 4.89 0.30 17.90
N LEU A 75 6.00 1.02 17.71
CA LEU A 75 5.92 2.48 17.71
C LEU A 75 5.40 2.94 16.35
N THR A 76 5.70 2.20 15.29
CA THR A 76 5.36 2.69 13.94
C THR A 76 4.18 2.13 13.23
N GLU A 77 3.79 0.88 13.58
CA GLU A 77 2.75 0.16 12.84
C GLU A 77 3.07 -0.01 11.34
N ILE A 78 4.36 -0.07 11.06
CA ILE A 78 4.85 -0.40 9.75
C ILE A 78 5.33 -1.84 9.88
N PRO A 79 4.98 -2.71 8.89
CA PRO A 79 5.54 -4.05 8.92
C PRO A 79 7.06 -3.99 8.91
N VAL A 80 7.70 -4.79 9.79
CA VAL A 80 9.19 -4.82 9.87
C VAL A 80 9.66 -6.27 9.76
N SER A 81 10.51 -6.57 8.79
CA SER A 81 11.04 -7.90 8.77
C SER A 81 12.54 -7.80 8.98
N VAL A 82 13.14 -8.88 9.45
CA VAL A 82 14.59 -8.87 9.73
C VAL A 82 15.23 -9.99 8.89
N GLU A 83 16.20 -9.61 8.08
CA GLU A 83 16.87 -10.56 7.16
C GLU A 83 18.34 -10.67 7.41
N LEU A 84 18.87 -11.88 7.36
CA LEU A 84 20.28 -12.07 7.33
C LEU A 84 20.73 -11.85 5.90
N ALA A 85 21.75 -11.04 5.71
CA ALA A 85 22.08 -10.56 4.34
C ALA A 85 22.33 -11.70 3.35
N SER A 86 23.01 -12.76 3.78
CA SER A 86 23.39 -13.84 2.86
C SER A 86 22.14 -14.59 2.43
N ASP A 87 21.25 -14.88 3.38
CA ASP A 87 20.04 -15.63 3.10
C ASP A 87 19.08 -14.79 2.22
N PHE A 88 19.03 -13.49 2.49
CA PHE A 88 18.21 -12.55 1.68
C PHE A 88 18.62 -12.64 0.21
N LEU A 89 19.93 -12.58 -0.01
CA LEU A 89 20.52 -12.75 -1.36
C LEU A 89 20.27 -14.15 -1.90
N ASP A 90 20.49 -15.18 -1.07
CA ASP A 90 20.24 -16.59 -1.49
C ASP A 90 18.85 -16.83 -2.03
N ARG A 91 17.84 -16.25 -1.39
CA ARG A 91 16.46 -16.37 -1.86
C ARG A 91 16.13 -15.41 -2.98
N ARG A 92 17.03 -14.51 -3.32
CA ARG A 92 16.72 -13.46 -4.31
C ARG A 92 15.38 -12.81 -3.98
N SER A 93 15.20 -12.47 -2.70
CA SER A 93 13.96 -11.93 -2.21
C SER A 93 13.66 -10.65 -3.01
N PRO A 94 12.44 -10.57 -3.59
CA PRO A 94 12.13 -9.35 -4.32
C PRO A 94 12.13 -8.09 -3.45
N VAL A 95 12.67 -7.02 -4.00
CA VAL A 95 12.51 -5.72 -3.35
C VAL A 95 12.09 -4.66 -4.37
N PHE A 96 11.38 -3.67 -3.89
CA PHE A 96 10.79 -2.63 -4.78
C PHE A 96 10.92 -1.20 -4.27
N ARG A 97 10.46 -0.26 -5.12
CA ARG A 97 10.52 1.17 -4.83
CA ARG A 97 10.50 1.18 -4.84
C ARG A 97 9.91 1.51 -3.47
N ASP A 98 8.87 0.77 -3.10
CA ASP A 98 8.12 1.05 -1.91
C ASP A 98 8.66 0.40 -0.61
N ASP A 99 9.83 -0.20 -0.69
CA ASP A 99 10.50 -0.77 0.49
C ASP A 99 11.51 0.25 1.07
N THR A 100 11.60 0.30 2.40
CA THR A 100 12.68 1.04 3.07
C THR A 100 13.54 -0.08 3.63
N CYS A 101 14.80 -0.12 3.18
CA CYS A 101 15.75 -1.16 3.54
C CYS A 101 16.79 -0.54 4.46
N VAL A 102 16.86 -1.09 5.66
CA VAL A 102 17.70 -0.56 6.73
C VAL A 102 18.88 -1.47 6.92
N PHE A 103 20.10 -0.95 6.70
CA PHE A 103 21.33 -1.75 6.73
C PHE A 103 22.12 -1.40 7.97
N VAL A 104 22.36 -2.40 8.81
CA VAL A 104 23.12 -2.19 10.06
C VAL A 104 24.48 -2.88 9.92
N SER A 105 25.55 -2.10 10.11
CA SER A 105 26.88 -2.62 10.01
C SER A 105 27.81 -1.79 10.87
N GLN A 106 28.65 -2.47 11.67
CA GLN A 106 29.71 -1.80 12.43
C GLN A 106 30.77 -1.26 11.44
N SER A 107 31.32 -2.14 10.63
CA SER A 107 32.40 -1.80 9.69
C SER A 107 31.94 -0.99 8.47
N GLY A 108 30.70 -1.19 8.05
CA GLY A 108 30.26 -0.61 6.79
C GLY A 108 30.94 -1.28 5.62
N GLU A 109 31.62 -2.41 5.83
CA GLU A 109 32.35 -3.04 4.71
C GLU A 109 32.05 -4.52 4.46
N THR A 110 31.13 -5.09 5.22
CA THR A 110 30.90 -6.56 5.14
C THR A 110 30.37 -6.92 3.78
N ALA A 111 31.01 -7.90 3.13
CA ALA A 111 30.70 -8.23 1.73
C ALA A 111 29.24 -8.57 1.47
N ASP A 112 28.61 -9.46 2.25
CA ASP A 112 27.18 -9.82 2.03
C ASP A 112 26.28 -8.62 2.26
N SER A 113 26.65 -7.75 3.21
CA SER A 113 25.84 -6.53 3.49
C SER A 113 25.93 -5.50 2.36
N ILE A 114 27.14 -5.35 1.80
CA ILE A 114 27.31 -4.51 0.64
C ILE A 114 26.62 -5.06 -0.59
N LEU A 115 26.75 -6.36 -0.84
CA LEU A 115 26.05 -6.96 -1.99
C LEU A 115 24.52 -6.78 -1.83
N ALA A 116 24.01 -6.94 -0.60
CA ALA A 116 22.54 -6.76 -0.35
C ALA A 116 22.11 -5.30 -0.58
N LEU A 117 22.94 -4.36 -0.13
CA LEU A 117 22.68 -2.93 -0.39
C LEU A 117 22.62 -2.64 -1.91
N GLN A 118 23.56 -3.18 -2.69
CA GLN A 118 23.59 -2.88 -4.13
C GLN A 118 22.38 -3.47 -4.85
N TYR A 119 22.02 -4.67 -4.43
CA TYR A 119 20.81 -5.34 -4.87
C TYR A 119 19.58 -4.46 -4.62
N CYS A 120 19.41 -3.94 -3.39
CA CYS A 120 18.26 -3.07 -3.08
C CYS A 120 18.29 -1.73 -3.87
N LEU A 121 19.47 -1.17 -4.01
CA LEU A 121 19.65 0.11 -4.73
C LEU A 121 19.23 -0.05 -6.19
N GLU A 122 19.68 -1.11 -6.85
CA GLU A 122 19.32 -1.39 -8.26
C GLU A 122 17.82 -1.57 -8.48
N ARG A 123 17.11 -1.95 -7.42
CA ARG A 123 15.69 -2.23 -7.49
C ARG A 123 14.87 -1.01 -7.11
N GLY A 124 15.56 0.05 -6.74
CA GLY A 124 14.91 1.34 -6.50
C GLY A 124 14.35 1.53 -5.09
N ALA A 125 14.70 0.67 -4.15
CA ALA A 125 14.33 0.87 -2.75
C ALA A 125 15.03 2.07 -2.09
N LEU A 126 14.41 2.65 -1.06
CA LEU A 126 15.05 3.69 -0.25
C LEU A 126 15.93 2.92 0.72
N THR A 127 17.16 3.37 0.91
CA THR A 127 18.09 2.65 1.76
C THR A 127 18.60 3.55 2.92
N VAL A 128 18.74 2.95 4.14
CA VAL A 128 19.06 3.71 5.34
C VAL A 128 20.18 2.92 5.99
N GLY A 129 21.26 3.62 6.37
CA GLY A 129 22.44 2.98 6.99
C GLY A 129 22.54 3.30 8.46
N ILE A 130 22.90 2.29 9.27
CA ILE A 130 23.14 2.47 10.70
C ILE A 130 24.55 1.86 10.85
N VAL A 131 25.55 2.72 10.88
CA VAL A 131 26.92 2.30 10.56
C VAL A 131 27.86 2.94 11.57
N ASN A 132 28.91 2.26 11.94
CA ASN A 132 29.88 2.88 12.86
C ASN A 132 31.02 3.58 12.09
N SER A 133 31.57 2.97 11.03
CA SER A 133 32.69 3.59 10.31
C SER A 133 32.26 4.67 9.35
N VAL A 134 32.56 5.91 9.71
CA VAL A 134 32.15 7.06 8.90
C VAL A 134 32.77 6.99 7.51
N GLY A 135 31.94 7.19 6.47
CA GLY A 135 32.46 7.17 5.10
C GLY A 135 32.86 5.81 4.54
N SER A 136 32.50 4.72 5.24
CA SER A 136 32.73 3.38 4.70
C SER A 136 31.78 3.14 3.52
N SER A 137 31.97 2.07 2.78
CA SER A 137 31.07 1.74 1.65
C SER A 137 29.58 1.87 2.00
N MET A 138 29.17 1.29 3.13
CA MET A 138 27.74 1.26 3.49
C MET A 138 27.28 2.65 3.88
N SER A 139 28.13 3.39 4.58
CA SER A 139 27.84 4.76 4.94
C SER A 139 27.63 5.60 3.67
N ARG A 140 28.59 5.57 2.72
CA ARG A 140 28.44 6.41 1.50
C ARG A 140 27.24 6.01 0.66
N GLN A 141 27.08 4.71 0.46
CA GLN A 141 26.15 4.23 -0.58
C GLN A 141 24.69 4.12 -0.15
N THR A 142 24.40 4.14 1.16
CA THR A 142 23.01 4.27 1.59
C THR A 142 22.58 5.68 1.31
N HIS A 143 21.28 5.88 1.10
CA HIS A 143 20.72 7.24 0.83
C HIS A 143 20.92 8.19 2.00
N CYS A 144 20.71 7.69 3.19
CA CYS A 144 20.77 8.49 4.43
C CYS A 144 21.05 7.49 5.54
N GLY A 145 21.29 7.96 6.74
CA GLY A 145 21.64 7.00 7.80
C GLY A 145 22.01 7.73 9.08
N VAL A 146 22.44 6.94 10.07
CA VAL A 146 22.88 7.43 11.36
C VAL A 146 24.24 6.80 11.62
N HIS A 147 25.27 7.64 11.89
CA HIS A 147 26.54 7.10 12.34
C HIS A 147 26.46 6.87 13.84
N ILE A 148 26.77 5.65 14.27
CA ILE A 148 26.47 5.31 15.65
C ILE A 148 27.42 5.92 16.67
N ASN A 149 28.60 6.37 16.25
CA ASN A 149 29.51 7.12 17.16
C ASN A 149 29.93 6.28 18.40
N ALA A 150 30.17 5.01 18.17
CA ALA A 150 30.65 4.16 19.24
C ALA A 150 32.19 4.25 19.42
N GLY A 151 32.87 4.89 18.46
CA GLY A 151 34.35 4.85 18.40
C GLY A 151 34.83 3.55 17.78
N PRO A 152 36.13 3.49 17.40
CA PRO A 152 36.77 2.32 16.75
C PRO A 152 36.60 1.05 17.60
N GLU A 153 36.27 -0.06 16.97
CA GLU A 153 36.14 -1.33 17.68
C GLU A 153 37.17 -2.30 17.13
N ILE A 154 38.04 -2.80 18.01
CA ILE A 154 39.23 -3.57 17.58
C ILE A 154 39.17 -5.05 17.98
N GLY A 155 38.62 -5.33 19.16
CA GLY A 155 38.24 -6.71 19.52
C GLY A 155 37.49 -7.30 18.34
N VAL A 156 37.63 -8.60 18.14
CA VAL A 156 37.01 -9.27 16.99
C VAL A 156 35.57 -9.71 17.24
N ALA A 157 35.18 -9.85 18.50
CA ALA A 157 33.77 -10.00 18.77
C ALA A 157 33.25 -8.59 18.97
N SER A 158 32.11 -8.28 18.33
CA SER A 158 31.52 -6.98 18.54
C SER A 158 30.91 -6.91 19.90
N THR A 159 31.20 -5.84 20.64
CA THR A 159 30.62 -5.66 21.94
C THR A 159 29.90 -4.33 22.02
N LYS A 160 30.70 -3.29 22.10
CA LYS A 160 30.13 -1.94 22.22
C LYS A 160 29.35 -1.58 20.96
N ALA A 161 29.66 -2.21 19.84
CA ALA A 161 28.96 -1.88 18.59
C ALA A 161 27.52 -2.46 18.63
N TYR A 162 27.35 -3.62 19.26
CA TYR A 162 26.02 -4.20 19.51
C TYR A 162 25.13 -3.25 20.33
N THR A 163 25.62 -2.78 21.49
CA THR A 163 24.79 -1.99 22.36
C THR A 163 24.63 -0.60 21.71
N SER A 164 25.66 -0.09 21.01
CA SER A 164 25.46 1.21 20.36
C SER A 164 24.51 1.09 19.12
N GLN A 165 24.64 0.03 18.32
CA GLN A 165 23.68 -0.21 17.20
C GLN A 165 22.24 -0.32 17.69
N TYR A 166 22.08 -1.05 18.80
CA TYR A 166 20.76 -1.26 19.40
C TYR A 166 20.23 0.14 19.83
N ILE A 167 21.06 0.93 20.54
CA ILE A 167 20.59 2.30 20.89
C ILE A 167 20.22 3.18 19.70
N ALA A 168 21.05 3.16 18.68
CA ALA A 168 20.82 3.91 17.44
C ALA A 168 19.49 3.48 16.82
N LEU A 169 19.27 2.17 16.77
CA LEU A 169 18.01 1.66 16.17
C LEU A 169 16.78 2.10 16.99
N VAL A 170 16.90 2.09 18.31
CA VAL A 170 15.75 2.56 19.12
C VAL A 170 15.53 4.07 18.84
N MET A 171 16.60 4.84 18.74
CA MET A 171 16.43 6.30 18.45
C MET A 171 15.73 6.49 17.08
N PHE A 172 16.07 5.65 16.13
CA PHE A 172 15.48 5.65 14.80
C PHE A 172 13.98 5.36 14.90
N ALA A 173 13.59 4.30 15.65
CA ALA A 173 12.19 4.02 15.89
C ALA A 173 11.40 5.18 16.57
N LEU A 174 11.99 5.76 17.60
CA LEU A 174 11.42 6.93 18.26
C LEU A 174 11.20 8.07 17.26
N SER A 175 12.22 8.34 16.43
CA SER A 175 12.14 9.42 15.40
C SER A 175 11.00 9.16 14.41
N LEU A 176 10.87 7.90 13.97
CA LEU A 176 9.77 7.59 13.06
C LEU A 176 8.36 7.77 13.66
N SER A 177 8.25 7.69 14.98
CA SER A 177 6.96 7.73 15.63
C SER A 177 6.81 9.03 16.44
N ASN A 178 7.61 10.03 16.12
CA ASN A 178 7.59 11.29 16.86
C ASN A 178 6.34 12.19 16.61
N ASP A 179 5.43 11.78 15.72
CA ASP A 179 4.26 12.62 15.47
C ASP A 179 3.01 12.05 16.09
N SER A 180 3.14 10.97 16.85
CA SER A 180 1.99 10.28 17.38
C SER A 180 1.64 10.70 18.83
N ILE A 181 0.41 11.18 19.02
CA ILE A 181 -0.07 11.55 20.35
C ILE A 181 -0.19 10.31 21.19
N SER A 182 -0.75 9.24 20.63
CA SER A 182 -0.95 8.01 21.37
C SER A 182 0.37 7.35 21.83
N ARG A 183 1.47 7.66 21.17
CA ARG A 183 2.82 7.08 21.46
C ARG A 183 3.56 7.90 22.46
N LYS A 184 3.05 9.09 22.78
CA LYS A 184 3.84 10.05 23.52
C LYS A 184 4.29 9.52 24.89
N GLY A 185 3.41 8.87 25.65
CA GLY A 185 3.80 8.30 26.98
C GLY A 185 4.92 7.26 26.84
N ARG A 186 4.75 6.41 25.83
CA ARG A 186 5.70 5.33 25.55
C ARG A 186 7.03 5.95 25.13
N HIS A 187 6.98 6.96 24.26
CA HIS A 187 8.18 7.71 23.89
C HIS A 187 8.96 8.22 25.06
N GLU A 188 8.24 8.87 25.98
CA GLU A 188 8.85 9.49 27.15
C GLU A 188 9.44 8.44 28.07
N GLU A 189 8.71 7.35 28.31
CA GLU A 189 9.23 6.20 29.10
C GLU A 189 10.58 5.70 28.56
N ILE A 190 10.65 5.52 27.24
CA ILE A 190 11.85 4.93 26.60
C ILE A 190 12.99 5.92 26.63
N ILE A 191 12.70 7.21 26.40
CA ILE A 191 13.72 8.27 26.50
C ILE A 191 14.30 8.47 27.90
N LYS A 192 13.44 8.43 28.92
CA LYS A 192 13.91 8.52 30.31
C LYS A 192 14.73 7.26 30.66
N GLY A 193 14.26 6.11 30.19
CA GLY A 193 14.99 4.83 30.31
C GLY A 193 16.38 4.94 29.71
N LEU A 194 16.45 5.44 28.47
CA LEU A 194 17.73 5.56 27.77
C LEU A 194 18.70 6.45 28.53
N GLN A 195 18.15 7.46 29.20
CA GLN A 195 19.04 8.38 29.95
C GLN A 195 19.84 7.66 31.03
N LYS A 196 19.22 6.66 31.64
CA LYS A 196 19.79 5.89 32.78
C LYS A 196 20.63 4.71 32.32
N ILE A 197 20.58 4.36 31.03
CA ILE A 197 21.37 3.23 30.55
C ILE A 197 22.89 3.29 30.83
N PRO A 198 23.57 4.40 30.51
CA PRO A 198 25.00 4.40 30.76
C PRO A 198 25.39 4.07 32.23
N GLU A 199 24.69 4.63 33.21
CA GLU A 199 24.95 4.37 34.66
C GLU A 199 24.51 2.96 35.03
N GLN A 200 23.39 2.49 34.47
CA GLN A 200 23.03 1.09 34.67
C GLN A 200 24.05 0.09 34.09
N ILE A 201 24.65 0.41 32.94
CA ILE A 201 25.71 -0.45 32.40
C ILE A 201 26.92 -0.47 33.37
N LYS A 202 27.28 0.69 33.94
CA LYS A 202 28.31 0.75 34.98
C LYS A 202 28.00 -0.25 36.07
N GLN A 203 26.76 -0.23 36.57
CA GLN A 203 26.34 -1.16 37.64
C GLN A 203 26.43 -2.64 37.23
N VAL A 204 26.02 -2.97 36.00
CA VAL A 204 26.06 -4.36 35.55
C VAL A 204 27.49 -4.87 35.47
N LEU A 205 28.43 -3.98 35.13
CA LEU A 205 29.86 -4.37 35.00
C LEU A 205 30.47 -4.88 36.33
N LYS A 206 29.83 -4.48 37.42
CA LYS A 206 30.20 -4.95 38.77
C LYS A 206 29.80 -6.39 39.01
N LEU A 207 29.05 -7.02 38.08
CA LEU A 207 28.89 -8.45 38.16
C LEU A 207 30.17 -9.24 37.80
N GLU A 208 31.22 -8.55 37.37
CA GLU A 208 32.42 -9.21 36.80
C GLU A 208 33.00 -10.26 37.75
N ASN A 209 33.18 -9.90 39.03
CA ASN A 209 33.75 -10.88 39.99
C ASN A 209 32.94 -12.14 40.16
N LYS A 210 31.62 -12.00 40.33
CA LYS A 210 30.74 -13.16 40.32
C LYS A 210 30.84 -14.01 39.03
N ILE A 211 31.06 -13.35 37.90
CA ILE A 211 31.17 -14.04 36.61
C ILE A 211 32.55 -14.71 36.50
N LYS A 212 33.59 -14.07 37.00
CA LYS A 212 34.90 -14.74 37.10
C LYS A 212 34.84 -16.00 37.96
N ASP A 213 34.16 -15.92 39.09
CA ASP A 213 33.96 -17.08 39.96
C ASP A 213 33.27 -18.24 39.22
N LEU A 214 32.21 -17.89 38.49
CA LEU A 214 31.48 -18.82 37.66
C LEU A 214 32.39 -19.38 36.57
N CYS A 215 33.21 -18.55 35.93
CA CYS A 215 34.05 -19.05 34.85
C CYS A 215 35.30 -19.80 35.33
N ASN A 216 35.60 -19.70 36.63
CA ASN A 216 36.68 -20.51 37.24
C ASN A 216 36.20 -21.93 37.51
N SER A 217 34.90 -22.11 37.63
CA SER A 217 34.34 -23.44 37.86
C SER A 217 34.44 -24.38 36.67
N SER A 218 33.91 -25.59 36.85
CA SER A 218 33.90 -26.60 35.74
C SER A 218 33.04 -26.13 34.55
N LEU A 219 32.34 -24.99 34.70
CA LEU A 219 31.73 -24.31 33.54
C LEU A 219 32.76 -24.14 32.41
N ASN A 220 34.00 -23.76 32.74
CA ASN A 220 35.03 -23.64 31.69
C ASN A 220 35.50 -24.96 31.01
N ASP A 221 35.12 -26.10 31.57
CA ASP A 221 35.47 -27.41 30.98
C ASP A 221 34.31 -28.00 30.15
N GLN A 222 33.22 -27.27 30.00
CA GLN A 222 32.02 -27.82 29.34
C GLN A 222 32.20 -27.80 27.82
N LYS A 223 31.42 -28.61 27.11
CA LYS A 223 31.56 -28.62 25.65
C LYS A 223 30.48 -27.77 24.98
N SER A 224 29.39 -27.52 25.70
CA SER A 224 28.24 -26.80 25.17
C SER A 224 27.55 -25.96 26.25
N LEU A 225 27.01 -24.81 25.86
CA LEU A 225 26.28 -23.97 26.78
C LEU A 225 24.97 -23.53 26.12
N LEU A 226 23.82 -23.79 26.75
CA LEU A 226 22.56 -23.48 26.15
C LEU A 226 22.00 -22.21 26.75
N LEU A 227 21.48 -21.28 25.92
CA LEU A 227 20.93 -20.04 26.43
C LEU A 227 19.45 -20.03 26.11
N LEU A 228 18.60 -19.80 27.12
CA LEU A 228 17.16 -19.85 26.92
C LEU A 228 16.55 -18.44 27.06
N GLY A 229 15.77 -18.01 26.06
CA GLY A 229 15.18 -16.67 26.11
C GLY A 229 13.93 -16.62 25.26
N ARG A 230 13.12 -15.58 25.45
CA ARG A 230 11.93 -15.47 24.64
C ARG A 230 11.65 -13.95 24.50
N GLY A 231 10.82 -13.58 23.54
CA GLY A 231 10.35 -12.17 23.49
C GLY A 231 11.56 -11.28 23.21
N TYR A 232 11.65 -10.18 23.96
CA TYR A 232 12.75 -9.26 23.82
C TYR A 232 14.13 -9.94 24.00
N GLN A 233 14.18 -10.96 24.84
CA GLN A 233 15.47 -11.59 25.20
C GLN A 233 15.89 -12.73 24.29
N PHE A 234 15.05 -13.06 23.31
CA PHE A 234 15.52 -14.07 22.34
C PHE A 234 16.75 -13.59 21.59
N ALA A 235 16.77 -12.33 21.15
CA ALA A 235 17.93 -11.80 20.46
C ALA A 235 19.16 -11.92 21.35
N THR A 236 18.98 -11.58 22.62
CA THR A 236 20.09 -11.66 23.59
C THR A 236 20.67 -13.06 23.68
N ALA A 237 19.78 -14.05 23.69
CA ALA A 237 20.22 -15.45 23.69
C ALA A 237 21.05 -15.81 22.45
N LEU A 238 20.60 -15.36 21.29
CA LEU A 238 21.34 -15.59 20.04
C LEU A 238 22.70 -14.92 20.05
N GLU A 239 22.74 -13.70 20.56
CA GLU A 239 23.96 -12.93 20.58
C GLU A 239 24.92 -13.50 21.63
N GLY A 240 24.37 -13.94 22.77
CA GLY A 240 25.17 -14.65 23.78
C GLY A 240 25.79 -15.92 23.19
N ALA A 241 25.00 -16.70 22.49
CA ALA A 241 25.54 -17.92 21.84
C ALA A 241 26.64 -17.62 20.85
N LEU A 242 26.47 -16.57 20.05
CA LEU A 242 27.47 -16.20 19.07
C LEU A 242 28.77 -15.81 19.74
N LYS A 243 28.68 -15.02 20.81
CA LYS A 243 29.85 -14.58 21.56
C LYS A 243 30.61 -15.82 22.13
N ILE A 244 29.89 -16.78 22.69
CA ILE A 244 30.53 -17.97 23.31
C ILE A 244 31.26 -18.80 22.23
N LYS A 245 30.59 -19.01 21.10
CA LYS A 245 31.22 -19.68 19.97
C LYS A 245 32.42 -18.93 19.39
N GLU A 246 32.30 -17.62 19.21
CA GLU A 246 33.37 -16.82 18.56
C GLU A 246 34.60 -16.57 19.41
N ILE A 247 34.39 -16.40 20.71
CA ILE A 247 35.42 -15.94 21.66
C ILE A 247 35.87 -17.14 22.50
N SER A 248 34.91 -17.90 23.03
CA SER A 248 35.20 -18.92 24.06
C SER A 248 35.58 -20.25 23.42
N TYR A 249 35.28 -20.41 22.13
CA TYR A 249 35.44 -21.68 21.43
C TYR A 249 34.69 -22.80 22.14
N MET A 250 33.47 -22.52 22.50
CA MET A 250 32.66 -23.53 23.13
C MET A 250 31.41 -23.49 22.29
N HIS A 251 30.78 -24.62 22.06
CA HIS A 251 29.51 -24.62 21.35
C HIS A 251 28.43 -23.96 22.22
N SER A 252 27.53 -23.22 21.57
CA SER A 252 26.46 -22.60 22.32
C SER A 252 25.28 -22.51 21.34
N GLU A 253 24.07 -22.52 21.88
CA GLU A 253 22.87 -22.36 21.08
C GLU A 253 21.91 -21.47 21.86
N GLY A 254 21.30 -20.49 21.16
CA GLY A 254 20.24 -19.68 21.77
C GLY A 254 18.94 -20.40 21.41
N VAL A 255 18.17 -20.75 22.43
CA VAL A 255 16.95 -21.53 22.26
C VAL A 255 15.74 -20.67 22.61
N LEU A 256 14.67 -20.80 21.83
CA LEU A 256 13.42 -20.16 22.20
C LEU A 256 12.77 -20.92 23.36
N ALA A 257 12.71 -20.29 24.52
CA ALA A 257 12.44 -21.01 25.76
C ALA A 257 11.10 -21.66 25.79
N GLY A 258 11.09 -22.98 26.01
CA GLY A 258 9.86 -23.72 26.27
C GLY A 258 9.06 -23.90 25.00
N GLU A 259 9.70 -23.72 23.85
CA GLU A 259 8.97 -23.89 22.59
C GLU A 259 8.78 -25.39 22.34
N LEU A 260 9.85 -26.16 22.50
CA LEU A 260 9.74 -27.61 22.37
C LEU A 260 9.10 -28.28 23.59
N LEU A 272 25.11 -30.30 31.16
CA LEU A 272 24.90 -29.19 30.21
C LEU A 272 24.56 -27.89 30.94
N PRO A 273 25.46 -26.89 30.89
CA PRO A 273 25.15 -25.63 31.53
C PRO A 273 24.04 -24.93 30.73
N ILE A 274 23.16 -24.23 31.46
CA ILE A 274 22.02 -23.49 30.87
C ILE A 274 22.01 -22.09 31.47
N ILE A 275 21.97 -21.08 30.61
CA ILE A 275 21.70 -19.71 31.08
C ILE A 275 20.26 -19.38 30.66
N ALA A 276 19.46 -18.85 31.56
CA ALA A 276 18.08 -18.48 31.22
C ALA A 276 17.90 -16.98 31.45
N PHE A 277 17.29 -16.28 30.48
CA PHE A 277 16.93 -14.87 30.70
C PHE A 277 15.55 -14.82 31.31
N ALA A 278 15.46 -14.25 32.52
CA ALA A 278 14.19 -14.25 33.25
C ALA A 278 13.90 -12.86 33.79
N THR A 279 14.45 -11.83 33.13
CA THR A 279 14.07 -10.46 33.45
C THR A 279 12.57 -10.25 33.15
N ARG A 280 11.95 -9.25 33.82
CA ARG A 280 10.51 -9.12 33.82
C ARG A 280 9.89 -8.82 32.44
N ASP A 281 10.67 -8.19 31.56
CA ASP A 281 10.18 -7.89 30.19
C ASP A 281 9.89 -9.15 29.39
N SER A 282 10.58 -10.24 29.74
CA SER A 282 10.47 -11.48 28.99
C SER A 282 10.22 -12.71 29.86
N LEU A 283 9.51 -12.51 30.97
CA LEU A 283 9.22 -13.60 31.92
C LEU A 283 7.90 -14.29 31.61
N PHE A 284 7.86 -15.00 30.49
CA PHE A 284 6.64 -15.66 30.01
C PHE A 284 6.38 -16.96 30.75
N PRO A 285 5.11 -17.41 30.76
CA PRO A 285 4.83 -18.78 31.23
C PRO A 285 5.79 -19.82 30.64
N LYS A 286 6.00 -19.81 29.33
CA LYS A 286 6.87 -20.80 28.71
C LYS A 286 8.29 -20.73 29.22
N VAL A 287 8.76 -19.53 29.62
CA VAL A 287 10.12 -19.39 30.20
C VAL A 287 10.16 -20.11 31.56
N MET A 288 9.18 -19.83 32.41
CA MET A 288 9.05 -20.49 33.72
C MET A 288 8.94 -22.01 33.59
N SER A 289 8.17 -22.48 32.61
CA SER A 289 8.10 -23.93 32.33
C SER A 289 9.43 -24.56 31.98
N ALA A 290 10.15 -23.95 31.03
CA ALA A 290 11.49 -24.38 30.67
C ALA A 290 12.38 -24.43 31.88
N ILE A 291 12.31 -23.40 32.72
CA ILE A 291 13.19 -23.34 33.90
C ILE A 291 12.80 -24.50 34.85
N GLU A 292 11.50 -24.73 35.05
CA GLU A 292 11.03 -25.83 35.91
C GLU A 292 11.49 -27.18 35.36
N GLN A 293 11.45 -27.37 34.04
CA GLN A 293 11.95 -28.60 33.43
C GLN A 293 13.39 -28.87 33.82
N VAL A 294 14.20 -27.82 33.84
CA VAL A 294 15.61 -27.91 34.14
C VAL A 294 15.82 -28.22 35.61
N THR A 295 15.11 -27.51 36.49
CA THR A 295 15.30 -27.77 37.92
C THR A 295 14.69 -29.12 38.35
N ALA A 296 13.68 -29.60 37.61
CA ALA A 296 13.03 -30.90 37.91
C ALA A 296 14.02 -32.05 37.77
N ARG A 297 14.99 -31.89 36.85
CA ARG A 297 16.06 -32.85 36.69
C ARG A 297 17.35 -32.33 37.34
N ASP A 298 17.15 -31.42 38.29
CA ASP A 298 18.22 -30.81 39.05
CA ASP A 298 18.24 -30.75 39.05
C ASP A 298 19.42 -30.29 38.18
N GLY A 299 19.08 -29.58 37.10
CA GLY A 299 20.09 -29.03 36.19
C GLY A 299 20.87 -27.78 36.56
N ARG A 300 20.56 -27.11 37.68
CA ARG A 300 21.44 -25.93 38.14
C ARG A 300 21.64 -24.74 37.15
N PRO A 301 20.53 -24.12 36.74
CA PRO A 301 20.59 -23.03 35.74
C PRO A 301 21.26 -21.76 36.27
N ILE A 302 21.90 -21.02 35.38
CA ILE A 302 22.37 -19.70 35.67
C ILE A 302 21.23 -18.76 35.23
N VAL A 303 20.70 -17.96 36.15
CA VAL A 303 19.53 -17.14 35.84
C VAL A 303 19.93 -15.66 35.82
N ILE A 304 19.64 -14.99 34.70
CA ILE A 304 19.75 -13.55 34.60
C ILE A 304 18.38 -12.96 34.85
N CYS A 305 18.25 -12.19 35.92
CA CYS A 305 16.94 -11.70 36.32
C CYS A 305 17.09 -10.30 36.90
N ASN A 306 15.98 -9.64 37.18
CA ASN A 306 16.08 -8.30 37.71
C ASN A 306 16.44 -8.35 39.20
N GLU A 307 17.27 -7.41 39.63
CA GLU A 307 17.56 -7.18 41.06
C GLU A 307 16.36 -7.42 41.97
N GLY A 308 16.57 -8.33 42.93
CA GLY A 308 15.58 -8.65 43.92
C GLY A 308 14.61 -9.77 43.60
N ASP A 309 14.56 -10.20 42.34
CA ASP A 309 13.60 -11.22 41.94
C ASP A 309 14.11 -12.61 42.28
N ALA A 310 13.21 -13.46 42.77
CA ALA A 310 13.52 -14.86 43.08
C ALA A 310 12.77 -15.73 42.08
N ILE A 311 13.51 -16.23 41.11
CA ILE A 311 12.92 -16.95 39.97
C ILE A 311 12.86 -18.45 40.26
N ILE A 312 13.93 -18.92 40.93
CA ILE A 312 14.48 -20.30 40.87
C ILE A 312 14.71 -20.88 39.44
N VAL A 317 19.07 -25.55 43.57
CA VAL A 317 20.44 -25.04 43.34
C VAL A 317 20.46 -24.36 41.97
N HIS A 318 20.98 -23.14 41.96
CA HIS A 318 21.06 -22.29 40.77
C HIS A 318 22.00 -21.15 41.06
N THR A 319 22.45 -20.47 40.02
CA THR A 319 23.28 -19.25 40.14
C THR A 319 22.41 -18.10 39.63
N THR A 320 22.49 -16.94 40.27
CA THR A 320 21.67 -15.79 39.90
C THR A 320 22.59 -14.67 39.52
N LEU A 321 22.32 -14.01 38.39
CA LEU A 321 23.05 -12.83 38.00
C LEU A 321 22.03 -11.72 37.90
N GLU A 322 22.06 -10.81 38.86
CA GLU A 322 21.02 -9.77 38.91
C GLU A 322 21.39 -8.52 38.12
N VAL A 323 20.44 -8.03 37.32
CA VAL A 323 20.69 -6.81 36.55
C VAL A 323 19.61 -5.78 36.86
N PRO A 324 19.94 -4.49 36.71
CA PRO A 324 18.89 -3.49 37.00
C PRO A 324 17.68 -3.59 36.06
N GLU A 325 16.50 -3.17 36.52
CA GLU A 325 15.31 -3.21 35.69
C GLU A 325 15.27 -1.92 34.88
N THR A 326 15.07 -2.04 33.58
CA THR A 326 14.98 -0.85 32.74
C THR A 326 13.64 -0.98 31.99
N VAL A 327 13.37 -0.09 31.06
CA VAL A 327 12.19 -0.24 30.22
C VAL A 327 12.26 -1.57 29.43
N ASP A 328 11.13 -2.28 29.29
CA ASP A 328 11.13 -3.59 28.65
C ASP A 328 11.99 -3.70 27.38
N CYS A 329 11.81 -2.76 26.45
CA CYS A 329 12.49 -2.86 25.14
C CYS A 329 13.98 -2.44 25.22
N LEU A 330 14.45 -1.93 26.38
CA LEU A 330 15.86 -1.59 26.60
C LEU A 330 16.58 -2.66 27.45
N GLN A 331 15.85 -3.62 27.97
CA GLN A 331 16.42 -4.61 28.92
C GLN A 331 17.57 -5.38 28.27
N GLY A 332 17.43 -5.66 26.97
CA GLY A 332 18.49 -6.32 26.20
C GLY A 332 19.87 -5.69 26.27
N LEU A 333 19.90 -4.35 26.44
CA LEU A 333 21.13 -3.61 26.49
C LEU A 333 21.92 -3.99 27.75
N LEU A 334 21.18 -4.25 28.83
CA LEU A 334 21.83 -4.64 30.11
C LEU A 334 22.07 -6.14 30.15
N ASN A 335 21.13 -6.94 29.65
CA ASN A 335 21.26 -8.38 29.71
C ASN A 335 22.40 -8.96 28.89
N VAL A 336 22.80 -8.24 27.85
CA VAL A 336 23.85 -8.77 26.99
C VAL A 336 25.21 -8.67 27.70
N ILE A 337 25.33 -7.76 28.65
CA ILE A 337 26.65 -7.44 29.22
C ILE A 337 27.23 -8.65 30.00
N PRO A 338 26.43 -9.32 30.85
CA PRO A 338 27.05 -10.48 31.52
C PRO A 338 27.42 -11.54 30.51
N LEU A 339 26.70 -11.67 29.40
CA LEU A 339 27.13 -12.61 28.34
C LEU A 339 28.45 -12.26 27.70
N GLN A 340 28.68 -10.98 27.42
CA GLN A 340 29.96 -10.55 26.91
C GLN A 340 31.09 -10.91 27.92
N LEU A 341 30.86 -10.63 29.19
CA LEU A 341 31.85 -10.97 30.29
C LEU A 341 32.07 -12.46 30.46
N ILE A 342 30.99 -13.24 30.46
CA ILE A 342 31.10 -14.70 30.48
C ILE A 342 31.92 -15.18 29.27
N SER A 343 31.59 -14.73 28.04
CA SER A 343 32.37 -15.19 26.89
C SER A 343 33.86 -14.83 27.07
N TYR A 344 34.14 -13.62 27.53
CA TYR A 344 35.51 -13.14 27.65
C TYR A 344 36.26 -13.99 28.70
N TRP A 345 35.70 -14.15 29.89
CA TRP A 345 36.41 -14.95 30.95
C TRP A 345 36.47 -16.45 30.73
N LEU A 346 35.45 -17.02 30.06
CA LEU A 346 35.57 -18.40 29.63
C LEU A 346 36.78 -18.55 28.71
N ALA A 347 36.98 -17.60 27.79
CA ALA A 347 38.14 -17.61 26.91
C ALA A 347 39.43 -17.57 27.70
N VAL A 348 39.57 -16.59 28.59
CA VAL A 348 40.78 -16.45 29.42
C VAL A 348 41.07 -17.73 30.25
N ASN A 349 40.04 -18.25 30.90
CA ASN A 349 40.18 -19.48 31.64
C ASN A 349 40.62 -20.65 30.78
N ARG A 350 40.24 -20.63 29.50
CA ARG A 350 40.58 -21.70 28.56
C ARG A 350 41.88 -21.38 27.81
N GLY A 351 42.59 -20.34 28.24
CA GLY A 351 43.87 -19.94 27.66
C GLY A 351 43.84 -19.38 26.25
N ILE A 352 42.71 -18.78 25.86
CA ILE A 352 42.56 -18.22 24.52
C ILE A 352 42.87 -16.72 24.53
N ASP A 353 43.72 -16.27 23.62
CA ASP A 353 43.90 -14.82 23.43
C ASP A 353 42.75 -14.22 22.59
N VAL A 354 41.82 -13.53 23.25
CA VAL A 354 40.62 -12.99 22.60
C VAL A 354 40.88 -11.88 21.58
N ASP A 355 42.13 -11.43 21.52
CA ASP A 355 42.52 -10.30 20.65
C ASP A 355 43.28 -10.77 19.40
N PRO B 4 1.46 -54.22 8.09
CA PRO B 4 2.84 -54.71 7.97
C PRO B 4 3.86 -53.69 8.47
N TYR B 5 3.38 -52.62 9.08
CA TYR B 5 4.27 -51.59 9.60
C TYR B 5 4.41 -51.71 11.11
N LYS B 6 5.63 -51.49 11.60
CA LYS B 6 5.91 -51.57 13.03
C LYS B 6 5.27 -50.41 13.81
N HIS B 7 5.10 -49.25 13.17
CA HIS B 7 4.54 -48.09 13.86
C HIS B 7 3.75 -47.23 12.89
N PHE B 8 2.81 -46.46 13.40
CA PHE B 8 2.07 -45.50 12.57
C PHE B 8 3.03 -44.54 11.87
N MET B 9 4.08 -44.12 12.57
CA MET B 9 5.06 -43.22 11.96
C MET B 9 5.70 -43.85 10.72
N GLN B 10 6.18 -45.09 10.85
CA GLN B 10 6.71 -45.80 9.68
C GLN B 10 5.72 -45.87 8.54
N LYS B 11 4.48 -46.22 8.86
CA LYS B 11 3.43 -46.33 7.86
C LYS B 11 3.19 -44.99 7.16
N GLU B 12 3.16 -43.93 7.97
CA GLU B 12 2.89 -42.58 7.48
C GLU B 12 4.01 -42.06 6.57
N ILE B 13 5.25 -42.40 6.90
CA ILE B 13 6.38 -42.08 6.00
C ILE B 13 6.22 -42.77 4.63
N PHE B 14 5.92 -44.06 4.68
CA PHE B 14 5.81 -44.84 3.46
C PHE B 14 4.53 -44.57 2.69
N GLU B 15 3.58 -43.90 3.33
CA GLU B 15 2.32 -43.49 2.70
C GLU B 15 2.50 -42.22 1.85
N GLN B 16 3.66 -41.54 1.93
CA GLN B 16 3.82 -40.25 1.25
C GLN B 16 3.58 -40.20 -0.29
N PRO B 17 3.92 -41.28 -1.03
CA PRO B 17 3.60 -41.19 -2.47
C PRO B 17 2.11 -41.00 -2.67
N ASP B 18 1.33 -41.69 -1.84
CA ASP B 18 -0.12 -41.65 -1.87
C ASP B 18 -0.63 -40.33 -1.28
N SER B 19 -0.08 -39.89 -0.17
CA SER B 19 -0.56 -38.61 0.37
C SER B 19 -0.18 -37.44 -0.53
N ALA B 20 1.01 -37.46 -1.13
CA ALA B 20 1.39 -36.35 -2.04
C ALA B 20 0.42 -36.31 -3.23
N PHE B 21 0.10 -37.49 -3.76
CA PHE B 21 -0.91 -37.62 -4.83
C PHE B 21 -2.28 -37.12 -4.37
N ASN B 22 -2.71 -37.55 -3.19
CA ASN B 22 -4.02 -37.19 -2.66
C ASN B 22 -4.20 -35.69 -2.47
N THR B 23 -3.14 -35.02 -2.01
CA THR B 23 -3.19 -33.56 -1.82
C THR B 23 -3.44 -32.86 -3.17
N MET B 24 -2.83 -33.38 -4.23
CA MET B 24 -2.97 -32.77 -5.56
C MET B 24 -4.23 -33.22 -6.29
N ARG B 25 -4.83 -34.30 -5.82
CA ARG B 25 -5.92 -34.93 -6.58
C ARG B 25 -7.09 -33.96 -6.83
N GLY B 26 -7.51 -33.84 -8.08
CA GLY B 26 -8.63 -32.99 -8.43
C GLY B 26 -8.31 -31.50 -8.40
N ARG B 27 -7.05 -31.15 -8.10
CA ARG B 27 -6.59 -29.77 -8.01
C ARG B 27 -5.59 -29.37 -9.10
N ILE B 28 -4.91 -30.33 -9.70
CA ILE B 28 -3.93 -30.00 -10.76
C ILE B 28 -4.33 -30.71 -12.04
N ASP B 29 -4.53 -29.93 -13.10
CA ASP B 29 -4.61 -30.45 -14.46
C ASP B 29 -3.18 -30.48 -14.97
N PHE B 30 -2.57 -31.67 -15.01
CA PHE B 30 -1.16 -31.74 -15.41
C PHE B 30 -0.95 -31.53 -16.93
N GLU B 31 -1.97 -31.87 -17.73
CA GLU B 31 -1.96 -31.69 -19.20
C GLU B 31 -1.98 -30.23 -19.62
N ASN B 32 -2.89 -29.45 -19.03
CA ASN B 32 -3.04 -28.05 -19.35
C ASN B 32 -2.37 -27.10 -18.36
N CYS B 33 -1.70 -27.67 -17.34
CA CYS B 33 -0.99 -26.93 -16.29
C CYS B 33 -1.87 -25.90 -15.60
N VAL B 34 -2.96 -26.36 -15.01
CA VAL B 34 -3.88 -25.46 -14.31
C VAL B 34 -4.02 -25.96 -12.89
N VAL B 35 -3.86 -25.08 -11.92
CA VAL B 35 -4.19 -25.41 -10.53
C VAL B 35 -5.53 -24.81 -10.14
N THR B 36 -6.41 -25.61 -9.57
CA THR B 36 -7.69 -25.13 -9.10
C THR B 36 -7.90 -25.54 -7.67
N LEU B 37 -7.88 -24.57 -6.76
CA LEU B 37 -8.20 -24.83 -5.35
C LEU B 37 -9.60 -24.33 -4.99
N GLY B 38 -10.58 -25.24 -4.90
CA GLY B 38 -11.98 -24.87 -4.77
C GLY B 38 -12.21 -24.05 -3.54
N GLY B 39 -11.52 -24.41 -2.45
CA GLY B 39 -11.63 -23.68 -1.19
C GLY B 39 -11.28 -22.20 -1.28
N LEU B 40 -10.48 -21.81 -2.29
CA LEU B 40 -9.98 -20.45 -2.40
C LEU B 40 -10.40 -19.71 -3.66
N LYS B 41 -10.79 -20.47 -4.67
CA LYS B 41 -11.06 -19.90 -6.02
C LYS B 41 -11.59 -18.45 -6.03
N SER B 42 -12.74 -18.22 -5.39
CA SER B 42 -13.38 -16.91 -5.47
C SER B 42 -12.78 -15.88 -4.50
N TRP B 43 -11.75 -16.30 -3.76
CA TRP B 43 -11.12 -15.41 -2.78
C TRP B 43 -9.78 -14.90 -3.27
N LEU B 44 -9.29 -15.45 -4.39
CA LEU B 44 -7.91 -15.15 -4.88
C LEU B 44 -7.63 -13.69 -5.18
N SER B 45 -8.57 -13.02 -5.87
CA SER B 45 -8.43 -11.58 -6.18
C SER B 45 -8.32 -10.79 -4.90
N THR B 46 -9.09 -11.19 -3.88
CA THR B 46 -9.05 -10.54 -2.53
C THR B 46 -7.77 -10.85 -1.75
N ILE B 47 -7.34 -12.12 -1.78
CA ILE B 47 -6.09 -12.50 -1.11
C ILE B 47 -4.89 -11.71 -1.65
N ARG B 48 -4.74 -11.66 -2.96
CA ARG B 48 -3.70 -10.82 -3.61
C ARG B 48 -3.71 -9.36 -3.14
N ARG B 49 -4.89 -8.77 -2.97
CA ARG B 49 -5.00 -7.33 -2.69
C ARG B 49 -4.64 -7.03 -1.22
N CYS B 50 -3.36 -7.23 -0.89
CA CYS B 50 -2.90 -7.05 0.48
C CYS B 50 -1.56 -6.38 0.48
N ARG B 51 -1.23 -5.75 1.61
CA ARG B 51 0.05 -5.13 1.84
C ARG B 51 1.09 -6.23 1.85
N ARG B 52 0.75 -7.37 2.48
CA ARG B 52 1.72 -8.45 2.70
C ARG B 52 1.03 -9.74 3.18
N ILE B 53 1.74 -10.86 3.07
CA ILE B 53 1.23 -12.15 3.50
C ILE B 53 2.02 -12.49 4.78
N ILE B 54 1.34 -12.96 5.83
CA ILE B 54 2.03 -13.40 7.03
C ILE B 54 1.71 -14.88 7.18
N MET B 55 2.72 -15.75 7.10
CA MET B 55 2.48 -17.18 7.37
C MET B 55 2.70 -17.43 8.82
N ILE B 56 1.73 -18.04 9.47
CA ILE B 56 1.81 -18.21 10.94
C ILE B 56 1.58 -19.68 11.31
N ALA B 57 2.48 -20.30 12.08
CA ALA B 57 2.37 -21.73 12.36
C ALA B 57 3.33 -22.12 13.49
N CYS B 58 3.23 -23.39 13.94
CA CYS B 58 4.07 -23.92 14.99
C CYS B 58 4.80 -25.17 14.46
N GLY B 59 5.96 -25.47 15.04
CA GLY B 59 6.74 -26.72 14.80
C GLY B 59 6.95 -27.03 13.34
N THR B 60 6.58 -28.25 12.94
CA THR B 60 6.86 -28.69 11.58
C THR B 60 6.02 -27.90 10.55
N SER B 61 4.83 -27.47 10.96
CA SER B 61 4.00 -26.62 10.08
C SER B 61 4.70 -25.25 9.78
N TYR B 62 5.43 -24.76 10.76
CA TYR B 62 6.24 -23.53 10.63
C TYR B 62 7.36 -23.85 9.66
N HIS B 63 7.95 -25.04 9.76
CA HIS B 63 8.96 -25.39 8.76
C HIS B 63 8.42 -25.47 7.31
N SER B 64 7.19 -25.97 7.14
CA SER B 64 6.62 -26.02 5.78
C SER B 64 6.48 -24.59 5.24
N CYS B 65 6.26 -23.61 6.13
CA CYS B 65 6.19 -22.20 5.67
C CYS B 65 7.57 -21.68 5.24
N LEU B 66 8.58 -21.91 6.07
CA LEU B 66 9.95 -21.56 5.67
C LEU B 66 10.35 -22.20 4.37
N ALA B 67 9.96 -23.47 4.19
CA ALA B 67 10.31 -24.26 2.97
C ALA B 67 9.70 -23.71 1.66
N THR B 68 8.62 -22.93 1.78
CA THR B 68 7.88 -22.41 0.61
C THR B 68 7.85 -20.88 0.54
N ARG B 69 8.45 -20.22 1.54
CA ARG B 69 8.46 -18.74 1.52
C ARG B 69 9.04 -18.18 0.17
N SER B 70 10.17 -18.73 -0.25
CA SER B 70 10.89 -18.23 -1.41
C SER B 70 10.03 -18.33 -2.66
N ILE B 71 9.39 -19.48 -2.85
CA ILE B 71 8.53 -19.61 -4.04
C ILE B 71 7.31 -18.66 -3.96
N PHE B 72 6.73 -18.46 -2.78
CA PHE B 72 5.63 -17.46 -2.67
C PHE B 72 6.10 -16.08 -3.09
N GLU B 73 7.27 -15.67 -2.56
CA GLU B 73 7.88 -14.39 -2.92
C GLU B 73 8.17 -14.32 -4.40
N GLU B 74 8.80 -15.37 -4.93
CA GLU B 74 9.15 -15.36 -6.34
C GLU B 74 7.95 -15.23 -7.26
N LEU B 75 6.94 -16.06 -7.03
CA LEU B 75 5.81 -16.14 -7.94
C LEU B 75 4.89 -14.95 -7.79
N THR B 76 4.78 -14.41 -6.57
CA THR B 76 3.76 -13.36 -6.37
C THR B 76 4.28 -11.95 -6.26
N GLU B 77 5.54 -11.74 -5.94
CA GLU B 77 6.05 -10.39 -5.62
C GLU B 77 5.27 -9.65 -4.52
N ILE B 78 4.61 -10.42 -3.65
CA ILE B 78 3.98 -9.85 -2.47
C ILE B 78 4.96 -10.13 -1.35
N PRO B 79 5.21 -9.15 -0.44
CA PRO B 79 6.02 -9.48 0.73
C PRO B 79 5.46 -10.68 1.53
N VAL B 80 6.33 -11.62 1.91
CA VAL B 80 5.91 -12.79 2.71
C VAL B 80 6.78 -12.88 3.94
N SER B 81 6.17 -12.90 5.12
CA SER B 81 6.97 -13.19 6.27
C SER B 81 6.45 -14.46 6.95
N VAL B 82 7.32 -15.13 7.67
CA VAL B 82 6.95 -16.38 8.30
C VAL B 82 7.14 -16.20 9.80
N GLU B 83 6.07 -16.46 10.55
CA GLU B 83 6.11 -16.24 11.97
C GLU B 83 5.86 -17.55 12.70
N LEU B 84 6.58 -17.75 13.78
CA LEU B 84 6.26 -18.79 14.74
C LEU B 84 5.13 -18.24 15.61
N ALA B 85 4.02 -18.96 15.69
CA ALA B 85 2.81 -18.48 16.34
C ALA B 85 3.03 -17.92 17.75
N SER B 86 3.83 -18.60 18.57
CA SER B 86 4.04 -18.19 19.95
C SER B 86 4.84 -16.90 20.00
N ASP B 87 5.88 -16.82 19.16
CA ASP B 87 6.67 -15.60 19.08
C ASP B 87 5.89 -14.38 18.52
N PHE B 88 5.07 -14.60 17.50
CA PHE B 88 4.15 -13.59 16.98
C PHE B 88 3.33 -13.01 18.14
N LEU B 89 2.76 -13.90 18.97
CA LEU B 89 1.97 -13.48 20.14
C LEU B 89 2.84 -12.75 21.18
N ASP B 90 4.00 -13.32 21.52
CA ASP B 90 4.92 -12.67 22.44
C ASP B 90 5.27 -11.21 22.04
N ARG B 91 5.56 -10.97 20.76
CA ARG B 91 5.86 -9.60 20.27
C ARG B 91 4.64 -8.70 20.12
N ARG B 92 3.45 -9.25 20.30
CA ARG B 92 2.22 -8.51 20.01
C ARG B 92 2.40 -7.79 18.67
N SER B 93 2.84 -8.54 17.65
CA SER B 93 3.07 -7.97 16.34
C SER B 93 1.81 -7.35 15.75
N PRO B 94 1.87 -6.05 15.38
CA PRO B 94 0.67 -5.38 14.85
C PRO B 94 0.15 -6.02 13.57
N VAL B 95 -1.16 -6.23 13.51
CA VAL B 95 -1.82 -6.83 12.37
C VAL B 95 -2.98 -5.92 12.01
N PHE B 96 -3.26 -5.81 10.72
CA PHE B 96 -4.28 -4.87 10.21
C PHE B 96 -5.10 -5.45 9.06
N ARG B 97 -6.14 -4.68 8.65
CA ARG B 97 -7.08 -5.15 7.64
CA ARG B 97 -7.08 -5.07 7.62
C ARG B 97 -6.40 -5.48 6.33
N ASP B 98 -5.26 -4.83 6.03
CA ASP B 98 -4.54 -5.03 4.75
C ASP B 98 -3.57 -6.21 4.73
N ASP B 99 -3.62 -7.04 5.77
CA ASP B 99 -2.70 -8.21 5.90
C ASP B 99 -3.48 -9.45 5.50
N THR B 100 -2.82 -10.35 4.76
CA THR B 100 -3.37 -11.69 4.54
C THR B 100 -2.59 -12.65 5.45
N CYS B 101 -3.28 -13.31 6.37
CA CYS B 101 -2.64 -14.14 7.39
C CYS B 101 -2.90 -15.60 7.04
N VAL B 102 -1.84 -16.37 6.82
CA VAL B 102 -1.97 -17.76 6.35
C VAL B 102 -1.56 -18.73 7.49
N PHE B 103 -2.51 -19.55 7.96
CA PHE B 103 -2.27 -20.43 9.13
C PHE B 103 -2.12 -21.83 8.65
N VAL B 104 -0.98 -22.43 8.97
CA VAL B 104 -0.73 -23.79 8.51
C VAL B 104 -0.78 -24.67 9.73
N SER B 105 -1.60 -25.73 9.69
CA SER B 105 -1.70 -26.58 10.87
C SER B 105 -2.20 -27.96 10.47
N GLN B 106 -1.52 -29.00 10.96
CA GLN B 106 -1.92 -30.40 10.70
C GLN B 106 -3.24 -30.64 11.47
N SER B 107 -3.20 -30.47 12.79
CA SER B 107 -4.36 -30.78 13.64
C SER B 107 -5.46 -29.75 13.56
N GLY B 108 -5.10 -28.50 13.25
CA GLY B 108 -6.10 -27.44 13.32
C GLY B 108 -6.54 -27.09 14.75
N GLU B 109 -5.81 -27.58 15.76
CA GLU B 109 -6.20 -27.37 17.13
C GLU B 109 -5.10 -26.85 18.06
N THR B 110 -3.92 -26.54 17.53
CA THR B 110 -2.78 -26.16 18.38
C THR B 110 -3.11 -24.83 19.05
N ALA B 111 -2.91 -24.75 20.37
CA ALA B 111 -3.37 -23.57 21.12
C ALA B 111 -2.77 -22.27 20.59
N ASP B 112 -1.45 -22.26 20.36
CA ASP B 112 -0.79 -21.00 19.96
C ASP B 112 -1.28 -20.58 18.59
N SER B 113 -1.54 -21.54 17.70
CA SER B 113 -2.08 -21.19 16.38
C SER B 113 -3.48 -20.62 16.49
N ILE B 114 -4.30 -21.20 17.38
CA ILE B 114 -5.68 -20.70 17.52
CA ILE B 114 -5.68 -20.71 17.54
C ILE B 114 -5.67 -19.28 18.13
N LEU B 115 -4.80 -19.06 19.11
CA LEU B 115 -4.72 -17.71 19.73
C LEU B 115 -4.26 -16.66 18.73
N ALA B 116 -3.29 -17.02 17.89
CA ALA B 116 -2.77 -16.10 16.86
C ALA B 116 -3.86 -15.78 15.86
N LEU B 117 -4.64 -16.80 15.46
CA LEU B 117 -5.81 -16.61 14.57
C LEU B 117 -6.83 -15.61 15.12
N GLN B 118 -7.20 -15.78 16.38
CA GLN B 118 -8.20 -14.88 17.02
C GLN B 118 -7.68 -13.45 17.05
N TYR B 119 -6.42 -13.30 17.40
CA TYR B 119 -5.69 -12.02 17.35
C TYR B 119 -5.82 -11.38 15.97
N CYS B 120 -5.50 -12.14 14.90
CA CYS B 120 -5.63 -11.62 13.52
C CYS B 120 -7.11 -11.35 13.11
N LEU B 121 -8.02 -12.25 13.49
CA LEU B 121 -9.42 -12.06 13.14
C LEU B 121 -9.98 -10.77 13.72
N GLU B 122 -9.76 -10.52 15.00
CA GLU B 122 -10.29 -9.35 15.68
C GLU B 122 -9.64 -8.05 15.18
N ARG B 123 -8.51 -8.16 14.49
CA ARG B 123 -7.85 -6.98 13.94
C ARG B 123 -8.24 -6.73 12.53
N GLY B 124 -9.16 -7.56 12.01
CA GLY B 124 -9.72 -7.36 10.68
C GLY B 124 -8.96 -7.87 9.47
N ALA B 125 -7.89 -8.64 9.71
CA ALA B 125 -7.13 -9.28 8.65
C ALA B 125 -7.91 -10.41 7.98
N LEU B 126 -7.63 -10.61 6.69
CA LEU B 126 -8.15 -11.76 5.97
C LEU B 126 -7.33 -12.96 6.42
N THR B 127 -8.00 -14.06 6.69
CA THR B 127 -7.28 -15.25 7.17
C THR B 127 -7.51 -16.46 6.29
N VAL B 128 -6.49 -17.32 6.15
CA VAL B 128 -6.56 -18.42 5.20
C VAL B 128 -5.97 -19.64 5.90
N GLY B 129 -6.67 -20.78 5.91
CA GLY B 129 -6.08 -21.94 6.61
C GLY B 129 -5.52 -22.95 5.63
N ILE B 130 -4.40 -23.60 5.99
CA ILE B 130 -3.89 -24.71 5.23
C ILE B 130 -3.87 -25.84 6.27
N VAL B 131 -4.90 -26.68 6.27
CA VAL B 131 -5.23 -27.52 7.44
C VAL B 131 -5.48 -28.98 6.97
N ASN B 132 -5.03 -29.95 7.74
CA ASN B 132 -5.32 -31.36 7.42
C ASN B 132 -6.61 -31.85 8.04
N SER B 133 -6.79 -31.58 9.33
CA SER B 133 -8.01 -32.04 9.99
C SER B 133 -9.28 -31.25 9.58
N VAL B 134 -10.16 -31.88 8.79
CA VAL B 134 -11.34 -31.21 8.21
C VAL B 134 -12.31 -30.75 9.30
N GLY B 135 -12.71 -29.49 9.26
CA GLY B 135 -13.69 -28.97 10.24
C GLY B 135 -13.12 -28.80 11.63
N SER B 136 -11.79 -28.84 11.76
CA SER B 136 -11.14 -28.53 13.02
C SER B 136 -11.28 -27.02 13.29
N SER B 137 -10.87 -26.58 14.46
CA SER B 137 -11.04 -25.16 14.85
C SER B 137 -10.42 -24.19 13.86
N MET B 138 -9.18 -24.47 13.43
CA MET B 138 -8.52 -23.59 12.48
C MET B 138 -9.24 -23.57 11.14
N SER B 139 -9.73 -24.74 10.72
CA SER B 139 -10.48 -24.82 9.46
C SER B 139 -11.78 -24.00 9.52
N ARG B 140 -12.53 -24.18 10.60
CA ARG B 140 -13.81 -23.45 10.77
C ARG B 140 -13.58 -21.94 10.80
N GLN B 141 -12.57 -21.52 11.56
CA GLN B 141 -12.41 -20.10 11.95
C GLN B 141 -11.70 -19.25 10.92
N THR B 142 -10.92 -19.87 10.04
CA THR B 142 -10.31 -19.09 8.96
C THR B 142 -11.39 -18.70 7.94
N HIS B 143 -11.21 -17.60 7.21
CA HIS B 143 -12.19 -17.15 6.19
C HIS B 143 -12.34 -18.15 5.05
N CYS B 144 -11.20 -18.65 4.59
CA CYS B 144 -11.19 -19.65 3.55
C CYS B 144 -9.91 -20.47 3.74
N GLY B 145 -9.71 -21.47 2.88
CA GLY B 145 -8.51 -22.30 2.99
C GLY B 145 -8.55 -23.54 2.11
N VAL B 146 -7.55 -24.39 2.34
CA VAL B 146 -7.34 -25.63 1.59
C VAL B 146 -7.18 -26.71 2.63
N HIS B 147 -8.04 -27.73 2.58
CA HIS B 147 -7.80 -28.97 3.28
C HIS B 147 -6.80 -29.82 2.51
N ILE B 148 -5.70 -30.16 3.16
CA ILE B 148 -4.59 -30.77 2.44
C ILE B 148 -4.82 -32.23 2.06
N ASN B 149 -5.76 -32.91 2.70
CA ASN B 149 -6.14 -34.27 2.27
C ASN B 149 -5.02 -35.34 2.36
N ALA B 150 -4.19 -35.24 3.39
CA ALA B 150 -3.13 -36.21 3.65
C ALA B 150 -3.67 -37.46 4.36
N GLY B 151 -4.87 -37.38 4.92
CA GLY B 151 -5.42 -38.45 5.74
C GLY B 151 -4.97 -38.28 7.17
N PRO B 152 -5.53 -39.09 8.09
CA PRO B 152 -5.16 -38.99 9.51
C PRO B 152 -3.70 -39.24 9.76
N GLU B 153 -3.11 -38.44 10.66
CA GLU B 153 -1.74 -38.65 11.04
C GLU B 153 -1.73 -39.03 12.51
N ILE B 154 -1.25 -40.23 12.82
CA ILE B 154 -1.26 -40.73 14.19
C ILE B 154 0.10 -40.65 14.85
N GLY B 155 1.19 -40.75 14.08
CA GLY B 155 2.53 -40.61 14.65
C GLY B 155 2.59 -39.33 15.46
N VAL B 156 3.50 -39.27 16.40
CA VAL B 156 3.59 -38.08 17.25
C VAL B 156 4.30 -36.97 16.47
N ALA B 157 5.24 -37.36 15.61
CA ALA B 157 5.96 -36.39 14.80
C ALA B 157 5.34 -36.38 13.41
N SER B 158 5.27 -35.19 12.80
CA SER B 158 4.62 -35.05 11.53
C SER B 158 5.55 -35.46 10.37
N THR B 159 5.01 -36.29 9.48
CA THR B 159 5.79 -36.76 8.32
C THR B 159 4.99 -36.41 7.06
N LYS B 160 3.95 -37.19 6.75
CA LYS B 160 3.23 -36.96 5.52
C LYS B 160 2.53 -35.58 5.51
N ALA B 161 2.19 -35.05 6.68
CA ALA B 161 1.48 -33.76 6.70
C ALA B 161 2.43 -32.65 6.32
N TYR B 162 3.72 -32.81 6.64
CA TYR B 162 4.75 -31.88 6.22
C TYR B 162 4.82 -31.86 4.68
N THR B 163 4.92 -33.03 4.05
CA THR B 163 5.12 -32.94 2.60
C THR B 163 3.78 -32.49 1.96
N SER B 164 2.64 -32.90 2.53
CA SER B 164 1.35 -32.50 1.96
C SER B 164 1.09 -30.98 2.14
N GLN B 165 1.49 -30.43 3.31
CA GLN B 165 1.41 -28.96 3.57
C GLN B 165 2.27 -28.17 2.63
N TYR B 166 3.51 -28.61 2.50
CA TYR B 166 4.43 -28.03 1.55
C TYR B 166 3.81 -28.03 0.12
N ILE B 167 3.30 -29.16 -0.34
CA ILE B 167 2.63 -29.20 -1.66
C ILE B 167 1.41 -28.27 -1.76
N ALA B 168 0.57 -28.26 -0.73
CA ALA B 168 -0.59 -27.37 -0.75
C ALA B 168 -0.17 -25.90 -0.82
N LEU B 169 0.91 -25.55 -0.11
CA LEU B 169 1.42 -24.17 -0.12
C LEU B 169 1.97 -23.76 -1.52
N VAL B 170 2.69 -24.68 -2.14
CA VAL B 170 3.14 -24.48 -3.53
C VAL B 170 1.93 -24.28 -4.46
N MET B 171 0.89 -25.10 -4.30
CA MET B 171 -0.30 -24.96 -5.11
C MET B 171 -1.01 -23.60 -4.89
N PHE B 172 -1.06 -23.16 -3.63
CA PHE B 172 -1.58 -21.82 -3.25
C PHE B 172 -0.75 -20.70 -3.92
N ALA B 173 0.58 -20.81 -3.86
CA ALA B 173 1.49 -19.87 -4.57
C ALA B 173 1.26 -19.83 -6.08
N LEU B 174 1.09 -21.01 -6.69
CA LEU B 174 0.73 -21.08 -8.12
C LEU B 174 -0.63 -20.42 -8.41
N SER B 175 -1.60 -20.67 -7.54
CA SER B 175 -2.97 -20.10 -7.74
C SER B 175 -2.93 -18.59 -7.69
N LEU B 176 -2.19 -18.07 -6.72
CA LEU B 176 -2.03 -16.61 -6.59
C LEU B 176 -1.38 -15.92 -7.80
N SER B 177 -0.55 -16.65 -8.54
CA SER B 177 0.25 -16.04 -9.63
C SER B 177 -0.22 -16.58 -11.01
N ASN B 178 -1.45 -17.07 -11.06
CA ASN B 178 -1.93 -17.77 -12.26
C ASN B 178 -2.37 -16.79 -13.36
N ASP B 179 -2.25 -15.49 -13.13
CA ASP B 179 -2.69 -14.52 -14.14
C ASP B 179 -1.53 -13.85 -14.82
N SER B 180 -0.31 -14.29 -14.53
CA SER B 180 0.87 -13.60 -14.99
C SER B 180 1.42 -14.31 -16.21
N ILE B 181 1.48 -13.59 -17.32
CA ILE B 181 2.15 -14.15 -18.52
C ILE B 181 3.63 -14.55 -18.26
N SER B 182 4.40 -13.63 -17.65
CA SER B 182 5.81 -13.83 -17.40
C SER B 182 6.07 -14.99 -16.45
N ARG B 183 5.05 -15.46 -15.75
CA ARG B 183 5.23 -16.61 -14.81
C ARG B 183 4.92 -17.93 -15.41
N LYS B 184 4.39 -17.94 -16.63
CA LYS B 184 3.83 -19.14 -17.22
C LYS B 184 4.83 -20.31 -17.30
N GLY B 185 6.05 -20.01 -17.76
CA GLY B 185 7.09 -21.06 -17.90
C GLY B 185 7.45 -21.65 -16.55
N ARG B 186 7.59 -20.79 -15.54
CA ARG B 186 7.90 -21.22 -14.17
C ARG B 186 6.77 -22.08 -13.60
N HIS B 187 5.51 -21.66 -13.81
CA HIS B 187 4.34 -22.49 -13.45
C HIS B 187 4.35 -23.83 -14.09
N GLU B 188 4.63 -23.85 -15.40
CA GLU B 188 4.66 -25.10 -16.12
C GLU B 188 5.80 -26.01 -15.61
N GLU B 189 6.96 -25.45 -15.39
CA GLU B 189 8.09 -26.22 -14.81
C GLU B 189 7.72 -26.84 -13.46
N ILE B 190 7.09 -26.05 -12.61
CA ILE B 190 6.78 -26.54 -11.24
C ILE B 190 5.71 -27.62 -11.31
N ILE B 191 4.66 -27.35 -12.08
CA ILE B 191 3.54 -28.29 -12.15
C ILE B 191 3.98 -29.64 -12.75
N LYS B 192 4.80 -29.60 -13.77
CA LYS B 192 5.32 -30.86 -14.32
C LYS B 192 6.19 -31.58 -13.30
N GLY B 193 6.95 -30.82 -12.52
CA GLY B 193 7.69 -31.32 -11.36
C GLY B 193 6.83 -32.00 -10.30
N LEU B 194 5.78 -31.31 -9.86
CA LEU B 194 4.79 -31.89 -8.93
C LEU B 194 4.23 -33.21 -9.40
N GLN B 195 3.93 -33.32 -10.70
CA GLN B 195 3.36 -34.58 -11.19
C GLN B 195 4.30 -35.78 -10.92
N LYS B 196 5.61 -35.55 -10.90
CA LYS B 196 6.62 -36.61 -10.71
C LYS B 196 6.94 -36.87 -9.26
N ILE B 197 6.55 -35.94 -8.37
CA ILE B 197 6.92 -36.10 -6.95
C ILE B 197 6.45 -37.42 -6.30
N PRO B 198 5.18 -37.86 -6.50
CA PRO B 198 4.81 -39.10 -5.84
C PRO B 198 5.71 -40.31 -6.21
N GLU B 199 6.03 -40.47 -7.48
CA GLU B 199 6.93 -41.56 -7.89
C GLU B 199 8.36 -41.35 -7.43
N GLN B 200 8.81 -40.09 -7.38
CA GLN B 200 10.13 -39.82 -6.85
C GLN B 200 10.24 -40.08 -5.34
N ILE B 201 9.15 -39.84 -4.59
CA ILE B 201 9.13 -40.17 -3.17
C ILE B 201 9.34 -41.71 -2.99
N LYS B 202 8.64 -42.48 -3.81
CA LYS B 202 8.81 -43.95 -3.83
C LYS B 202 10.27 -44.32 -4.04
N GLN B 203 10.95 -43.63 -4.95
CA GLN B 203 12.40 -43.90 -5.20
C GLN B 203 13.21 -43.60 -3.96
N VAL B 204 12.95 -42.45 -3.34
CA VAL B 204 13.69 -42.06 -2.15
C VAL B 204 13.52 -43.05 -1.01
N LEU B 205 12.33 -43.58 -0.85
CA LEU B 205 12.02 -44.59 0.17
C LEU B 205 12.88 -45.89 0.06
N LYS B 206 13.32 -46.21 -1.15
CA LYS B 206 14.32 -47.28 -1.39
C LYS B 206 15.65 -47.02 -0.67
N LEU B 207 15.82 -45.81 -0.10
CA LEU B 207 17.01 -45.56 0.70
C LEU B 207 16.98 -46.21 2.08
N GLU B 208 15.82 -46.73 2.50
CA GLU B 208 15.68 -47.22 3.87
C GLU B 208 16.75 -48.22 4.33
N ASN B 209 17.09 -49.19 3.49
CA ASN B 209 18.12 -50.15 3.92
C ASN B 209 19.44 -49.50 4.24
N LYS B 210 19.93 -48.65 3.34
CA LYS B 210 21.16 -47.87 3.63
C LYS B 210 21.07 -47.09 4.96
N ILE B 211 19.96 -46.36 5.14
CA ILE B 211 19.72 -45.56 6.36
C ILE B 211 19.73 -46.43 7.63
N LYS B 212 19.00 -47.54 7.59
CA LYS B 212 18.99 -48.54 8.67
C LYS B 212 20.40 -48.99 9.05
N ASP B 213 21.22 -49.28 8.03
CA ASP B 213 22.61 -49.68 8.27
C ASP B 213 23.36 -48.53 8.93
N LEU B 214 23.17 -47.33 8.39
CA LEU B 214 23.78 -46.14 8.97
C LEU B 214 23.30 -45.95 10.41
N CYS B 215 22.01 -46.12 10.70
CA CYS B 215 21.54 -45.94 12.05
C CYS B 215 22.07 -47.02 12.99
N ASN B 216 22.49 -48.15 12.43
CA ASN B 216 23.08 -49.25 13.22
C ASN B 216 24.56 -49.07 13.50
N SER B 217 25.14 -48.04 12.89
CA SER B 217 26.57 -47.74 12.93
C SER B 217 27.03 -47.09 14.21
N SER B 218 28.30 -46.69 14.17
CA SER B 218 28.89 -45.76 15.12
C SER B 218 27.99 -44.53 15.40
N LEU B 219 27.03 -44.29 14.49
CA LEU B 219 26.10 -43.16 14.56
C LEU B 219 25.15 -43.29 15.76
N ASN B 220 24.64 -44.51 15.97
CA ASN B 220 23.71 -44.77 17.05
C ASN B 220 24.26 -44.40 18.43
N ASP B 221 25.58 -44.50 18.56
CA ASP B 221 26.31 -44.28 19.80
C ASP B 221 26.44 -42.81 20.19
N GLN B 222 26.49 -41.91 19.21
CA GLN B 222 26.68 -40.48 19.50
C GLN B 222 25.44 -39.70 19.98
N LYS B 223 25.70 -38.53 20.58
CA LYS B 223 24.69 -37.80 21.35
C LYS B 223 24.13 -36.56 20.65
N SER B 224 24.66 -36.25 19.47
CA SER B 224 24.27 -35.05 18.77
C SER B 224 24.45 -35.21 17.28
N LEU B 225 23.66 -34.48 16.50
CA LEU B 225 23.82 -34.51 15.05
C LEU B 225 23.53 -33.11 14.50
N LEU B 226 24.44 -32.57 13.68
CA LEU B 226 24.35 -31.24 13.08
C LEU B 226 23.88 -31.38 11.65
N LEU B 227 22.97 -30.51 11.18
CA LEU B 227 22.54 -30.53 9.78
C LEU B 227 22.93 -29.20 9.15
N LEU B 228 23.57 -29.22 7.98
CA LEU B 228 24.00 -28.00 7.30
C LEU B 228 23.14 -27.83 6.05
N GLY B 229 22.52 -26.66 5.91
CA GLY B 229 21.69 -26.38 4.75
C GLY B 229 21.68 -24.89 4.52
N ARG B 230 21.39 -24.50 3.28
CA ARG B 230 21.28 -23.10 2.93
C ARG B 230 20.15 -22.98 1.89
N GLY B 231 19.61 -21.76 1.70
CA GLY B 231 18.64 -21.57 0.61
C GLY B 231 17.41 -22.40 0.86
N TYR B 232 16.88 -23.03 -0.17
CA TYR B 232 15.73 -23.90 -0.09
C TYR B 232 15.90 -25.01 0.96
N GLN B 233 17.13 -25.43 1.23
CA GLN B 233 17.32 -26.60 2.10
C GLN B 233 17.59 -26.20 3.56
N PHE B 234 17.56 -24.90 3.87
CA PHE B 234 17.69 -24.53 5.28
C PHE B 234 16.48 -25.04 6.07
N ALA B 235 15.27 -24.81 5.55
CA ALA B 235 14.08 -25.35 6.16
C ALA B 235 14.23 -26.87 6.42
N THR B 236 14.76 -27.58 5.44
CA THR B 236 14.95 -29.03 5.60
C THR B 236 15.91 -29.38 6.75
N ALA B 237 16.97 -28.59 6.91
CA ALA B 237 17.89 -28.80 8.01
C ALA B 237 17.18 -28.57 9.35
N LEU B 238 16.38 -27.50 9.43
CA LEU B 238 15.63 -27.27 10.65
C LEU B 238 14.64 -28.37 10.97
N GLU B 239 13.93 -28.86 9.92
CA GLU B 239 12.93 -29.89 10.10
C GLU B 239 13.61 -31.24 10.48
N GLY B 240 14.73 -31.53 9.85
CA GLY B 240 15.54 -32.72 10.23
C GLY B 240 15.97 -32.69 11.69
N ALA B 241 16.44 -31.52 12.13
CA ALA B 241 16.86 -31.38 13.53
C ALA B 241 15.69 -31.54 14.48
N LEU B 242 14.53 -31.01 14.09
CA LEU B 242 13.33 -31.16 14.92
C LEU B 242 12.91 -32.62 15.04
N LYS B 243 12.97 -33.35 13.92
CA LYS B 243 12.61 -34.76 13.91
C LYS B 243 13.57 -35.56 14.81
N ILE B 244 14.88 -35.30 14.71
CA ILE B 244 15.87 -36.01 15.54
C ILE B 244 15.63 -35.75 17.04
N LYS B 245 15.40 -34.49 17.39
CA LYS B 245 15.06 -34.10 18.76
C LYS B 245 13.78 -34.72 19.27
N GLU B 246 12.72 -34.60 18.48
CA GLU B 246 11.39 -35.02 18.92
C GLU B 246 11.25 -36.53 19.03
N ILE B 247 11.87 -37.24 18.10
CA ILE B 247 11.67 -38.69 17.93
C ILE B 247 12.81 -39.50 18.54
N SER B 248 14.05 -39.15 18.20
CA SER B 248 15.22 -39.95 18.52
C SER B 248 15.81 -39.55 19.86
N TYR B 249 15.30 -38.47 20.43
CA TYR B 249 15.81 -37.99 21.71
C TYR B 249 17.32 -37.83 21.70
N MET B 250 17.82 -37.31 20.60
CA MET B 250 19.22 -36.98 20.49
C MET B 250 19.22 -35.50 20.23
N HIS B 251 20.23 -34.78 20.70
CA HIS B 251 20.32 -33.37 20.36
C HIS B 251 20.60 -33.20 18.87
N SER B 252 20.03 -32.17 18.28
CA SER B 252 20.26 -31.89 16.87
C SER B 252 20.11 -30.41 16.66
N GLU B 253 20.88 -29.86 15.72
CA GLU B 253 20.75 -28.43 15.42
C GLU B 253 20.88 -28.25 13.92
N GLY B 254 19.97 -27.47 13.33
CA GLY B 254 20.05 -27.15 11.90
C GLY B 254 20.83 -25.87 11.79
N VAL B 255 21.86 -25.85 10.95
CA VAL B 255 22.87 -24.77 10.87
C VAL B 255 22.96 -24.16 9.45
N LEU B 256 22.93 -22.83 9.36
CA LEU B 256 23.00 -22.20 8.02
C LEU B 256 24.42 -22.33 7.54
N ALA B 257 24.61 -23.09 6.48
CA ALA B 257 25.90 -23.63 6.11
C ALA B 257 26.92 -22.57 5.70
N GLY B 258 28.06 -22.58 6.36
CA GLY B 258 29.17 -21.70 5.99
C GLY B 258 28.91 -20.23 6.29
N GLU B 259 27.94 -19.97 7.14
CA GLU B 259 27.61 -18.60 7.53
C GLU B 259 28.74 -18.03 8.38
N LEU B 260 29.16 -18.81 9.39
CA LEU B 260 30.29 -18.44 10.23
C LEU B 260 31.54 -19.25 9.81
N LYS B 261 32.65 -18.56 9.62
CA LYS B 261 33.88 -19.26 9.27
C LYS B 261 34.42 -19.94 10.50
N HIS B 262 34.30 -19.28 11.66
CA HIS B 262 34.71 -19.85 12.96
C HIS B 262 33.53 -20.02 13.93
N GLY B 263 32.46 -20.65 13.44
CA GLY B 263 31.33 -21.04 14.28
C GLY B 263 31.44 -22.51 14.64
N ILE B 264 30.29 -23.13 14.92
CA ILE B 264 30.18 -24.53 15.35
C ILE B 264 31.11 -25.54 14.64
N LEU B 265 31.29 -25.38 13.32
CA LEU B 265 32.14 -26.30 12.50
C LEU B 265 33.63 -26.30 12.84
N ALA B 266 34.12 -25.18 13.38
CA ALA B 266 35.50 -25.05 13.84
C ALA B 266 35.70 -25.73 15.20
N LEU B 267 34.57 -26.14 15.82
CA LEU B 267 34.55 -26.69 17.17
C LEU B 267 34.20 -28.18 17.20
N VAL B 268 33.51 -28.64 16.15
CA VAL B 268 33.09 -30.04 16.07
C VAL B 268 34.24 -31.08 16.26
N ASP B 269 33.91 -32.18 16.92
CA ASP B 269 34.82 -33.32 17.05
C ASP B 269 34.94 -34.03 15.70
N GLU B 270 36.12 -34.61 15.41
CA GLU B 270 36.33 -35.43 14.20
C GLU B 270 35.15 -36.36 13.90
N ASP B 271 34.52 -36.90 14.94
CA ASP B 271 33.51 -37.94 14.81
C ASP B 271 32.07 -37.46 15.08
N LEU B 272 31.87 -36.16 15.19
CA LEU B 272 30.51 -35.61 15.36
C LEU B 272 29.75 -35.85 14.06
N PRO B 273 28.56 -36.49 14.14
CA PRO B 273 27.74 -36.76 12.94
C PRO B 273 27.23 -35.44 12.35
N ILE B 274 27.45 -35.26 11.05
CA ILE B 274 27.03 -34.06 10.32
C ILE B 274 26.38 -34.53 9.03
N ILE B 275 25.14 -34.07 8.81
CA ILE B 275 24.46 -34.25 7.56
C ILE B 275 24.50 -32.92 6.80
N ALA B 276 24.95 -32.95 5.56
CA ALA B 276 24.89 -31.78 4.71
C ALA B 276 23.96 -31.93 3.52
N PHE B 277 23.16 -30.90 3.25
CA PHE B 277 22.32 -30.88 2.02
C PHE B 277 23.06 -30.24 0.88
N ALA B 278 23.32 -31.02 -0.17
CA ALA B 278 24.13 -30.56 -1.25
C ALA B 278 23.47 -30.88 -2.57
N THR B 279 22.15 -30.97 -2.58
CA THR B 279 21.40 -31.12 -3.83
C THR B 279 21.58 -29.81 -4.62
N ARG B 280 21.47 -29.88 -5.95
CA ARG B 280 21.86 -28.76 -6.83
C ARG B 280 21.15 -27.44 -6.55
N ASP B 281 19.89 -27.53 -6.15
CA ASP B 281 19.08 -26.33 -5.84
C ASP B 281 19.69 -25.42 -4.75
N SER B 282 20.51 -26.00 -3.85
CA SER B 282 21.11 -25.28 -2.72
C SER B 282 22.59 -25.54 -2.59
N LEU B 283 23.22 -25.89 -3.70
CA LEU B 283 24.67 -26.10 -3.70
C LEU B 283 25.45 -24.76 -3.86
N PHE B 284 25.47 -23.96 -2.78
CA PHE B 284 26.08 -22.62 -2.78
C PHE B 284 27.57 -22.77 -2.48
N PRO B 285 28.39 -21.80 -2.95
CA PRO B 285 29.78 -21.77 -2.51
C PRO B 285 29.95 -21.93 -1.00
N LYS B 286 29.11 -21.27 -0.20
CA LYS B 286 29.20 -21.41 1.27
C LYS B 286 28.96 -22.85 1.77
N VAL B 287 28.09 -23.61 1.08
CA VAL B 287 27.81 -25.01 1.45
C VAL B 287 29.07 -25.81 1.18
N MET B 288 29.67 -25.57 0.02
CA MET B 288 30.91 -26.31 -0.32
C MET B 288 32.02 -25.95 0.66
N SER B 289 32.14 -24.66 0.97
CA SER B 289 33.04 -24.23 2.04
C SER B 289 32.88 -24.97 3.39
N ALA B 290 31.64 -25.07 3.86
CA ALA B 290 31.35 -25.75 5.11
C ALA B 290 31.75 -27.22 4.98
N ILE B 291 31.39 -27.84 3.86
CA ILE B 291 31.75 -29.26 3.65
C ILE B 291 33.26 -29.50 3.64
N GLU B 292 33.99 -28.66 2.91
CA GLU B 292 35.46 -28.72 2.91
C GLU B 292 36.07 -28.50 4.31
N GLN B 293 35.52 -27.58 5.10
CA GLN B 293 35.95 -27.38 6.50
C GLN B 293 35.77 -28.63 7.37
N VAL B 294 34.69 -29.36 7.13
CA VAL B 294 34.43 -30.62 7.85
C VAL B 294 35.45 -31.70 7.47
N THR B 295 35.68 -31.89 6.17
CA THR B 295 36.56 -32.97 5.74
C THR B 295 38.03 -32.61 5.99
N ALA B 296 38.36 -31.31 6.00
CA ALA B 296 39.69 -30.78 6.35
C ALA B 296 40.09 -31.19 7.75
N ARG B 297 39.11 -31.17 8.65
CA ARG B 297 39.27 -31.59 10.03
C ARG B 297 39.10 -33.12 10.21
N ASP B 298 39.16 -33.88 9.12
CA ASP B 298 38.92 -35.35 9.15
C ASP B 298 37.52 -35.79 9.61
N GLY B 299 36.54 -34.89 9.45
CA GLY B 299 35.17 -35.26 9.71
C GLY B 299 34.71 -36.15 8.56
N ARG B 300 33.70 -36.98 8.83
CA ARG B 300 33.18 -37.93 7.85
C ARG B 300 31.67 -37.70 7.67
N PRO B 301 31.32 -36.67 6.88
CA PRO B 301 29.94 -36.18 6.78
C PRO B 301 29.04 -37.11 5.97
N ILE B 302 27.73 -36.98 6.19
CA ILE B 302 26.73 -37.66 5.40
C ILE B 302 26.17 -36.62 4.46
N VAL B 303 26.21 -36.92 3.17
CA VAL B 303 25.90 -35.94 2.15
C VAL B 303 24.62 -36.40 1.48
N ILE B 304 23.60 -35.54 1.53
CA ILE B 304 22.40 -35.75 0.75
C ILE B 304 22.58 -34.89 -0.53
N CYS B 305 22.63 -35.57 -1.66
CA CYS B 305 22.95 -34.94 -2.92
C CYS B 305 22.14 -35.62 -4.03
N ASN B 306 22.13 -35.02 -5.23
CA ASN B 306 21.37 -35.60 -6.32
C ASN B 306 22.14 -36.77 -6.94
N GLU B 307 21.36 -37.75 -7.41
CA GLU B 307 21.84 -38.95 -8.08
C GLU B 307 22.93 -38.60 -9.04
N GLY B 308 24.11 -39.14 -8.78
CA GLY B 308 25.18 -39.06 -9.74
C GLY B 308 26.18 -37.95 -9.50
N ASP B 309 25.94 -37.12 -8.49
CA ASP B 309 26.78 -35.95 -8.32
C ASP B 309 27.85 -36.33 -7.30
N ALA B 310 29.10 -35.96 -7.53
CA ALA B 310 30.17 -36.26 -6.59
C ALA B 310 30.51 -34.98 -5.84
N ILE B 311 30.07 -34.89 -4.60
CA ILE B 311 30.25 -33.64 -3.82
C ILE B 311 31.56 -33.65 -3.06
N ILE B 312 31.92 -34.85 -2.65
CA ILE B 312 33.15 -35.07 -1.92
C ILE B 312 33.91 -36.17 -2.67
N SER B 313 35.20 -35.92 -2.86
CA SER B 313 36.09 -36.85 -3.52
C SER B 313 35.97 -38.22 -2.87
N ASN B 314 36.03 -39.28 -3.67
CA ASN B 314 36.02 -40.65 -3.13
C ASN B 314 37.25 -40.96 -2.28
N ASP B 315 38.22 -40.05 -2.29
CA ASP B 315 39.46 -40.17 -1.51
C ASP B 315 39.22 -39.87 -0.05
N LYS B 316 38.14 -39.16 0.24
CA LYS B 316 37.82 -38.77 1.60
C LYS B 316 36.59 -39.56 2.10
N VAL B 317 36.72 -40.16 3.29
CA VAL B 317 35.63 -40.99 3.83
C VAL B 317 34.39 -40.10 4.01
N HIS B 318 33.26 -40.56 3.50
CA HIS B 318 32.03 -39.82 3.67
C HIS B 318 30.92 -40.77 3.24
N THR B 319 29.69 -40.48 3.66
CA THR B 319 28.53 -41.26 3.27
C THR B 319 27.69 -40.43 2.31
N THR B 320 27.11 -41.06 1.28
CA THR B 320 26.18 -40.31 0.42
C THR B 320 24.84 -40.97 0.46
N LEU B 321 23.80 -40.14 0.52
CA LEU B 321 22.45 -40.58 0.30
C LEU B 321 21.91 -39.84 -0.92
N GLU B 322 21.74 -40.54 -2.06
CA GLU B 322 21.40 -39.86 -3.32
C GLU B 322 19.91 -39.79 -3.48
N VAL B 323 19.42 -38.62 -3.97
CA VAL B 323 18.01 -38.42 -4.19
C VAL B 323 17.76 -37.92 -5.62
N PRO B 324 16.60 -38.26 -6.21
CA PRO B 324 16.29 -37.74 -7.54
C PRO B 324 16.39 -36.20 -7.59
N GLU B 325 16.81 -35.63 -8.72
CA GLU B 325 16.71 -34.16 -8.91
C GLU B 325 15.28 -33.76 -9.32
N THR B 326 14.71 -32.75 -8.66
CA THR B 326 13.41 -32.22 -9.06
C THR B 326 13.60 -30.72 -9.30
N VAL B 327 12.51 -30.02 -9.56
CA VAL B 327 12.50 -28.55 -9.70
C VAL B 327 13.07 -27.98 -8.40
N ASP B 328 13.88 -26.95 -8.48
CA ASP B 328 14.58 -26.43 -7.29
C ASP B 328 13.72 -26.23 -6.02
N CYS B 329 12.56 -25.61 -6.18
CA CYS B 329 11.67 -25.28 -5.04
C CYS B 329 10.87 -26.49 -4.53
N LEU B 330 10.97 -27.62 -5.26
CA LEU B 330 10.37 -28.87 -4.84
C LEU B 330 11.34 -29.88 -4.20
N GLN B 331 12.63 -29.58 -4.28
CA GLN B 331 13.68 -30.52 -3.79
C GLN B 331 13.53 -30.85 -2.31
N GLY B 332 13.03 -29.88 -1.55
CA GLY B 332 12.76 -30.15 -0.12
C GLY B 332 11.80 -31.28 0.17
N LEU B 333 10.86 -31.50 -0.76
CA LEU B 333 9.90 -32.60 -0.61
C LEU B 333 10.63 -33.97 -0.61
N LEU B 334 11.70 -34.08 -1.38
CA LEU B 334 12.47 -35.33 -1.45
C LEU B 334 13.54 -35.34 -0.36
N ASN B 335 14.18 -34.20 -0.09
CA ASN B 335 15.31 -34.19 0.85
C ASN B 335 14.91 -34.49 2.28
N VAL B 336 13.65 -34.22 2.63
CA VAL B 336 13.25 -34.41 4.04
C VAL B 336 13.05 -35.90 4.34
N ILE B 337 12.74 -36.67 3.30
CA ILE B 337 12.36 -38.12 3.48
C ILE B 337 13.50 -38.88 4.19
N PRO B 338 14.76 -38.74 3.73
CA PRO B 338 15.76 -39.49 4.52
C PRO B 338 15.90 -39.08 5.97
N LEU B 339 15.62 -37.81 6.31
CA LEU B 339 15.69 -37.40 7.71
C LEU B 339 14.58 -37.97 8.52
N GLN B 340 13.40 -38.11 7.92
CA GLN B 340 12.28 -38.75 8.60
C GLN B 340 12.66 -40.20 8.91
N LEU B 341 13.21 -40.90 7.93
CA LEU B 341 13.68 -42.28 8.12
C LEU B 341 14.86 -42.39 9.11
N ILE B 342 15.87 -41.52 9.01
CA ILE B 342 16.92 -41.47 10.02
C ILE B 342 16.36 -41.28 11.42
N SER B 343 15.51 -40.27 11.64
CA SER B 343 14.95 -40.05 12.98
C SER B 343 14.20 -41.30 13.52
N TYR B 344 13.44 -41.92 12.62
CA TYR B 344 12.66 -43.11 12.90
C TYR B 344 13.58 -44.27 13.31
N TRP B 345 14.53 -44.64 12.47
CA TRP B 345 15.44 -45.78 12.79
C TRP B 345 16.42 -45.53 13.93
N LEU B 346 16.81 -44.26 14.13
CA LEU B 346 17.62 -43.92 15.31
C LEU B 346 16.85 -44.18 16.59
N ALA B 347 15.56 -43.83 16.58
CA ALA B 347 14.67 -44.03 17.70
C ALA B 347 14.48 -45.51 17.97
N VAL B 348 13.95 -46.25 16.97
CA VAL B 348 13.77 -47.70 17.08
C VAL B 348 14.99 -48.37 17.74
N ASN B 349 16.17 -48.12 17.20
CA ASN B 349 17.42 -48.65 17.72
C ASN B 349 17.81 -48.26 19.16
N ARG B 350 17.24 -47.17 19.66
CA ARG B 350 17.39 -46.75 21.05
C ARG B 350 16.19 -47.18 21.90
N GLY B 351 15.35 -48.04 21.34
CA GLY B 351 14.20 -48.57 22.05
C GLY B 351 12.96 -47.68 22.15
N ILE B 352 13.06 -46.43 21.71
CA ILE B 352 11.96 -45.45 21.85
C ILE B 352 10.72 -45.91 21.09
N ASP B 353 9.53 -45.69 21.65
CA ASP B 353 8.31 -45.96 20.88
C ASP B 353 7.78 -44.68 20.26
N VAL B 354 7.77 -44.64 18.93
CA VAL B 354 7.51 -43.40 18.19
C VAL B 354 6.03 -43.02 18.08
N ASP B 355 5.15 -43.87 18.58
CA ASP B 355 3.71 -43.64 18.44
C ASP B 355 3.04 -43.09 19.70
N PRO C 4 -2.64 23.81 -49.42
CA PRO C 4 -4.02 23.60 -49.89
C PRO C 4 -5.09 23.89 -48.82
N TYR C 5 -4.68 24.42 -47.67
CA TYR C 5 -5.60 24.57 -46.53
C TYR C 5 -5.76 26.03 -46.16
N LYS C 6 -6.96 26.41 -45.76
CA LYS C 6 -7.26 27.80 -45.38
C LYS C 6 -6.47 28.18 -44.15
N HIS C 7 -6.42 27.28 -43.16
CA HIS C 7 -5.74 27.56 -41.92
C HIS C 7 -4.90 26.35 -41.50
N PHE C 8 -3.92 26.60 -40.65
CA PHE C 8 -3.16 25.56 -39.95
C PHE C 8 -4.09 24.63 -39.16
N MET C 9 -5.12 25.20 -38.54
CA MET C 9 -6.07 24.37 -37.81
C MET C 9 -6.74 23.34 -38.73
N GLN C 10 -7.14 23.78 -39.93
CA GLN C 10 -7.86 22.88 -40.84
C GLN C 10 -6.93 21.79 -41.30
N LYS C 11 -5.68 22.18 -41.56
CA LYS C 11 -4.64 21.24 -41.95
C LYS C 11 -4.42 20.20 -40.85
N GLU C 12 -4.41 20.65 -39.60
CA GLU C 12 -4.11 19.79 -38.46
C GLU C 12 -5.24 18.81 -38.22
N ILE C 13 -6.48 19.27 -38.44
CA ILE C 13 -7.63 18.40 -38.32
C ILE C 13 -7.52 17.32 -39.37
N PHE C 14 -7.26 17.73 -40.61
CA PHE C 14 -7.18 16.77 -41.69
C PHE C 14 -5.97 15.86 -41.64
N GLU C 15 -4.94 16.26 -40.91
CA GLU C 15 -3.73 15.45 -40.73
C GLU C 15 -3.90 14.27 -39.80
N GLN C 16 -5.01 14.20 -39.06
CA GLN C 16 -5.15 13.18 -38.01
C GLN C 16 -4.97 11.70 -38.41
N PRO C 17 -5.35 11.31 -39.65
CA PRO C 17 -5.05 9.89 -39.93
C PRO C 17 -3.54 9.66 -39.93
N ASP C 18 -2.78 10.63 -40.42
CA ASP C 18 -1.31 10.61 -40.42
C ASP C 18 -0.71 10.78 -39.01
N SER C 19 -1.21 11.73 -38.23
CA SER C 19 -0.64 11.94 -36.85
C SER C 19 -0.95 10.73 -35.96
N ALA C 20 -2.16 10.18 -36.12
CA ALA C 20 -2.51 8.94 -35.38
C ALA C 20 -1.57 7.81 -35.75
N PHE C 21 -1.35 7.60 -37.04
CA PHE C 21 -0.41 6.55 -37.46
C PHE C 21 1.02 6.80 -36.90
N ASN C 22 1.45 8.05 -36.91
CA ASN C 22 2.81 8.40 -36.49
C ASN C 22 3.04 8.30 -35.00
N THR C 23 1.98 8.55 -34.23
CA THR C 23 2.03 8.26 -32.79
C THR C 23 2.27 6.77 -32.51
N MET C 24 1.61 5.92 -33.28
CA MET C 24 1.71 4.45 -33.06
C MET C 24 2.93 3.80 -33.71
N ARG C 25 3.57 4.55 -34.61
CA ARG C 25 4.56 3.95 -35.47
C ARG C 25 5.73 3.46 -34.62
N GLY C 26 6.14 2.20 -34.87
CA GLY C 26 7.29 1.55 -34.22
C GLY C 26 6.98 1.10 -32.80
N ARG C 27 5.74 1.29 -32.40
CA ARG C 27 5.32 1.05 -31.02
C ARG C 27 4.29 -0.07 -30.88
N ILE C 28 3.61 -0.43 -31.97
CA ILE C 28 2.60 -1.49 -31.88
C ILE C 28 2.93 -2.54 -32.94
N ASP C 29 3.01 -3.80 -32.51
CA ASP C 29 3.07 -4.95 -33.40
C ASP C 29 1.64 -5.46 -33.48
N PHE C 30 0.95 -5.14 -34.58
CA PHE C 30 -0.49 -5.39 -34.67
C PHE C 30 -0.79 -6.85 -34.93
N GLU C 31 0.22 -7.58 -35.37
CA GLU C 31 0.11 -9.01 -35.67
C GLU C 31 0.19 -9.84 -34.41
N ASN C 32 1.25 -9.62 -33.61
CA ASN C 32 1.39 -10.31 -32.33
C ASN C 32 0.72 -9.59 -31.15
N CYS C 33 0.12 -8.44 -31.44
CA CYS C 33 -0.53 -7.62 -30.41
C CYS C 33 0.37 -7.27 -29.22
N VAL C 34 1.49 -6.63 -29.51
CA VAL C 34 2.40 -6.19 -28.44
C VAL C 34 2.68 -4.68 -28.57
N VAL C 35 2.64 -3.98 -27.44
CA VAL C 35 2.94 -2.57 -27.42
C VAL C 35 4.32 -2.39 -26.81
N THR C 36 5.16 -1.58 -27.46
CA THR C 36 6.48 -1.27 -26.87
C THR C 36 6.73 0.22 -26.91
N LEU C 37 6.84 0.81 -25.72
CA LEU C 37 7.15 2.21 -25.60
C LEU C 37 8.56 2.35 -25.07
N GLY C 38 9.50 2.72 -25.97
CA GLY C 38 10.92 2.73 -25.61
C GLY C 38 11.22 3.55 -24.38
N GLY C 39 10.57 4.71 -24.25
CA GLY C 39 10.90 5.61 -23.13
C GLY C 39 10.43 5.13 -21.76
N LEU C 40 9.55 4.12 -21.73
CA LEU C 40 8.92 3.62 -20.48
C LEU C 40 9.36 2.22 -20.17
N LYS C 41 9.64 1.46 -21.22
CA LYS C 41 10.17 0.07 -21.16
C LYS C 41 10.75 -0.38 -19.82
N SER C 42 11.80 0.28 -19.36
CA SER C 42 12.50 -0.19 -18.20
C SER C 42 11.91 0.38 -16.90
N TRP C 43 10.89 1.20 -17.04
CA TRP C 43 10.32 1.85 -15.88
C TRP C 43 8.98 1.24 -15.54
N LEU C 44 8.45 0.41 -16.44
CA LEU C 44 7.09 -0.15 -16.25
C LEU C 44 6.91 -0.91 -14.98
N SER C 45 7.84 -1.80 -14.66
CA SER C 45 7.69 -2.57 -13.42
C SER C 45 7.58 -1.63 -12.22
N THR C 46 8.34 -0.53 -12.22
CA THR C 46 8.32 0.44 -11.14
C THR C 46 6.95 1.18 -11.17
N ILE C 47 6.56 1.63 -12.37
CA ILE C 47 5.35 2.44 -12.49
C ILE C 47 4.18 1.67 -11.91
N ARG C 48 4.03 0.40 -12.23
CA ARG C 48 2.99 -0.43 -11.62
C ARG C 48 2.99 -0.43 -10.08
N ARG C 49 4.17 -0.40 -9.47
CA ARG C 49 4.33 -0.49 -7.99
C ARG C 49 4.13 0.89 -7.35
N CYS C 50 2.93 1.42 -7.49
CA CYS C 50 2.59 2.66 -6.84
C CYS C 50 1.31 2.42 -6.12
N ARG C 51 1.07 3.25 -5.11
CA ARG C 51 -0.20 3.36 -4.44
C ARG C 51 -1.27 3.73 -5.49
N ARG C 52 -0.93 4.68 -6.37
CA ARG C 52 -1.90 5.24 -7.31
C ARG C 52 -1.22 6.05 -8.40
N ILE C 53 -1.98 6.29 -9.47
CA ILE C 53 -1.58 7.10 -10.59
C ILE C 53 -2.39 8.40 -10.53
N ILE C 54 -1.71 9.53 -10.63
CA ILE C 54 -2.41 10.81 -10.66
C ILE C 54 -2.08 11.40 -12.04
N MET C 55 -3.11 11.62 -12.86
CA MET C 55 -2.91 12.25 -14.16
C MET C 55 -3.08 13.74 -14.00
N ILE C 56 -2.13 14.54 -14.46
CA ILE C 56 -2.19 15.97 -14.18
C ILE C 56 -1.94 16.74 -15.47
N ALA C 57 -2.85 17.66 -15.78
CA ALA C 57 -2.86 18.35 -17.07
C ALA C 57 -3.78 19.57 -17.08
N CYS C 58 -3.68 20.39 -18.16
CA CYS C 58 -4.52 21.58 -18.32
C CYS C 58 -5.29 21.44 -19.63
N GLY C 59 -6.40 22.15 -19.73
CA GLY C 59 -7.08 22.32 -21.03
C GLY C 59 -7.38 20.98 -21.73
N THR C 60 -7.09 20.94 -23.03
CA THR C 60 -7.43 19.78 -23.84
C THR C 60 -6.60 18.54 -23.41
N SER C 61 -5.41 18.76 -22.87
CA SER C 61 -4.66 17.61 -22.35
C SER C 61 -5.34 16.97 -21.11
N TYR C 62 -5.95 17.80 -20.27
CA TYR C 62 -6.75 17.33 -19.14
C TYR C 62 -7.93 16.52 -19.68
N HIS C 63 -8.56 16.97 -20.76
CA HIS C 63 -9.60 16.15 -21.39
C HIS C 63 -9.08 14.80 -21.89
N SER C 64 -7.84 14.74 -22.39
CA SER C 64 -7.35 13.47 -22.97
C SER C 64 -7.18 12.51 -21.81
N CYS C 65 -6.87 13.04 -20.63
CA CYS C 65 -6.79 12.22 -19.39
C CYS C 65 -8.16 11.70 -18.97
N LEU C 66 -9.17 12.60 -18.89
CA LEU C 66 -10.53 12.12 -18.63
C LEU C 66 -10.97 11.07 -19.65
N ALA C 67 -10.64 11.29 -20.92
CA ALA C 67 -11.03 10.35 -22.01
C ALA C 67 -10.45 8.93 -21.88
N THR C 68 -9.37 8.78 -21.09
CA THR C 68 -8.65 7.51 -20.97
C THR C 68 -8.57 6.98 -19.52
N ARG C 69 -9.16 7.71 -18.59
CA ARG C 69 -9.10 7.28 -17.18
C ARG C 69 -9.70 5.85 -17.00
N SER C 70 -10.87 5.63 -17.61
CA SER C 70 -11.59 4.35 -17.42
C SER C 70 -10.75 3.18 -17.91
N ILE C 71 -10.13 3.34 -19.07
CA ILE C 71 -9.31 2.23 -19.60
C ILE C 71 -8.04 1.96 -18.78
N PHE C 72 -7.38 2.99 -18.25
CA PHE C 72 -6.32 2.77 -17.28
C PHE C 72 -6.83 1.98 -16.09
N GLU C 73 -7.94 2.41 -15.49
CA GLU C 73 -8.49 1.69 -14.32
C GLU C 73 -8.82 0.27 -14.64
N GLU C 74 -9.50 0.07 -15.78
CA GLU C 74 -9.94 -1.26 -16.19
C GLU C 74 -8.77 -2.21 -16.45
N LEU C 75 -7.75 -1.74 -17.17
CA LEU C 75 -6.67 -2.64 -17.57
C LEU C 75 -5.69 -2.85 -16.42
N THR C 76 -5.52 -1.86 -15.57
CA THR C 76 -4.47 -1.95 -14.54
C THR C 76 -4.91 -2.28 -13.12
N GLU C 77 -6.18 -2.00 -12.78
CA GLU C 77 -6.64 -2.09 -11.40
C GLU C 77 -5.78 -1.28 -10.41
N ILE C 78 -5.13 -0.24 -10.93
CA ILE C 78 -4.45 0.71 -10.07
C ILE C 78 -5.43 1.91 -10.02
N PRO C 79 -5.62 2.51 -8.82
CA PRO C 79 -6.42 3.74 -8.74
C PRO C 79 -5.86 4.79 -9.65
N VAL C 80 -6.74 5.48 -10.38
CA VAL C 80 -6.31 6.57 -11.25
C VAL C 80 -7.16 7.79 -10.98
N SER C 81 -6.54 8.91 -10.66
CA SER C 81 -7.35 10.08 -10.59
C SER C 81 -6.83 11.13 -11.61
N VAL C 82 -7.69 12.07 -11.96
CA VAL C 82 -7.37 13.04 -12.99
C VAL C 82 -7.49 14.42 -12.36
N GLU C 83 -6.39 15.18 -12.38
CA GLU C 83 -6.36 16.51 -11.77
C GLU C 83 -6.12 17.60 -12.83
N LEU C 84 -6.85 18.70 -12.73
CA LEU C 84 -6.54 19.91 -13.47
C LEU C 84 -5.34 20.52 -12.73
N ALA C 85 -4.26 20.77 -13.43
CA ALA C 85 -3.01 21.24 -12.80
C ALA C 85 -3.21 22.40 -11.83
N SER C 86 -3.92 23.44 -12.24
CA SER C 86 -4.09 24.62 -11.38
C SER C 86 -4.83 24.30 -10.08
N ASP C 87 -5.90 23.49 -10.18
CA ASP C 87 -6.70 23.14 -9.04
C ASP C 87 -5.93 22.20 -8.10
N PHE C 88 -5.11 21.33 -8.69
CA PHE C 88 -4.21 20.46 -7.93
C PHE C 88 -3.31 21.34 -7.05
N LEU C 89 -2.72 22.37 -7.63
CA LEU C 89 -1.85 23.28 -6.85
C LEU C 89 -2.64 24.11 -5.83
N ASP C 90 -3.80 24.61 -6.24
CA ASP C 90 -4.66 25.32 -5.29
C ASP C 90 -5.03 24.53 -4.05
N ARG C 91 -5.30 23.24 -4.19
CA ARG C 91 -5.65 22.41 -3.01
C ARG C 91 -4.42 21.97 -2.22
N ARG C 92 -3.23 22.20 -2.76
CA ARG C 92 -1.99 21.70 -2.17
C ARG C 92 -2.14 20.19 -1.89
N SER C 93 -2.68 19.46 -2.87
CA SER C 93 -2.95 18.05 -2.71
C SER C 93 -1.66 17.32 -2.31
N PRO C 94 -1.70 16.54 -1.23
CA PRO C 94 -0.47 15.81 -0.85
C PRO C 94 -0.01 14.78 -1.90
N VAL C 95 1.30 14.73 -2.14
CA VAL C 95 1.89 13.76 -3.06
C VAL C 95 3.06 13.13 -2.33
N PHE C 96 3.28 11.85 -2.58
CA PHE C 96 4.31 11.11 -1.86
C PHE C 96 5.12 10.20 -2.79
N ARG C 97 6.11 9.57 -2.17
CA ARG C 97 7.06 8.75 -2.95
CA ARG C 97 7.05 8.69 -2.81
C ARG C 97 6.34 7.65 -3.66
N ASP C 98 5.21 7.19 -3.12
CA ASP C 98 4.48 6.05 -3.67
C ASP C 98 3.44 6.44 -4.75
N ASP C 99 3.49 7.68 -5.23
CA ASP C 99 2.59 8.11 -6.33
C ASP C 99 3.33 8.05 -7.65
N THR C 100 2.63 7.64 -8.70
CA THR C 100 3.13 7.83 -10.07
C THR C 100 2.31 9.01 -10.66
N CYS C 101 3.00 10.07 -11.04
CA CYS C 101 2.32 11.29 -11.50
C CYS C 101 2.58 11.40 -12.99
N VAL C 102 1.50 11.44 -13.77
CA VAL C 102 1.58 11.39 -15.21
C VAL C 102 1.16 12.75 -15.75
N PHE C 103 2.08 13.43 -16.47
CA PHE C 103 1.85 14.81 -16.90
C PHE C 103 1.64 14.80 -18.41
N VAL C 104 0.51 15.34 -18.84
CA VAL C 104 0.19 15.33 -20.28
C VAL C 104 0.21 16.77 -20.77
N SER C 105 0.97 17.02 -21.81
CA SER C 105 1.11 18.38 -22.34
C SER C 105 1.58 18.34 -23.78
N GLN C 106 0.87 19.07 -24.63
CA GLN C 106 1.28 19.28 -26.01
C GLN C 106 2.59 20.11 -26.03
N SER C 107 2.57 21.31 -25.47
CA SER C 107 3.75 22.24 -25.56
C SER C 107 4.90 21.83 -24.66
N GLY C 108 4.57 21.17 -23.55
CA GLY C 108 5.61 20.85 -22.56
C GLY C 108 6.07 22.08 -21.79
N GLU C 109 5.36 23.19 -21.93
CA GLU C 109 5.76 24.47 -21.34
C GLU C 109 4.70 25.20 -20.54
N THR C 110 3.48 24.66 -20.45
CA THR C 110 2.39 25.31 -19.69
C THR C 110 2.74 25.60 -18.23
N ALA C 111 2.68 26.86 -17.81
CA ALA C 111 3.18 27.21 -16.48
C ALA C 111 2.56 26.32 -15.39
N ASP C 112 1.24 26.08 -15.44
CA ASP C 112 0.63 25.37 -14.28
C ASP C 112 1.08 23.89 -14.22
N SER C 113 1.26 23.32 -15.40
CA SER C 113 1.78 21.95 -15.51
C SER C 113 3.21 21.81 -14.97
N ILE C 114 4.07 22.77 -15.32
CA ILE C 114 5.46 22.78 -14.85
C ILE C 114 5.51 22.99 -13.34
N LEU C 115 4.68 23.90 -12.83
CA LEU C 115 4.62 24.12 -11.37
C LEU C 115 4.14 22.85 -10.66
N ALA C 116 3.10 22.20 -11.20
CA ALA C 116 2.63 20.95 -10.61
C ALA C 116 3.74 19.87 -10.67
N LEU C 117 4.45 19.77 -11.80
CA LEU C 117 5.57 18.86 -11.92
C LEU C 117 6.66 19.06 -10.84
N GLN C 118 7.08 20.29 -10.68
CA GLN C 118 8.08 20.65 -9.65
C GLN C 118 7.65 20.27 -8.22
N TYR C 119 6.37 20.44 -7.93
CA TYR C 119 5.75 20.06 -6.66
C TYR C 119 5.79 18.53 -6.45
N CYS C 120 5.41 17.76 -7.48
CA CYS C 120 5.52 16.28 -7.39
C CYS C 120 7.00 15.82 -7.30
N LEU C 121 7.88 16.47 -8.04
CA LEU C 121 9.29 16.05 -8.05
C LEU C 121 9.85 16.27 -6.66
N GLU C 122 9.58 17.42 -6.06
CA GLU C 122 10.14 17.78 -4.71
C GLU C 122 9.63 16.81 -3.63
N ARG C 123 8.45 16.23 -3.85
CA ARG C 123 7.87 15.29 -2.89
C ARG C 123 8.29 13.87 -3.09
N GLY C 124 9.13 13.58 -4.08
CA GLY C 124 9.69 12.22 -4.22
C GLY C 124 8.87 11.33 -5.12
N ALA C 125 7.81 11.85 -5.75
CA ALA C 125 7.00 11.00 -6.68
C ALA C 125 7.74 10.64 -7.92
N LEU C 126 7.39 9.49 -8.49
CA LEU C 126 7.83 9.11 -9.82
C LEU C 126 7.04 9.93 -10.84
N THR C 127 7.72 10.49 -11.84
CA THR C 127 6.99 11.38 -12.80
C THR C 127 7.15 10.88 -14.24
N VAL C 128 6.07 10.99 -15.01
CA VAL C 128 6.01 10.42 -16.34
C VAL C 128 5.43 11.49 -17.25
N GLY C 129 6.09 11.78 -18.37
CA GLY C 129 5.60 12.78 -19.33
C GLY C 129 4.95 12.15 -20.56
N ILE C 130 3.88 12.76 -21.07
CA ILE C 130 3.28 12.36 -22.33
C ILE C 130 3.18 13.68 -23.07
N VAL C 131 4.18 13.96 -23.93
CA VAL C 131 4.44 15.31 -24.37
C VAL C 131 4.70 15.31 -25.89
N ASN C 132 4.27 16.36 -26.58
CA ASN C 132 4.45 16.48 -28.02
C ASN C 132 5.75 17.21 -28.39
N SER C 133 6.09 18.28 -27.66
CA SER C 133 7.36 18.99 -27.96
C SER C 133 8.56 18.30 -27.36
N VAL C 134 9.34 17.66 -28.23
CA VAL C 134 10.55 16.97 -27.78
C VAL C 134 11.54 17.91 -27.08
N GLY C 135 12.12 17.46 -25.96
CA GLY C 135 13.08 18.25 -25.16
C GLY C 135 12.54 19.54 -24.55
N SER C 136 11.21 19.72 -24.51
CA SER C 136 10.59 20.84 -23.84
C SER C 136 10.78 20.65 -22.34
N SER C 137 10.40 21.64 -21.56
CA SER C 137 10.66 21.62 -20.10
C SER C 137 10.06 20.35 -19.47
N MET C 138 8.79 20.06 -19.79
CA MET C 138 8.12 18.87 -19.26
CA MET C 138 8.16 18.88 -19.23
C MET C 138 8.78 17.57 -19.68
N SER C 139 9.29 17.52 -20.91
CA SER C 139 10.00 16.33 -21.35
C SER C 139 11.32 16.14 -20.59
N ARG C 140 12.08 17.22 -20.50
CA ARG C 140 13.34 17.19 -19.74
C ARG C 140 13.15 16.78 -18.30
N GLN C 141 12.17 17.39 -17.64
CA GLN C 141 12.07 17.35 -16.18
C GLN C 141 11.35 16.10 -15.60
N THR C 142 10.57 15.39 -16.43
CA THR C 142 9.93 14.13 -16.00
C THR C 142 11.00 13.05 -15.99
N HIS C 143 10.81 12.04 -15.18
CA HIS C 143 11.78 10.95 -15.06
C HIS C 143 11.85 10.13 -16.35
N CYS C 144 10.68 9.81 -16.88
CA CYS C 144 10.60 9.08 -18.14
C CYS C 144 9.34 9.56 -18.89
N GLY C 145 9.07 9.00 -20.05
CA GLY C 145 7.87 9.43 -20.75
C GLY C 145 7.79 8.97 -22.19
N VAL C 146 6.82 9.53 -22.90
CA VAL C 146 6.54 9.16 -24.29
C VAL C 146 6.37 10.45 -25.03
N HIS C 147 7.16 10.63 -26.10
CA HIS C 147 6.91 11.76 -26.97
C HIS C 147 5.88 11.25 -27.95
N ILE C 148 4.80 11.98 -28.10
CA ILE C 148 3.67 11.43 -28.86
C ILE C 148 3.91 11.45 -30.37
N ASN C 149 4.86 12.25 -30.82
CA ASN C 149 5.21 12.25 -32.27
C ASN C 149 4.06 12.68 -33.22
N ALA C 150 3.26 13.64 -32.81
CA ALA C 150 2.17 14.19 -33.66
C ALA C 150 2.63 15.28 -34.66
N GLY C 151 3.84 15.81 -34.49
CA GLY C 151 4.30 16.95 -35.28
C GLY C 151 3.80 18.26 -34.67
N PRO C 152 4.28 19.41 -35.18
CA PRO C 152 3.90 20.73 -34.66
C PRO C 152 2.43 21.09 -34.83
N GLU C 153 1.86 21.80 -33.86
CA GLU C 153 0.51 22.36 -33.97
C GLU C 153 0.64 23.88 -33.96
N ILE C 154 0.09 24.53 -34.96
CA ILE C 154 0.10 25.99 -35.04
C ILE C 154 -1.29 26.55 -34.71
N GLY C 155 -2.34 25.79 -35.01
CA GLY C 155 -3.70 26.17 -34.60
C GLY C 155 -3.71 26.47 -33.11
N VAL C 156 -4.44 27.50 -32.68
CA VAL C 156 -4.45 27.87 -31.25
C VAL C 156 -5.16 26.84 -30.37
N ALA C 157 -6.17 26.16 -30.93
CA ALA C 157 -6.77 25.09 -30.17
C ALA C 157 -6.25 23.78 -30.70
N SER C 158 -6.04 22.88 -29.75
CA SER C 158 -5.45 21.59 -30.00
C SER C 158 -6.42 20.66 -30.70
N THR C 159 -5.97 20.08 -31.82
CA THR C 159 -6.77 19.05 -32.51
C THR C 159 -6.02 17.71 -32.58
N LYS C 160 -5.01 17.62 -33.43
CA LYS C 160 -4.27 16.35 -33.57
C LYS C 160 -3.52 15.97 -32.30
N ALA C 161 -3.19 16.95 -31.46
CA ALA C 161 -2.48 16.63 -30.21
C ALA C 161 -3.44 15.91 -29.24
N TYR C 162 -4.73 16.20 -29.33
CA TYR C 162 -5.70 15.55 -28.49
C TYR C 162 -5.81 14.08 -28.86
N THR C 163 -6.05 13.78 -30.15
CA THR C 163 -6.14 12.38 -30.58
C THR C 163 -4.84 11.63 -30.39
N SER C 164 -3.71 12.30 -30.63
CA SER C 164 -2.42 11.62 -30.45
C SER C 164 -2.10 11.35 -28.97
N GLN C 165 -2.47 12.27 -28.09
CA GLN C 165 -2.30 12.12 -26.62
C GLN C 165 -3.11 10.97 -26.09
N TYR C 166 -4.38 10.94 -26.51
CA TYR C 166 -5.34 9.90 -26.16
C TYR C 166 -4.80 8.54 -26.58
N ILE C 167 -4.33 8.44 -27.83
CA ILE C 167 -3.68 7.18 -28.31
C ILE C 167 -2.45 6.79 -27.50
N ALA C 168 -1.56 7.77 -27.24
CA ALA C 168 -0.39 7.48 -26.37
C ALA C 168 -0.78 6.99 -25.00
N LEU C 169 -1.80 7.63 -24.41
CA LEU C 169 -2.28 7.19 -23.11
C LEU C 169 -2.88 5.78 -23.19
N VAL C 170 -3.66 5.49 -24.22
CA VAL C 170 -4.10 4.09 -24.40
C VAL C 170 -2.90 3.10 -24.49
N MET C 171 -1.88 3.46 -25.30
CA MET C 171 -0.72 2.58 -25.41
C MET C 171 0.01 2.41 -24.05
N PHE C 172 0.05 3.47 -23.27
CA PHE C 172 0.65 3.41 -21.94
C PHE C 172 -0.14 2.46 -21.02
N ALA C 173 -1.47 2.55 -21.02
CA ALA C 173 -2.33 1.62 -20.23
C ALA C 173 -2.16 0.13 -20.68
N LEU C 174 -2.03 -0.08 -22.00
CA LEU C 174 -1.77 -1.42 -22.55
C LEU C 174 -0.42 -1.93 -22.09
N SER C 175 0.58 -1.05 -22.10
CA SER C 175 1.92 -1.41 -21.61
C SER C 175 1.92 -1.83 -20.16
N LEU C 176 1.25 -1.05 -19.32
CA LEU C 176 1.12 -1.39 -17.92
C LEU C 176 0.43 -2.76 -17.61
N SER C 177 -0.41 -3.20 -18.52
CA SER C 177 -1.18 -4.42 -18.29
C SER C 177 -0.76 -5.56 -19.22
N ASN C 178 0.43 -5.45 -19.80
CA ASN C 178 0.88 -6.42 -20.81
C ASN C 178 1.33 -7.78 -20.20
N ASP C 179 1.30 -7.93 -18.87
CA ASP C 179 1.61 -9.20 -18.23
C ASP C 179 0.40 -9.99 -17.70
N SER C 180 -0.81 -9.55 -18.02
CA SER C 180 -1.99 -10.18 -17.49
C SER C 180 -2.60 -11.14 -18.52
N ILE C 181 -2.77 -12.39 -18.13
CA ILE C 181 -3.50 -13.38 -18.93
C ILE C 181 -4.94 -12.98 -19.15
N SER C 182 -5.63 -12.65 -18.05
CA SER C 182 -7.04 -12.26 -18.04
C SER C 182 -7.32 -11.05 -18.95
N ARG C 183 -6.32 -10.20 -19.17
CA ARG C 183 -6.44 -8.97 -20.01
C ARG C 183 -6.17 -9.22 -21.47
N LYS C 184 -5.65 -10.40 -21.80
CA LYS C 184 -5.15 -10.64 -23.12
C LYS C 184 -6.18 -10.35 -24.20
N GLY C 185 -7.42 -10.82 -24.02
CA GLY C 185 -8.40 -10.66 -25.10
C GLY C 185 -8.83 -9.19 -25.30
N ARG C 186 -9.00 -8.48 -24.19
CA ARG C 186 -9.26 -7.04 -24.22
C ARG C 186 -8.10 -6.26 -24.87
N HIS C 187 -6.85 -6.60 -24.52
CA HIS C 187 -5.68 -6.08 -25.23
C HIS C 187 -5.72 -6.21 -26.71
N GLU C 188 -6.04 -7.42 -27.15
CA GLU C 188 -6.06 -7.69 -28.56
C GLU C 188 -7.12 -6.85 -29.25
N GLU C 189 -8.31 -6.84 -28.65
CA GLU C 189 -9.43 -6.08 -29.14
C GLU C 189 -8.99 -4.64 -29.36
N ILE C 190 -8.41 -4.04 -28.34
CA ILE C 190 -8.00 -2.61 -28.42
C ILE C 190 -6.92 -2.38 -29.48
N ILE C 191 -5.89 -3.22 -29.48
CA ILE C 191 -4.84 -3.15 -30.48
C ILE C 191 -5.35 -3.31 -31.92
N LYS C 192 -6.17 -4.32 -32.17
CA LYS C 192 -6.80 -4.44 -33.49
C LYS C 192 -7.65 -3.22 -33.83
N GLY C 193 -8.39 -2.70 -32.84
CA GLY C 193 -9.10 -1.41 -33.00
C GLY C 193 -8.23 -0.24 -33.36
N LEU C 194 -7.11 -0.08 -32.64
CA LEU C 194 -6.17 1.00 -32.94
C LEU C 194 -5.63 0.93 -34.37
N GLN C 195 -5.38 -0.28 -34.86
CA GLN C 195 -4.89 -0.46 -36.21
C GLN C 195 -5.81 0.21 -37.24
N LYS C 196 -7.13 0.18 -36.99
CA LYS C 196 -8.13 0.74 -37.91
C LYS C 196 -8.46 2.20 -37.71
N ILE C 197 -8.02 2.78 -36.59
CA ILE C 197 -8.30 4.19 -36.32
C ILE C 197 -7.90 5.18 -37.43
N PRO C 198 -6.65 5.11 -37.97
CA PRO C 198 -6.31 6.12 -38.97
C PRO C 198 -7.26 6.15 -40.20
N GLU C 199 -7.60 4.98 -40.71
CA GLU C 199 -8.58 4.91 -41.83
C GLU C 199 -9.98 5.37 -41.41
N GLN C 200 -10.44 5.02 -40.19
CA GLN C 200 -11.76 5.48 -39.73
C GLN C 200 -11.79 6.99 -39.55
N ILE C 201 -10.66 7.57 -39.15
CA ILE C 201 -10.58 9.00 -39.09
C ILE C 201 -10.73 9.61 -40.50
N LYS C 202 -10.02 9.06 -41.48
CA LYS C 202 -10.25 9.43 -42.89
C LYS C 202 -11.74 9.47 -43.25
N GLN C 203 -12.46 8.43 -42.85
CA GLN C 203 -13.90 8.35 -43.10
C GLN C 203 -14.71 9.44 -42.43
N VAL C 204 -14.43 9.66 -41.14
CA VAL C 204 -15.15 10.67 -40.39
C VAL C 204 -14.96 12.05 -40.99
N LEU C 205 -13.77 12.30 -41.53
CA LEU C 205 -13.47 13.62 -42.14
C LEU C 205 -14.37 13.93 -43.35
N LYS C 206 -15.00 12.88 -43.86
CA LYS C 206 -15.95 13.00 -44.98
C LYS C 206 -17.29 13.61 -44.59
N LEU C 207 -17.52 13.69 -43.28
CA LEU C 207 -18.62 14.53 -42.78
C LEU C 207 -18.51 16.04 -42.96
N GLU C 208 -17.35 16.57 -43.37
CA GLU C 208 -17.17 18.02 -43.39
C GLU C 208 -18.26 18.82 -44.16
N ASN C 209 -18.64 18.34 -45.35
CA ASN C 209 -19.71 19.01 -46.12
C ASN C 209 -21.02 19.11 -45.36
N LYS C 210 -21.47 17.99 -44.80
CA LYS C 210 -22.70 17.96 -44.00
C LYS C 210 -22.57 18.94 -42.82
N ILE C 211 -21.37 19.00 -42.25
CA ILE C 211 -21.09 19.89 -41.13
C ILE C 211 -21.09 21.38 -41.55
N LYS C 212 -20.43 21.71 -42.64
CA LYS C 212 -20.48 23.05 -43.22
C LYS C 212 -21.94 23.48 -43.49
N ASP C 213 -22.78 22.55 -43.98
CA ASP C 213 -24.23 22.79 -44.23
C ASP C 213 -24.99 23.02 -42.93
N LEU C 214 -24.67 22.20 -41.93
CA LEU C 214 -25.34 22.31 -40.67
C LEU C 214 -25.02 23.65 -40.01
N CYS C 215 -23.77 24.09 -40.09
CA CYS C 215 -23.37 25.37 -39.49
C CYS C 215 -24.05 26.52 -40.21
N ASN C 216 -24.11 26.42 -41.52
CA ASN C 216 -24.73 27.48 -42.31
C ASN C 216 -26.22 27.63 -42.11
N SER C 217 -26.89 26.52 -41.82
CA SER C 217 -28.33 26.46 -41.78
C SER C 217 -28.93 26.51 -40.37
N SER C 218 -28.11 26.20 -39.34
CA SER C 218 -28.63 26.04 -37.99
C SER C 218 -27.77 26.60 -36.84
N LEU C 219 -26.52 26.94 -37.12
CA LEU C 219 -25.56 27.17 -36.02
C LEU C 219 -24.87 28.53 -36.00
N ASN C 220 -24.55 29.08 -37.18
CA ASN C 220 -23.75 30.34 -37.27
C ASN C 220 -24.34 31.46 -36.42
N ASP C 221 -25.66 31.44 -36.31
CA ASP C 221 -26.48 32.54 -35.77
C ASP C 221 -26.60 32.47 -34.25
N GLN C 222 -26.03 31.43 -33.65
CA GLN C 222 -26.36 30.99 -32.29
C GLN C 222 -25.38 31.51 -31.25
N LYS C 223 -25.88 31.79 -30.05
CA LYS C 223 -25.06 32.37 -28.98
C LYS C 223 -24.45 31.30 -28.07
N SER C 224 -25.05 30.12 -28.05
CA SER C 224 -24.67 29.03 -27.16
C SER C 224 -24.86 27.69 -27.82
N LEU C 225 -24.12 26.68 -27.38
CA LEU C 225 -24.51 25.31 -27.64
C LEU C 225 -24.11 24.28 -26.61
N LEU C 226 -25.03 23.37 -26.36
CA LEU C 226 -24.97 22.45 -25.26
C LEU C 226 -24.55 21.09 -25.81
N LEU C 227 -23.59 20.42 -25.15
CA LEU C 227 -23.21 19.05 -25.57
C LEU C 227 -23.54 18.02 -24.48
N LEU C 228 -24.25 16.96 -24.84
CA LEU C 228 -24.64 15.95 -23.85
C LEU C 228 -23.82 14.69 -24.02
N GLY C 229 -23.19 14.25 -22.93
CA GLY C 229 -22.46 12.95 -23.00
C GLY C 229 -22.43 12.24 -21.66
N ARG C 230 -22.05 10.97 -21.66
CA ARG C 230 -21.92 10.19 -20.42
C ARG C 230 -20.88 9.12 -20.71
N GLY C 231 -20.30 8.55 -19.64
CA GLY C 231 -19.34 7.43 -19.73
C GLY C 231 -18.16 7.89 -20.56
N TYR C 232 -17.74 7.05 -21.52
CA TYR C 232 -16.62 7.42 -22.36
C TYR C 232 -16.78 8.73 -23.08
N GLN C 233 -18.02 9.12 -23.37
CA GLN C 233 -18.19 10.33 -24.19
C GLN C 233 -18.34 11.65 -23.40
N PHE C 234 -18.25 11.57 -22.06
CA PHE C 234 -18.34 12.82 -21.27
C PHE C 234 -17.13 13.66 -21.54
N ALA C 235 -15.95 13.05 -21.58
CA ALA C 235 -14.74 13.79 -21.94
C ALA C 235 -14.90 14.50 -23.30
N THR C 236 -15.54 13.78 -24.24
CA THR C 236 -15.64 14.38 -25.57
C THR C 236 -16.60 15.57 -25.60
N ALA C 237 -17.63 15.51 -24.76
CA ALA C 237 -18.55 16.63 -24.59
C ALA C 237 -17.82 17.83 -23.96
N LEU C 238 -16.94 17.59 -22.99
CA LEU C 238 -16.16 18.68 -22.40
C LEU C 238 -15.17 19.28 -23.38
N GLU C 239 -14.57 18.43 -24.20
CA GLU C 239 -13.59 18.90 -25.16
C GLU C 239 -14.26 19.66 -26.31
N GLY C 240 -15.39 19.12 -26.77
CA GLY C 240 -16.20 19.84 -27.77
C GLY C 240 -16.59 21.22 -27.27
N ALA C 241 -17.10 21.31 -26.05
CA ALA C 241 -17.46 22.61 -25.44
C ALA C 241 -16.24 23.58 -25.39
N LEU C 242 -15.08 23.09 -24.99
CA LEU C 242 -13.85 23.89 -24.98
C LEU C 242 -13.43 24.36 -26.38
N LYS C 243 -13.63 23.51 -27.37
CA LYS C 243 -13.28 23.89 -28.72
C LYS C 243 -14.20 25.06 -29.17
N ILE C 244 -15.51 24.90 -28.90
CA ILE C 244 -16.48 25.88 -29.35
C ILE C 244 -16.17 27.21 -28.66
N LYS C 245 -16.01 27.16 -27.33
CA LYS C 245 -15.59 28.37 -26.57
C LYS C 245 -14.30 29.04 -27.02
N GLU C 246 -13.26 28.27 -27.30
CA GLU C 246 -11.94 28.85 -27.61
C GLU C 246 -11.83 29.41 -29.00
N ILE C 247 -12.33 28.66 -29.97
CA ILE C 247 -12.14 28.90 -31.41
C ILE C 247 -13.27 29.78 -31.93
N SER C 248 -14.51 29.35 -31.65
CA SER C 248 -15.72 29.92 -32.23
C SER C 248 -16.22 31.14 -31.50
N TYR C 249 -15.73 31.37 -30.29
CA TYR C 249 -16.25 32.45 -29.45
C TYR C 249 -17.77 32.41 -29.45
N MET C 250 -18.30 31.28 -28.98
CA MET C 250 -19.72 31.09 -28.74
C MET C 250 -19.75 30.42 -27.37
N HIS C 251 -20.80 30.60 -26.59
CA HIS C 251 -20.88 29.85 -25.34
C HIS C 251 -21.10 28.38 -25.59
N SER C 252 -20.58 27.53 -24.70
CA SER C 252 -20.81 26.12 -24.81
C SER C 252 -20.59 25.49 -23.47
N GLU C 253 -21.31 24.39 -23.22
CA GLU C 253 -21.14 23.65 -21.96
C GLU C 253 -21.32 22.17 -22.25
N GLY C 254 -20.43 21.33 -21.72
CA GLY C 254 -20.62 19.88 -21.76
C GLY C 254 -21.38 19.43 -20.52
N VAL C 255 -22.43 18.66 -20.71
CA VAL C 255 -23.28 18.26 -19.59
C VAL C 255 -23.37 16.76 -19.46
N LEU C 256 -23.28 16.28 -18.23
CA LEU C 256 -23.41 14.84 -17.99
C LEU C 256 -24.85 14.44 -18.27
N ALA C 257 -25.07 13.71 -19.35
CA ALA C 257 -26.43 13.52 -19.91
C ALA C 257 -27.41 12.86 -18.94
N GLY C 258 -28.53 13.53 -18.68
CA GLY C 258 -29.63 12.92 -17.92
C GLY C 258 -29.33 12.78 -16.44
N GLU C 259 -28.26 13.43 -15.98
CA GLU C 259 -27.90 13.42 -14.56
C GLU C 259 -28.95 14.18 -13.76
N LEU C 260 -29.39 15.31 -14.27
CA LEU C 260 -30.49 16.04 -13.64
C LEU C 260 -31.79 15.98 -14.45
N LYS C 261 -32.90 15.65 -13.78
CA LYS C 261 -34.22 15.77 -14.40
C LYS C 261 -34.60 17.25 -14.62
N HIS C 262 -34.38 18.06 -13.58
CA HIS C 262 -34.91 19.42 -13.54
C HIS C 262 -33.86 20.48 -13.93
N GLY C 263 -32.68 20.01 -14.33
CA GLY C 263 -31.52 20.86 -14.64
C GLY C 263 -31.64 21.61 -15.96
N ILE C 264 -30.50 21.77 -16.65
CA ILE C 264 -30.42 22.55 -17.88
C ILE C 264 -31.47 22.22 -18.98
N LEU C 265 -31.85 20.94 -19.08
CA LEU C 265 -32.76 20.46 -20.13
C LEU C 265 -34.24 20.72 -19.85
N ALA C 266 -34.60 20.76 -18.57
CA ALA C 266 -35.91 21.22 -18.16
C ALA C 266 -36.05 22.72 -18.43
N LEU C 267 -34.93 23.37 -18.74
CA LEU C 267 -34.81 24.82 -18.90
C LEU C 267 -34.19 25.25 -20.22
N VAL C 268 -34.38 24.44 -21.27
CA VAL C 268 -33.89 24.80 -22.60
C VAL C 268 -34.98 25.36 -23.51
N ASP C 269 -34.58 26.28 -24.39
CA ASP C 269 -35.41 26.80 -25.47
C ASP C 269 -35.66 25.68 -26.48
N GLU C 270 -36.78 25.77 -27.22
CA GLU C 270 -36.99 24.86 -28.35
C GLU C 270 -36.08 25.26 -29.53
N ASP C 271 -35.16 26.19 -29.24
CA ASP C 271 -34.29 26.80 -30.24
C ASP C 271 -32.80 26.48 -30.10
N LEU C 272 -32.25 26.54 -28.89
CA LEU C 272 -30.79 26.39 -28.68
C LEU C 272 -30.25 25.07 -29.22
N PRO C 273 -29.06 25.11 -29.83
CA PRO C 273 -28.48 23.90 -30.42
C PRO C 273 -27.94 22.93 -29.36
N ILE C 274 -28.34 21.67 -29.50
CA ILE C 274 -27.90 20.60 -28.61
C ILE C 274 -27.32 19.40 -29.38
N ILE C 275 -26.10 19.02 -29.00
CA ILE C 275 -25.42 17.89 -29.61
C ILE C 275 -25.39 16.79 -28.56
N ALA C 276 -25.76 15.59 -28.97
CA ALA C 276 -25.75 14.46 -28.10
C ALA C 276 -24.89 13.31 -28.63
N PHE C 277 -24.05 12.78 -27.74
CA PHE C 277 -23.26 11.57 -28.02
C PHE C 277 -24.07 10.32 -27.68
N ALA C 278 -24.40 9.56 -28.74
CA ALA C 278 -25.27 8.38 -28.63
C ALA C 278 -24.66 7.22 -29.39
N THR C 279 -23.32 7.23 -29.49
CA THR C 279 -22.60 6.06 -29.96
C THR C 279 -22.77 4.91 -28.95
N ARG C 280 -22.65 3.68 -29.44
CA ARG C 280 -23.05 2.51 -28.65
C ARG C 280 -22.30 2.32 -27.36
N ASP C 281 -21.02 2.72 -27.32
CA ASP C 281 -20.17 2.63 -26.10
C ASP C 281 -20.68 3.43 -24.91
N SER C 282 -21.50 4.45 -25.18
CA SER C 282 -21.97 5.36 -24.14
C SER C 282 -23.46 5.60 -24.31
N LEU C 283 -24.17 4.57 -24.78
CA LEU C 283 -25.63 4.70 -25.00
C LEU C 283 -26.42 4.26 -23.77
N PHE C 284 -26.42 5.10 -22.75
CA PHE C 284 -26.99 4.75 -21.44
C PHE C 284 -28.45 5.13 -21.43
N PRO C 285 -29.26 4.45 -20.59
CA PRO C 285 -30.66 4.92 -20.42
C PRO C 285 -30.76 6.42 -20.11
N LYS C 286 -29.84 6.96 -19.28
CA LYS C 286 -29.87 8.39 -18.97
C LYS C 286 -29.62 9.25 -20.20
N VAL C 287 -28.89 8.73 -21.19
CA VAL C 287 -28.66 9.50 -22.43
C VAL C 287 -29.96 9.55 -23.29
N MET C 288 -30.62 8.40 -23.40
CA MET C 288 -31.94 8.29 -24.06
C MET C 288 -32.95 9.23 -23.41
N SER C 289 -33.11 9.17 -22.08
CA SER C 289 -34.02 10.13 -21.36
C SER C 289 -33.68 11.60 -21.63
N ALA C 290 -32.41 11.98 -21.53
CA ALA C 290 -32.01 13.32 -21.93
C ALA C 290 -32.47 13.68 -23.35
N ILE C 291 -32.23 12.79 -24.32
CA ILE C 291 -32.58 13.09 -25.72
C ILE C 291 -34.09 13.28 -25.82
N GLU C 292 -34.85 12.40 -25.17
CA GLU C 292 -36.32 12.43 -25.17
C GLU C 292 -36.87 13.73 -24.57
N GLN C 293 -36.23 14.20 -23.51
CA GLN C 293 -36.61 15.42 -22.83
C GLN C 293 -36.34 16.61 -23.72
N VAL C 294 -35.39 16.47 -24.63
CA VAL C 294 -35.20 17.49 -25.65
C VAL C 294 -36.28 17.42 -26.73
N THR C 295 -36.50 16.24 -27.32
CA THR C 295 -37.43 16.10 -28.45
C THR C 295 -38.85 16.49 -28.05
N ALA C 296 -39.26 16.07 -26.85
CA ALA C 296 -40.57 16.39 -26.31
C ALA C 296 -40.75 17.90 -26.30
N ARG C 297 -39.76 18.60 -25.74
CA ARG C 297 -39.69 20.06 -25.68
C ARG C 297 -39.62 20.74 -27.05
N ASP C 298 -39.49 19.94 -28.11
CA ASP C 298 -39.35 20.41 -29.51
C ASP C 298 -38.00 21.00 -29.91
N GLY C 299 -36.98 20.71 -29.11
CA GLY C 299 -35.60 20.90 -29.54
C GLY C 299 -35.34 19.90 -30.65
N ARG C 300 -34.50 20.28 -31.60
CA ARG C 300 -34.09 19.39 -32.66
C ARG C 300 -32.63 18.93 -32.41
N PRO C 301 -32.40 17.83 -31.65
CA PRO C 301 -30.99 17.52 -31.30
C PRO C 301 -30.12 17.11 -32.48
N ILE C 302 -28.82 17.42 -32.39
CA ILE C 302 -27.84 16.89 -33.34
C ILE C 302 -27.24 15.63 -32.70
N VAL C 303 -27.46 14.48 -33.33
CA VAL C 303 -27.08 13.20 -32.73
C VAL C 303 -25.83 12.61 -33.41
N ILE C 304 -24.76 12.46 -32.62
CA ILE C 304 -23.58 11.73 -33.11
C ILE C 304 -23.78 10.30 -32.67
N CYS C 305 -23.81 9.38 -33.65
CA CYS C 305 -24.12 7.98 -33.36
C CYS C 305 -23.43 7.09 -34.36
N ASN C 306 -23.47 5.79 -34.15
CA ASN C 306 -22.77 4.90 -35.02
C ASN C 306 -23.62 4.65 -36.29
N GLU C 307 -22.90 4.41 -37.39
CA GLU C 307 -23.46 4.17 -38.72
C GLU C 307 -24.59 3.15 -38.63
N GLY C 308 -25.75 3.53 -39.18
CA GLY C 308 -26.91 2.65 -39.23
C GLY C 308 -27.87 2.74 -38.06
N ASP C 309 -27.43 3.37 -36.97
CA ASP C 309 -28.26 3.39 -35.77
C ASP C 309 -29.38 4.41 -35.87
N ALA C 310 -30.54 4.03 -35.35
CA ALA C 310 -31.73 4.88 -35.30
C ALA C 310 -31.95 5.22 -33.82
N ILE C 311 -31.52 6.40 -33.40
CA ILE C 311 -31.55 6.77 -31.99
C ILE C 311 -32.94 7.31 -31.61
N ILE C 312 -33.46 8.20 -32.45
CA ILE C 312 -34.82 8.69 -32.30
C ILE C 312 -35.55 8.58 -33.64
N SER C 313 -36.88 8.71 -33.59
CA SER C 313 -37.74 8.67 -34.77
C SER C 313 -37.28 9.67 -35.84
N HIS C 318 -34.51 15.78 -36.18
CA HIS C 318 -33.14 15.91 -35.69
C HIS C 318 -32.10 15.73 -36.81
N THR C 319 -30.90 16.28 -36.62
CA THR C 319 -29.74 16.04 -37.47
C THR C 319 -28.90 14.89 -36.91
N THR C 320 -28.44 14.01 -37.81
CA THR C 320 -27.62 12.85 -37.47
C THR C 320 -26.23 12.98 -38.07
N LEU C 321 -25.19 12.80 -37.24
CA LEU C 321 -23.83 12.68 -37.77
C LEU C 321 -23.33 11.29 -37.40
N GLU C 322 -23.26 10.43 -38.42
CA GLU C 322 -22.85 9.05 -38.21
C GLU C 322 -21.35 8.82 -38.25
N VAL C 323 -20.85 8.01 -37.31
CA VAL C 323 -19.42 7.68 -37.25
C VAL C 323 -19.21 6.20 -37.21
N PRO C 324 -18.07 5.70 -37.75
CA PRO C 324 -17.83 4.27 -37.63
C PRO C 324 -17.79 3.81 -36.18
N GLU C 325 -18.09 2.53 -35.98
CA GLU C 325 -18.07 1.97 -34.65
C GLU C 325 -16.67 1.45 -34.44
N THR C 326 -16.08 1.78 -33.30
CA THR C 326 -14.75 1.21 -32.97
C THR C 326 -14.89 0.55 -31.59
N VAL C 327 -13.79 0.07 -31.02
CA VAL C 327 -13.80 -0.44 -29.64
C VAL C 327 -14.29 0.69 -28.71
N ASP C 328 -15.09 0.33 -27.73
CA ASP C 328 -15.75 1.33 -26.85
C ASP C 328 -14.78 2.43 -26.34
N CYS C 329 -13.65 2.02 -25.77
CA CYS C 329 -12.70 2.98 -25.19
C CYS C 329 -11.96 3.81 -26.26
N LEU C 330 -12.13 3.49 -27.57
CA LEU C 330 -11.50 4.23 -28.65
C LEU C 330 -12.50 5.16 -29.39
N GLN C 331 -13.78 5.00 -29.09
CA GLN C 331 -14.81 5.69 -29.84
C GLN C 331 -14.66 7.21 -29.73
N GLY C 332 -14.11 7.68 -28.61
CA GLY C 332 -13.86 9.12 -28.44
C GLY C 332 -12.89 9.75 -29.45
N LEU C 333 -11.97 8.94 -29.97
CA LEU C 333 -11.10 9.37 -31.03
C LEU C 333 -11.85 9.78 -32.30
N LEU C 334 -12.93 9.05 -32.62
CA LEU C 334 -13.78 9.37 -33.80
C LEU C 334 -14.80 10.46 -33.46
N ASN C 335 -15.41 10.38 -32.27
CA ASN C 335 -16.48 11.31 -31.92
C ASN C 335 -16.04 12.75 -31.77
N VAL C 336 -14.75 12.99 -31.46
CA VAL C 336 -14.29 14.36 -31.32
C VAL C 336 -14.12 15.10 -32.65
N ILE C 337 -13.91 14.33 -33.71
CA ILE C 337 -13.57 14.93 -34.99
C ILE C 337 -14.69 15.86 -35.52
N PRO C 338 -15.95 15.39 -35.51
CA PRO C 338 -16.92 16.38 -36.01
C PRO C 338 -16.99 17.63 -35.14
N LEU C 339 -16.66 17.53 -33.84
CA LEU C 339 -16.67 18.74 -33.01
C LEU C 339 -15.57 19.70 -33.35
N GLN C 340 -14.41 19.16 -33.68
CA GLN C 340 -13.31 19.92 -34.23
C GLN C 340 -13.74 20.70 -35.49
N LEU C 341 -14.39 19.98 -36.38
CA LEU C 341 -14.84 20.58 -37.66
C LEU C 341 -15.94 21.61 -37.43
N ILE C 342 -16.92 21.28 -36.57
CA ILE C 342 -17.92 22.28 -36.17
C ILE C 342 -17.26 23.55 -35.64
N SER C 343 -16.37 23.41 -34.66
CA SER C 343 -15.78 24.60 -34.04
C SER C 343 -15.02 25.42 -35.07
N TYR C 344 -14.31 24.74 -35.97
CA TYR C 344 -13.55 25.41 -37.04
C TYR C 344 -14.46 26.19 -37.95
N TRP C 345 -15.55 25.58 -38.41
CA TRP C 345 -16.41 26.25 -39.41
C TRP C 345 -17.25 27.36 -38.79
N LEU C 346 -17.64 27.17 -37.54
CA LEU C 346 -18.37 28.20 -36.82
C LEU C 346 -17.50 29.42 -36.70
N ALA C 347 -16.20 29.22 -36.47
CA ALA C 347 -15.27 30.34 -36.34
C ALA C 347 -15.02 31.07 -37.65
N VAL C 348 -14.70 30.32 -38.71
CA VAL C 348 -14.39 30.94 -40.02
C VAL C 348 -15.61 31.68 -40.58
N ASN C 349 -16.79 31.09 -40.40
CA ASN C 349 -18.06 31.71 -40.74
C ASN C 349 -18.38 32.96 -39.92
N ARG C 350 -17.48 33.36 -39.04
CA ARG C 350 -17.65 34.58 -38.25
C ARG C 350 -16.42 35.47 -38.43
N GLY C 351 -15.61 35.17 -39.44
CA GLY C 351 -14.40 35.91 -39.72
C GLY C 351 -13.31 35.78 -38.66
N ILE C 352 -13.39 34.74 -37.82
CA ILE C 352 -12.39 34.53 -36.78
C ILE C 352 -11.14 33.83 -37.33
N ASP C 353 -9.96 34.28 -36.87
CA ASP C 353 -8.71 33.62 -37.21
C ASP C 353 -8.47 32.50 -36.22
N VAL C 354 -8.20 31.31 -36.73
CA VAL C 354 -7.97 30.15 -35.85
C VAL C 354 -6.49 29.79 -35.69
N ASP C 355 -5.62 30.56 -36.33
CA ASP C 355 -4.17 30.30 -36.32
C ASP C 355 -3.35 31.26 -35.45
N PRO D 4 -43.03 31.16 11.06
CA PRO D 4 -43.71 32.09 10.15
C PRO D 4 -42.98 32.26 8.80
N TYR D 5 -43.04 31.20 7.97
CA TYR D 5 -42.33 31.17 6.69
C TYR D 5 -43.27 30.83 5.54
N LYS D 6 -43.02 31.41 4.36
CA LYS D 6 -43.80 31.09 3.14
C LYS D 6 -43.67 29.62 2.76
N HIS D 7 -42.42 29.10 2.80
CA HIS D 7 -42.17 27.74 2.33
C HIS D 7 -41.20 27.04 3.25
N PHE D 8 -41.26 25.70 3.21
CA PHE D 8 -40.35 24.80 3.89
C PHE D 8 -38.90 25.12 3.52
N MET D 9 -38.63 25.42 2.25
CA MET D 9 -37.27 25.80 1.87
C MET D 9 -36.80 27.01 2.67
N GLN D 10 -37.62 28.06 2.79
CA GLN D 10 -37.22 29.22 3.56
C GLN D 10 -37.00 28.87 5.05
N LYS D 11 -37.93 28.11 5.63
CA LYS D 11 -37.80 27.60 7.01
C LYS D 11 -36.47 26.85 7.20
N GLU D 12 -36.16 25.95 6.28
CA GLU D 12 -34.95 25.10 6.37
C GLU D 12 -33.66 25.89 6.22
N ILE D 13 -33.67 26.90 5.35
CA ILE D 13 -32.53 27.81 5.28
C ILE D 13 -32.32 28.50 6.63
N PHE D 14 -33.39 29.03 7.21
CA PHE D 14 -33.28 29.78 8.46
C PHE D 14 -33.08 28.90 9.68
N GLU D 15 -33.28 27.61 9.49
CA GLU D 15 -33.03 26.60 10.55
C GLU D 15 -31.52 26.28 10.71
N GLN D 16 -30.70 26.75 9.78
CA GLN D 16 -29.28 26.33 9.75
C GLN D 16 -28.43 26.62 11.00
N PRO D 17 -28.63 27.78 11.67
CA PRO D 17 -27.89 27.88 12.96
C PRO D 17 -28.21 26.73 13.90
N ASP D 18 -29.47 26.29 13.93
CA ASP D 18 -29.87 25.15 14.76
C ASP D 18 -29.42 23.80 14.24
N SER D 19 -29.54 23.59 12.93
CA SER D 19 -29.14 22.29 12.40
C SER D 19 -27.60 22.15 12.49
N ALA D 20 -26.85 23.25 12.29
CA ALA D 20 -25.38 23.19 12.38
C ALA D 20 -24.99 22.86 13.83
N PHE D 21 -25.71 23.50 14.76
CA PHE D 21 -25.49 23.21 16.20
C PHE D 21 -25.85 21.77 16.51
N ASN D 22 -26.98 21.29 16.00
CA ASN D 22 -27.38 19.93 16.30
C ASN D 22 -26.47 18.84 15.77
N THR D 23 -25.90 19.09 14.59
CA THR D 23 -24.92 18.17 14.00
C THR D 23 -23.70 17.95 14.93
N MET D 24 -23.22 19.01 15.58
CA MET D 24 -22.06 18.95 16.47
C MET D 24 -22.40 18.49 17.89
N ARG D 25 -23.68 18.57 18.25
CA ARG D 25 -24.14 18.40 19.65
C ARG D 25 -23.68 17.05 20.18
N GLY D 26 -22.97 17.05 21.31
CA GLY D 26 -22.57 15.78 21.93
C GLY D 26 -21.35 15.16 21.27
N ARG D 27 -20.77 15.87 20.29
CA ARG D 27 -19.68 15.35 19.43
C ARG D 27 -18.43 16.15 19.46
N ILE D 28 -18.54 17.40 19.89
CA ILE D 28 -17.35 18.25 19.95
C ILE D 28 -17.22 18.77 21.37
N ASP D 29 -16.05 18.56 21.96
CA ASP D 29 -15.74 19.21 23.22
C ASP D 29 -14.96 20.45 22.84
N PHE D 30 -15.59 21.62 22.95
CA PHE D 30 -14.97 22.84 22.42
C PHE D 30 -13.87 23.38 23.33
N GLU D 31 -13.96 23.07 24.63
CA GLU D 31 -12.92 23.43 25.61
C GLU D 31 -11.64 22.63 25.42
N ASN D 32 -11.77 21.30 25.43
CA ASN D 32 -10.59 20.45 25.26
C ASN D 32 -10.18 20.18 23.81
N CYS D 33 -11.02 20.65 22.86
CA CYS D 33 -10.86 20.41 21.42
C CYS D 33 -10.77 18.92 21.07
N VAL D 34 -11.82 18.19 21.43
CA VAL D 34 -11.91 16.75 21.19
C VAL D 34 -13.17 16.47 20.39
N VAL D 35 -13.01 15.80 19.24
CA VAL D 35 -14.18 15.36 18.47
C VAL D 35 -14.44 13.88 18.73
N THR D 36 -15.67 13.51 19.05
CA THR D 36 -15.98 12.11 19.30
C THR D 36 -17.19 11.71 18.54
N LEU D 37 -17.01 10.90 17.50
CA LEU D 37 -18.12 10.44 16.68
C LEU D 37 -18.46 9.02 17.10
N GLY D 38 -19.55 8.85 17.84
CA GLY D 38 -19.88 7.55 18.46
C GLY D 38 -20.01 6.45 17.42
N GLY D 39 -20.60 6.78 16.27
CA GLY D 39 -20.84 5.82 15.23
C GLY D 39 -19.57 5.26 14.61
N LEU D 40 -18.46 5.97 14.77
CA LEU D 40 -17.22 5.60 14.07
C LEU D 40 -16.08 5.19 14.98
N LYS D 41 -16.08 5.56 16.25
CA LYS D 41 -14.76 5.67 16.89
C LYS D 41 -13.95 4.34 17.00
N SER D 42 -14.64 3.21 17.17
CA SER D 42 -13.94 1.93 17.19
C SER D 42 -13.48 1.46 15.76
N TRP D 43 -13.87 2.22 14.74
CA TRP D 43 -13.60 1.92 13.35
C TRP D 43 -12.48 2.76 12.76
N LEU D 44 -12.07 3.79 13.49
CA LEU D 44 -11.12 4.78 12.97
C LEU D 44 -9.78 4.17 12.60
N SER D 45 -9.26 3.22 13.40
CA SER D 45 -7.94 2.71 13.07
C SER D 45 -8.03 1.92 11.78
N THR D 46 -9.16 1.26 11.56
CA THR D 46 -9.35 0.47 10.34
C THR D 46 -9.67 1.39 9.16
N ILE D 47 -10.41 2.48 9.39
CA ILE D 47 -10.73 3.37 8.26
C ILE D 47 -9.45 3.92 7.68
N ARG D 48 -8.55 4.37 8.55
CA ARG D 48 -7.25 4.93 8.16
C ARG D 48 -6.34 3.99 7.38
N ARG D 49 -6.47 2.69 7.64
CA ARG D 49 -5.56 1.69 7.11
C ARG D 49 -6.18 1.25 5.78
N CYS D 50 -6.19 2.19 4.85
CA CYS D 50 -6.66 1.90 3.53
C CYS D 50 -5.68 2.44 2.52
N ARG D 51 -5.82 1.97 1.29
CA ARG D 51 -5.04 2.49 0.19
C ARG D 51 -5.49 3.95 -0.12
N ARG D 52 -6.78 4.20 0.04
CA ARG D 52 -7.39 5.48 -0.43
C ARG D 52 -8.82 5.58 0.03
N ILE D 53 -9.31 6.82 0.03
CA ILE D 53 -10.70 7.08 0.36
C ILE D 53 -11.43 7.50 -0.93
N ILE D 54 -12.58 6.86 -1.17
CA ILE D 54 -13.44 7.25 -2.28
C ILE D 54 -14.76 7.79 -1.72
N MET D 55 -15.04 9.08 -1.96
CA MET D 55 -16.30 9.69 -1.51
C MET D 55 -17.28 9.55 -2.64
N ILE D 56 -18.47 9.02 -2.40
CA ILE D 56 -19.39 8.72 -3.51
C ILE D 56 -20.76 9.31 -3.16
N ALA D 57 -21.34 10.11 -4.06
CA ALA D 57 -22.59 10.77 -3.77
C ALA D 57 -23.22 11.37 -5.02
N CYS D 58 -24.43 11.90 -4.87
CA CYS D 58 -25.16 12.49 -6.02
C CYS D 58 -25.53 13.90 -5.61
N GLY D 59 -25.66 14.80 -6.60
CA GLY D 59 -26.28 16.10 -6.36
C GLY D 59 -25.56 16.96 -5.31
N THR D 60 -26.34 17.58 -4.43
CA THR D 60 -25.80 18.43 -3.39
C THR D 60 -24.90 17.63 -2.46
N SER D 61 -25.25 16.36 -2.22
CA SER D 61 -24.34 15.55 -1.39
C SER D 61 -22.96 15.36 -2.02
N TYR D 62 -22.90 15.23 -3.34
CA TYR D 62 -21.61 15.22 -4.10
C TYR D 62 -20.88 16.57 -3.87
N HIS D 63 -21.63 17.68 -3.88
CA HIS D 63 -20.97 18.96 -3.62
C HIS D 63 -20.38 19.01 -2.24
N SER D 64 -21.06 18.45 -1.25
CA SER D 64 -20.50 18.54 0.12
C SER D 64 -19.17 17.77 0.19
N CYS D 65 -19.02 16.74 -0.67
CA CYS D 65 -17.80 15.94 -0.76
C CYS D 65 -16.67 16.79 -1.38
N LEU D 66 -16.99 17.48 -2.47
CA LEU D 66 -16.04 18.38 -3.12
C LEU D 66 -15.63 19.51 -2.16
N ALA D 67 -16.60 20.00 -1.36
CA ALA D 67 -16.35 21.13 -0.42
C ALA D 67 -15.38 20.74 0.70
N THR D 68 -15.29 19.44 0.97
CA THR D 68 -14.43 18.95 2.08
C THR D 68 -13.26 18.03 1.69
N ARG D 69 -13.11 17.74 0.40
CA ARG D 69 -12.01 16.91 -0.09
C ARG D 69 -10.64 17.44 0.39
N SER D 70 -10.45 18.76 0.32
CA SER D 70 -9.10 19.29 0.54
C SER D 70 -8.73 19.12 2.00
N ILE D 71 -9.69 19.38 2.89
CA ILE D 71 -9.41 19.18 4.34
C ILE D 71 -9.18 17.74 4.72
N PHE D 72 -9.94 16.80 4.16
CA PHE D 72 -9.59 15.38 4.33
C PHE D 72 -8.17 15.12 3.86
N GLU D 73 -7.78 15.58 2.65
CA GLU D 73 -6.44 15.21 2.17
CA GLU D 73 -6.42 15.31 2.13
C GLU D 73 -5.38 15.88 3.07
N GLU D 74 -5.58 17.15 3.42
CA GLU D 74 -4.63 17.89 4.27
C GLU D 74 -4.46 17.22 5.65
N LEU D 75 -5.56 16.89 6.33
CA LEU D 75 -5.44 16.41 7.70
C LEU D 75 -4.96 14.96 7.76
N THR D 76 -5.37 14.15 6.78
CA THR D 76 -5.10 12.72 6.84
C THR D 76 -3.93 12.22 6.03
N GLU D 77 -3.55 12.92 4.96
CA GLU D 77 -2.53 12.42 4.01
C GLU D 77 -2.88 11.05 3.40
N ILE D 78 -4.16 10.74 3.39
CA ILE D 78 -4.70 9.60 2.64
C ILE D 78 -5.23 10.17 1.32
N PRO D 79 -4.90 9.52 0.19
CA PRO D 79 -5.56 9.97 -1.06
C PRO D 79 -7.08 9.93 -0.94
N VAL D 80 -7.75 10.98 -1.46
CA VAL D 80 -9.18 11.11 -1.42
C VAL D 80 -9.66 11.47 -2.80
N SER D 81 -10.55 10.65 -3.33
CA SER D 81 -11.18 11.05 -4.59
C SER D 81 -12.68 11.18 -4.41
N VAL D 82 -13.29 12.02 -5.24
CA VAL D 82 -14.70 12.30 -5.09
C VAL D 82 -15.39 11.90 -6.40
N GLU D 83 -16.39 11.03 -6.29
CA GLU D 83 -17.08 10.46 -7.43
C GLU D 83 -18.58 10.76 -7.40
N LEU D 84 -19.13 11.03 -8.56
CA LEU D 84 -20.57 11.14 -8.73
C LEU D 84 -21.07 9.71 -8.88
N ALA D 85 -22.04 9.29 -8.07
CA ALA D 85 -22.42 7.86 -8.05
C ALA D 85 -22.74 7.27 -9.44
N SER D 86 -23.44 8.04 -10.28
CA SER D 86 -23.87 7.52 -11.54
C SER D 86 -22.66 7.30 -12.45
N ASP D 87 -21.73 8.25 -12.45
CA ASP D 87 -20.55 8.16 -13.31
C ASP D 87 -19.58 7.08 -12.81
N PHE D 88 -19.45 6.98 -11.51
CA PHE D 88 -18.71 5.88 -10.85
C PHE D 88 -19.17 4.51 -11.36
N LEU D 89 -20.50 4.31 -11.41
CA LEU D 89 -21.11 3.08 -11.94
C LEU D 89 -20.92 2.92 -13.47
N ASP D 90 -21.10 4.00 -14.21
CA ASP D 90 -20.93 3.99 -15.68
C ASP D 90 -19.55 3.52 -16.12
N ARG D 91 -18.52 3.92 -15.37
CA ARG D 91 -17.14 3.49 -15.59
C ARG D 91 -16.75 2.12 -15.07
N ARG D 92 -17.63 1.46 -14.31
CA ARG D 92 -17.30 0.21 -13.64
C ARG D 92 -15.96 0.36 -12.88
N SER D 93 -15.83 1.48 -12.18
CA SER D 93 -14.63 1.77 -11.45
C SER D 93 -14.29 0.63 -10.51
N PRO D 94 -13.09 0.04 -10.67
CA PRO D 94 -12.74 -1.09 -9.82
C PRO D 94 -12.63 -0.61 -8.38
N VAL D 95 -13.11 -1.42 -7.43
CA VAL D 95 -12.82 -1.13 -6.02
CA VAL D 95 -12.92 -1.15 -6.02
C VAL D 95 -12.49 -2.45 -5.35
N PHE D 96 -11.71 -2.33 -4.29
CA PHE D 96 -11.10 -3.50 -3.67
C PHE D 96 -11.18 -3.39 -2.16
N ARG D 97 -10.74 -4.47 -1.50
CA ARG D 97 -10.79 -4.61 -0.06
CA ARG D 97 -10.85 -4.58 -0.05
C ARG D 97 -10.10 -3.47 0.65
N ASP D 98 -9.05 -2.94 0.01
CA ASP D 98 -8.25 -1.85 0.59
C ASP D 98 -8.82 -0.44 0.39
N ASP D 99 -10.02 -0.34 -0.16
CA ASP D 99 -10.63 1.00 -0.32
C ASP D 99 -11.53 1.28 0.86
N THR D 100 -11.53 2.52 1.31
CA THR D 100 -12.56 2.99 2.23
C THR D 100 -13.55 3.83 1.40
N CYS D 101 -14.82 3.43 1.30
CA CYS D 101 -15.77 4.17 0.43
C CYS D 101 -16.72 4.90 1.35
N VAL D 102 -16.80 6.22 1.18
CA VAL D 102 -17.59 7.07 2.05
C VAL D 102 -18.81 7.56 1.27
N PHE D 103 -20.02 7.18 1.74
CA PHE D 103 -21.27 7.53 1.04
C PHE D 103 -22.03 8.64 1.78
N VAL D 104 -22.27 9.74 1.08
CA VAL D 104 -22.99 10.86 1.65
C VAL D 104 -24.39 10.98 1.02
N SER D 105 -25.43 11.00 1.86
CA SER D 105 -26.78 11.03 1.32
C SER D 105 -27.72 11.59 2.37
N GLN D 106 -28.48 12.64 2.04
CA GLN D 106 -29.53 13.17 2.95
C GLN D 106 -30.58 12.07 3.21
N SER D 107 -31.20 11.60 2.13
CA SER D 107 -32.27 10.60 2.20
C SER D 107 -31.83 9.19 2.61
N GLY D 108 -30.60 8.83 2.26
CA GLY D 108 -30.15 7.45 2.33
C GLY D 108 -30.97 6.51 1.45
N GLU D 109 -31.71 7.06 0.49
CA GLU D 109 -32.49 6.22 -0.42
C GLU D 109 -32.21 6.39 -1.92
N THR D 110 -31.35 7.32 -2.30
CA THR D 110 -31.12 7.66 -3.70
C THR D 110 -30.63 6.49 -4.47
N ALA D 111 -31.25 6.21 -5.61
CA ALA D 111 -31.05 4.91 -6.27
C ALA D 111 -29.58 4.69 -6.69
N ASP D 112 -28.97 5.69 -7.31
CA ASP D 112 -27.59 5.48 -7.77
C ASP D 112 -26.61 5.34 -6.60
N SER D 113 -26.89 6.03 -5.50
CA SER D 113 -26.05 5.92 -4.30
C SER D 113 -26.16 4.55 -3.72
N ILE D 114 -27.38 4.02 -3.71
CA ILE D 114 -27.60 2.66 -3.23
C ILE D 114 -26.90 1.63 -4.11
N LEU D 115 -27.00 1.77 -5.42
CA LEU D 115 -26.41 0.78 -6.33
C LEU D 115 -24.90 0.81 -6.18
N ALA D 116 -24.36 2.04 -6.06
CA ALA D 116 -22.91 2.25 -5.85
C ALA D 116 -22.45 1.56 -4.58
N LEU D 117 -23.24 1.72 -3.50
CA LEU D 117 -22.95 1.06 -2.22
C LEU D 117 -22.89 -0.46 -2.34
N GLN D 118 -23.90 -1.04 -2.98
CA GLN D 118 -23.98 -2.49 -3.16
C GLN D 118 -22.81 -3.01 -3.99
N TYR D 119 -22.41 -2.23 -4.99
CA TYR D 119 -21.26 -2.57 -5.81
C TYR D 119 -19.99 -2.63 -4.97
N CYS D 120 -19.76 -1.59 -4.14
CA CYS D 120 -18.58 -1.56 -3.24
C CYS D 120 -18.62 -2.67 -2.22
N LEU D 121 -19.80 -2.91 -1.68
CA LEU D 121 -19.94 -3.95 -0.66
C LEU D 121 -19.62 -5.33 -1.24
N GLU D 122 -20.12 -5.61 -2.43
CA GLU D 122 -19.85 -6.89 -3.13
C GLU D 122 -18.37 -7.08 -3.37
N ARG D 123 -17.63 -5.98 -3.51
CA ARG D 123 -16.21 -6.07 -3.85
C ARG D 123 -15.33 -6.06 -2.64
N GLY D 124 -15.94 -6.04 -1.46
CA GLY D 124 -15.22 -6.24 -0.18
C GLY D 124 -14.61 -4.98 0.44
N ALA D 125 -15.01 -3.81 -0.07
CA ALA D 125 -14.54 -2.53 0.46
C ALA D 125 -15.18 -2.25 1.82
N LEU D 126 -14.50 -1.48 2.63
CA LEU D 126 -15.09 -0.94 3.83
C LEU D 126 -15.96 0.26 3.46
N THR D 127 -17.15 0.36 4.04
CA THR D 127 -18.11 1.41 3.62
C THR D 127 -18.51 2.24 4.84
N VAL D 128 -18.62 3.55 4.66
CA VAL D 128 -18.93 4.46 5.75
C VAL D 128 -20.05 5.37 5.23
N GLY D 129 -21.14 5.46 5.98
CA GLY D 129 -22.25 6.37 5.65
C GLY D 129 -22.22 7.69 6.41
N ILE D 130 -22.52 8.78 5.70
CA ILE D 130 -22.75 10.11 6.28
C ILE D 130 -24.16 10.46 5.83
N VAL D 131 -25.13 10.17 6.70
CA VAL D 131 -26.55 10.08 6.30
C VAL D 131 -27.49 10.88 7.23
N ASN D 132 -28.54 11.49 6.71
CA ASN D 132 -29.52 12.20 7.56
C ASN D 132 -30.68 11.32 8.09
N SER D 133 -31.39 10.62 7.18
CA SER D 133 -32.46 9.69 7.62
C SER D 133 -31.95 8.46 8.35
N VAL D 134 -32.15 8.46 9.66
CA VAL D 134 -31.71 7.37 10.49
C VAL D 134 -32.35 6.06 10.04
N GLY D 135 -31.55 5.01 9.87
CA GLY D 135 -32.11 3.72 9.47
C GLY D 135 -32.62 3.59 8.07
N SER D 136 -32.29 4.55 7.19
CA SER D 136 -32.58 4.43 5.77
C SER D 136 -31.68 3.31 5.21
N SER D 137 -31.90 2.94 3.95
CA SER D 137 -31.09 1.91 3.31
C SER D 137 -29.56 2.15 3.44
N MET D 138 -29.13 3.36 3.12
CA MET D 138 -27.71 3.70 3.13
C MET D 138 -27.16 3.62 4.54
N SER D 139 -28.00 4.00 5.52
CA SER D 139 -27.59 3.97 6.93
C SER D 139 -27.39 2.52 7.40
N ARG D 140 -28.37 1.68 7.12
CA ARG D 140 -28.31 0.26 7.54
C ARG D 140 -27.14 -0.46 6.88
N GLN D 141 -27.02 -0.31 5.57
CA GLN D 141 -26.14 -1.15 4.74
C GLN D 141 -24.68 -0.78 4.71
N THR D 142 -24.35 0.45 5.10
CA THR D 142 -22.96 0.85 5.32
C THR D 142 -22.44 0.15 6.58
N HIS D 143 -21.14 -0.11 6.64
CA HIS D 143 -20.57 -0.82 7.85
C HIS D 143 -20.70 0.01 9.12
N CYS D 144 -20.45 1.31 8.97
CA CYS D 144 -20.49 2.27 10.05
C CYS D 144 -20.80 3.64 9.43
N GLY D 145 -21.02 4.65 10.28
CA GLY D 145 -21.31 5.99 9.78
C GLY D 145 -21.61 7.01 10.85
N VAL D 146 -22.03 8.20 10.41
CA VAL D 146 -22.47 9.28 11.29
C VAL D 146 -23.83 9.69 10.78
N HIS D 147 -24.85 9.67 11.65
CA HIS D 147 -26.11 10.39 11.36
C HIS D 147 -25.92 11.87 11.60
N ILE D 148 -26.25 12.68 10.59
CA ILE D 148 -25.89 14.09 10.66
C ILE D 148 -26.83 14.94 11.54
N ASN D 149 -28.00 14.41 11.84
CA ASN D 149 -28.85 15.03 12.86
C ASN D 149 -29.29 16.45 12.46
N ALA D 150 -29.62 16.61 11.17
CA ALA D 150 -30.09 17.91 10.67
C ALA D 150 -31.60 18.08 10.87
N GLY D 151 -32.28 16.96 11.17
CA GLY D 151 -33.74 16.89 11.21
C GLY D 151 -34.30 16.74 9.80
N PRO D 152 -35.60 16.46 9.69
CA PRO D 152 -36.20 16.18 8.39
C PRO D 152 -36.08 17.38 7.50
N GLU D 153 -35.88 17.13 6.20
CA GLU D 153 -35.69 18.20 5.23
C GLU D 153 -36.73 17.97 4.16
N ILE D 154 -37.67 18.90 4.03
CA ILE D 154 -38.86 18.69 3.23
C ILE D 154 -38.91 19.59 2.01
N GLY D 155 -38.09 20.65 2.00
CA GLY D 155 -37.89 21.41 0.79
C GLY D 155 -37.35 20.49 -0.28
N VAL D 156 -37.70 20.77 -1.53
CA VAL D 156 -37.27 19.94 -2.66
C VAL D 156 -35.77 20.05 -2.94
N ALA D 157 -35.16 21.22 -2.71
CA ALA D 157 -33.71 21.33 -2.84
C ALA D 157 -33.04 21.35 -1.47
N SER D 158 -31.86 20.71 -1.38
CA SER D 158 -31.20 20.55 -0.10
C SER D 158 -30.55 21.84 0.36
N THR D 159 -30.82 22.23 1.59
CA THR D 159 -30.20 23.43 2.15
C THR D 159 -29.45 23.10 3.45
N LYS D 160 -30.19 22.95 4.55
CA LYS D 160 -29.57 22.52 5.81
C LYS D 160 -28.85 21.17 5.71
N ALA D 161 -29.27 20.29 4.83
CA ALA D 161 -28.54 19.00 4.75
C ALA D 161 -27.14 19.21 4.20
N TYR D 162 -27.01 20.18 3.29
CA TYR D 162 -25.68 20.47 2.75
C TYR D 162 -24.73 20.96 3.83
N THR D 163 -25.14 21.97 4.62
CA THR D 163 -24.26 22.51 5.64
C THR D 163 -24.05 21.47 6.76
N SER D 164 -25.07 20.69 7.12
CA SER D 164 -24.89 19.61 8.12
C SER D 164 -23.96 18.49 7.60
N GLN D 165 -24.11 18.08 6.34
CA GLN D 165 -23.20 17.06 5.73
C GLN D 165 -21.77 17.56 5.74
N TYR D 166 -21.57 18.81 5.31
CA TYR D 166 -20.23 19.42 5.29
C TYR D 166 -19.61 19.41 6.71
N ILE D 167 -20.38 19.83 7.74
CA ILE D 167 -19.92 19.77 9.15
C ILE D 167 -19.53 18.33 9.57
N ALA D 168 -20.40 17.38 9.31
CA ALA D 168 -20.13 15.96 9.66
C ALA D 168 -18.87 15.46 9.00
N LEU D 169 -18.69 15.82 7.74
CA LEU D 169 -17.48 15.46 7.00
C LEU D 169 -16.22 16.09 7.60
N VAL D 170 -16.30 17.36 7.99
CA VAL D 170 -15.14 17.97 8.68
C VAL D 170 -14.85 17.23 10.01
N MET D 171 -15.90 16.89 10.76
CA MET D 171 -15.72 16.14 12.03
C MET D 171 -15.09 14.78 11.78
N PHE D 172 -15.50 14.14 10.69
CA PHE D 172 -14.90 12.85 10.29
C PHE D 172 -13.40 12.99 9.99
N ALA D 173 -13.05 14.03 9.22
CA ALA D 173 -11.65 14.32 8.89
C ALA D 173 -10.83 14.62 10.16
N LEU D 174 -11.39 15.42 11.06
CA LEU D 174 -10.75 15.68 12.35
C LEU D 174 -10.56 14.34 13.11
N SER D 175 -11.60 13.49 13.12
CA SER D 175 -11.54 12.21 13.85
C SER D 175 -10.42 11.33 13.35
N LEU D 176 -10.28 11.25 12.03
CA LEU D 176 -9.25 10.44 11.36
C LEU D 176 -7.84 10.92 11.67
N SER D 177 -7.71 12.20 12.01
CA SER D 177 -6.40 12.82 12.18
C SER D 177 -6.08 13.17 13.63
N ASN D 178 -6.83 12.58 14.55
CA ASN D 178 -6.79 12.98 15.96
C ASN D 178 -5.51 12.51 16.67
N ASP D 179 -4.67 11.74 16.00
CA ASP D 179 -3.47 11.25 16.68
C ASP D 179 -2.20 11.98 16.26
N SER D 180 -2.34 13.03 15.47
CA SER D 180 -1.16 13.69 14.92
C SER D 180 -0.82 14.93 15.75
N ILE D 181 0.41 14.98 16.27
CA ILE D 181 0.89 16.15 17.01
C ILE D 181 1.06 17.34 16.07
N SER D 182 1.64 17.11 14.89
CA SER D 182 1.86 18.17 13.89
C SER D 182 0.54 18.85 13.48
N ARG D 183 -0.58 18.16 13.64
CA ARG D 183 -1.80 18.81 13.16
CA ARG D 183 -1.95 18.54 13.22
C ARG D 183 -2.71 19.25 14.29
N LYS D 184 -2.18 19.18 15.52
CA LYS D 184 -2.90 19.66 16.67
C LYS D 184 -3.33 21.13 16.52
N GLY D 185 -2.45 22.01 16.06
CA GLY D 185 -2.82 23.44 16.00
C GLY D 185 -3.96 23.63 14.99
N ARG D 186 -3.86 22.90 13.89
CA ARG D 186 -4.86 23.01 12.80
C ARG D 186 -6.21 22.48 13.28
N HIS D 187 -6.19 21.37 14.02
CA HIS D 187 -7.37 20.86 14.69
C HIS D 187 -8.03 21.85 15.60
N GLU D 188 -7.22 22.49 16.46
CA GLU D 188 -7.79 23.47 17.39
C GLU D 188 -8.45 24.64 16.65
N GLU D 189 -7.76 25.14 15.64
CA GLU D 189 -8.23 26.23 14.80
C GLU D 189 -9.62 25.89 14.24
N ILE D 190 -9.70 24.71 13.64
CA ILE D 190 -10.96 24.28 13.00
C ILE D 190 -12.06 24.11 14.02
N ILE D 191 -11.75 23.45 15.13
CA ILE D 191 -12.75 23.17 16.15
C ILE D 191 -13.25 24.51 16.78
N LYS D 192 -12.33 25.43 17.01
CA LYS D 192 -12.73 26.74 17.57
C LYS D 192 -13.57 27.51 16.52
N GLY D 193 -13.21 27.36 15.27
CA GLY D 193 -13.99 27.90 14.14
C GLY D 193 -15.36 27.28 14.07
N LEU D 194 -15.47 25.96 14.18
CA LEU D 194 -16.78 25.29 14.21
C LEU D 194 -17.71 25.79 15.35
N GLN D 195 -17.15 26.13 16.50
CA GLN D 195 -17.98 26.58 17.59
C GLN D 195 -18.76 27.82 17.21
N LYS D 196 -18.18 28.65 16.34
CA LYS D 196 -18.74 29.97 16.02
C LYS D 196 -19.63 29.91 14.80
N ILE D 197 -19.61 28.77 14.09
CA ILE D 197 -20.37 28.71 12.83
C ILE D 197 -21.88 28.95 13.02
N PRO D 198 -22.52 28.33 14.03
CA PRO D 198 -23.95 28.58 14.19
C PRO D 198 -24.30 30.08 14.34
N GLU D 199 -23.58 30.81 15.19
CA GLU D 199 -23.83 32.24 15.34
C GLU D 199 -23.44 33.05 14.07
N GLN D 200 -22.43 32.60 13.32
CA GLN D 200 -22.10 33.24 12.06
C GLN D 200 -23.13 33.02 10.96
N ILE D 201 -23.75 31.84 10.94
CA ILE D 201 -24.87 31.57 10.05
C ILE D 201 -26.00 32.54 10.39
N LYS D 202 -26.31 32.71 11.68
CA LYS D 202 -27.31 33.74 12.06
C LYS D 202 -26.97 35.10 11.45
N GLN D 203 -25.70 35.51 11.57
CA GLN D 203 -25.25 36.79 10.98
C GLN D 203 -25.49 36.82 9.48
N VAL D 204 -25.10 35.75 8.79
CA VAL D 204 -25.20 35.74 7.35
C VAL D 204 -26.66 35.84 6.89
N LEU D 205 -27.59 35.26 7.66
CA LEU D 205 -29.03 35.28 7.29
C LEU D 205 -29.59 36.71 7.25
N LYS D 206 -28.88 37.61 7.93
CA LYS D 206 -29.15 39.05 7.92
C LYS D 206 -28.96 39.73 6.57
N LEU D 207 -28.32 39.03 5.62
CA LEU D 207 -28.26 39.46 4.24
C LEU D 207 -29.59 39.33 3.49
N GLU D 208 -30.61 38.68 4.08
CA GLU D 208 -31.79 38.36 3.30
C GLU D 208 -32.40 39.61 2.64
N ASN D 209 -32.50 40.70 3.40
CA ASN D 209 -33.11 41.94 2.83
C ASN D 209 -32.35 42.46 1.64
N LYS D 210 -31.02 42.56 1.74
CA LYS D 210 -30.21 42.95 0.62
C LYS D 210 -30.36 42.01 -0.57
N ILE D 211 -30.48 40.71 -0.28
CA ILE D 211 -30.73 39.70 -1.31
C ILE D 211 -32.13 39.87 -1.95
N LYS D 212 -33.15 40.12 -1.15
CA LYS D 212 -34.51 40.42 -1.70
C LYS D 212 -34.51 41.62 -2.65
N ASP D 213 -33.75 42.65 -2.28
CA ASP D 213 -33.60 43.88 -3.11
C ASP D 213 -32.96 43.52 -4.44
N LEU D 214 -31.90 42.71 -4.38
CA LEU D 214 -31.27 42.17 -5.58
C LEU D 214 -32.21 41.31 -6.44
N CYS D 215 -32.97 40.41 -5.84
CA CYS D 215 -33.86 39.56 -6.61
C CYS D 215 -35.11 40.30 -7.13
N ASN D 216 -35.38 41.48 -6.55
CA ASN D 216 -36.43 42.38 -7.10
C ASN D 216 -36.01 43.10 -8.38
N SER D 217 -34.72 43.34 -8.54
CA SER D 217 -34.17 43.98 -9.73
C SER D 217 -34.30 43.10 -10.98
N SER D 218 -33.89 43.65 -12.11
CA SER D 218 -33.96 42.88 -13.37
C SER D 218 -33.04 41.63 -13.41
N LEU D 219 -32.22 41.44 -12.37
CA LEU D 219 -31.62 40.12 -12.12
C LEU D 219 -32.66 39.00 -12.30
N ASN D 220 -33.88 39.24 -11.86
CA ASN D 220 -34.88 38.20 -11.89
C ASN D 220 -35.43 37.89 -13.27
N ASP D 221 -35.07 38.68 -14.30
CA ASP D 221 -35.47 38.34 -15.71
C ASP D 221 -34.33 37.85 -16.56
N GLN D 222 -33.22 37.49 -15.94
CA GLN D 222 -32.07 37.04 -16.68
C GLN D 222 -32.30 35.59 -17.12
N LYS D 223 -31.64 35.17 -18.18
CA LYS D 223 -31.78 33.78 -18.62
C LYS D 223 -30.72 32.87 -18.01
N SER D 224 -29.59 33.44 -17.61
CA SER D 224 -28.55 32.67 -16.92
C SER D 224 -27.69 33.49 -15.95
N LEU D 225 -27.05 32.78 -15.04
CA LEU D 225 -26.22 33.43 -14.07
C LEU D 225 -24.96 32.60 -13.96
N LEU D 226 -23.81 33.25 -14.04
CA LEU D 226 -22.55 32.52 -13.91
C LEU D 226 -22.00 32.72 -12.50
N LEU D 227 -21.39 31.67 -11.97
CA LEU D 227 -20.77 31.78 -10.65
C LEU D 227 -19.30 31.44 -10.77
N LEU D 228 -18.42 32.33 -10.31
CA LEU D 228 -16.98 32.14 -10.44
C LEU D 228 -16.37 31.80 -9.08
N GLY D 229 -15.62 30.70 -8.99
CA GLY D 229 -14.98 30.31 -7.73
C GLY D 229 -13.79 29.40 -8.00
N ARG D 230 -12.91 29.27 -7.01
CA ARG D 230 -11.72 28.46 -7.13
C ARG D 230 -11.35 27.96 -5.73
N GLY D 231 -10.55 26.89 -5.69
CA GLY D 231 -10.12 26.27 -4.42
C GLY D 231 -11.31 25.82 -3.59
N TYR D 232 -11.36 26.26 -2.33
CA TYR D 232 -12.41 25.81 -1.43
C TYR D 232 -13.79 26.26 -1.97
N GLN D 233 -13.80 27.40 -2.67
CA GLN D 233 -15.11 27.97 -3.10
C GLN D 233 -15.59 27.45 -4.47
N PHE D 234 -14.85 26.52 -5.08
CA PHE D 234 -15.35 25.99 -6.36
C PHE D 234 -16.58 25.14 -6.10
N ALA D 235 -16.56 24.34 -5.00
CA ALA D 235 -17.76 23.52 -4.66
C ALA D 235 -18.96 24.44 -4.41
N THR D 236 -18.71 25.59 -3.78
CA THR D 236 -19.80 26.53 -3.48
C THR D 236 -20.38 27.05 -4.79
N ALA D 237 -19.53 27.37 -5.76
CA ALA D 237 -19.99 27.81 -7.11
C ALA D 237 -20.85 26.71 -7.79
N LEU D 238 -20.42 25.46 -7.72
CA LEU D 238 -21.19 24.37 -8.34
C LEU D 238 -22.51 24.19 -7.65
N GLU D 239 -22.52 24.30 -6.32
CA GLU D 239 -23.74 24.12 -5.54
C GLU D 239 -24.69 25.31 -5.73
N GLY D 240 -24.13 26.51 -5.85
CA GLY D 240 -24.97 27.70 -6.15
C GLY D 240 -25.65 27.53 -7.49
N ALA D 241 -24.87 27.07 -8.49
CA ALA D 241 -25.43 26.86 -9.81
C ALA D 241 -26.53 25.78 -9.80
N LEU D 242 -26.35 24.71 -9.04
CA LEU D 242 -27.40 23.67 -8.95
C LEU D 242 -28.69 24.23 -8.34
N LYS D 243 -28.55 25.04 -7.31
CA LYS D 243 -29.70 25.59 -6.60
C LYS D 243 -30.45 26.53 -7.59
N ILE D 244 -29.71 27.37 -8.29
CA ILE D 244 -30.31 28.28 -9.27
C ILE D 244 -31.14 27.52 -10.34
N LYS D 245 -30.54 26.49 -10.95
CA LYS D 245 -31.21 25.59 -11.91
C LYS D 245 -32.42 24.87 -11.33
N GLU D 246 -32.26 24.28 -10.14
CA GLU D 246 -33.27 23.43 -9.51
C GLU D 246 -34.51 24.20 -9.04
N ILE D 247 -34.28 25.37 -8.45
CA ILE D 247 -35.25 26.16 -7.69
C ILE D 247 -35.75 27.32 -8.56
N SER D 248 -34.81 28.13 -9.06
CA SER D 248 -35.13 29.37 -9.79
C SER D 248 -35.52 29.18 -11.25
N TYR D 249 -35.36 27.96 -11.76
CA TYR D 249 -35.50 27.65 -13.21
C TYR D 249 -34.79 28.65 -14.11
N MET D 250 -33.56 28.94 -13.78
CA MET D 250 -32.77 29.84 -14.58
C MET D 250 -31.52 29.01 -14.85
N HIS D 251 -30.93 29.16 -16.03
CA HIS D 251 -29.69 28.43 -16.29
C HIS D 251 -28.57 29.00 -15.42
N SER D 252 -27.64 28.16 -15.04
CA SER D 252 -26.51 28.67 -14.28
C SER D 252 -25.36 27.71 -14.48
N GLU D 253 -24.14 28.21 -14.34
CA GLU D 253 -22.96 27.35 -14.44
C GLU D 253 -21.97 27.81 -13.39
N GLY D 254 -21.36 26.86 -12.65
CA GLY D 254 -20.24 27.19 -11.78
C GLY D 254 -18.95 27.01 -12.58
N VAL D 255 -18.11 28.03 -12.60
CA VAL D 255 -16.94 28.12 -13.45
C VAL D 255 -15.70 28.24 -12.55
N LEU D 256 -14.69 27.41 -12.83
CA LEU D 256 -13.37 27.63 -12.23
C LEU D 256 -12.74 28.96 -12.68
N ALA D 257 -12.70 29.90 -11.75
CA ALA D 257 -12.39 31.28 -12.10
C ALA D 257 -11.01 31.46 -12.69
N GLY D 258 -10.97 32.03 -13.89
CA GLY D 258 -9.77 32.44 -14.55
C GLY D 258 -9.06 31.31 -15.25
N GLU D 259 -9.73 30.16 -15.37
CA GLU D 259 -9.08 28.97 -15.93
C GLU D 259 -8.90 29.18 -17.44
N LEU D 260 -9.95 29.65 -18.10
CA LEU D 260 -9.85 30.08 -19.49
C LEU D 260 -9.62 31.60 -19.60
N LEU D 272 -25.49 39.81 -18.59
CA LEU D 272 -25.26 38.54 -17.90
C LEU D 272 -24.77 38.72 -16.46
N PRO D 273 -25.57 38.30 -15.48
CA PRO D 273 -25.15 38.45 -14.10
C PRO D 273 -24.08 37.44 -13.72
N ILE D 274 -23.17 37.89 -12.88
CA ILE D 274 -22.05 37.06 -12.43
C ILE D 274 -21.95 37.20 -10.92
N ILE D 275 -21.79 36.06 -10.23
CA ILE D 275 -21.54 36.03 -8.76
C ILE D 275 -20.13 35.46 -8.62
N ALA D 276 -19.25 36.18 -7.92
CA ALA D 276 -17.87 35.75 -7.76
C ALA D 276 -17.58 35.56 -6.26
N PHE D 277 -16.95 34.42 -5.93
CA PHE D 277 -16.57 34.17 -4.52
C PHE D 277 -15.17 34.72 -4.31
N ALA D 278 -15.06 35.73 -3.45
CA ALA D 278 -13.77 36.42 -3.24
C ALA D 278 -13.42 36.54 -1.74
N THR D 279 -13.93 35.61 -0.95
CA THR D 279 -13.54 35.49 0.45
C THR D 279 -12.04 35.09 0.50
N ARG D 280 -11.37 35.41 1.59
CA ARG D 280 -9.91 35.34 1.63
C ARG D 280 -9.32 33.92 1.43
N ASP D 281 -10.07 32.90 1.83
CA ASP D 281 -9.65 31.52 1.71
C ASP D 281 -9.41 31.12 0.25
N SER D 282 -10.08 31.80 -0.67
CA SER D 282 -10.07 31.41 -2.07
C SER D 282 -9.85 32.62 -2.95
N LEU D 283 -9.15 33.62 -2.42
CA LEU D 283 -8.84 34.85 -3.18
C LEU D 283 -7.51 34.71 -3.95
N PHE D 284 -7.55 33.90 -5.01
CA PHE D 284 -6.39 33.62 -5.85
C PHE D 284 -6.19 34.71 -6.89
N PRO D 285 -4.93 34.90 -7.34
CA PRO D 285 -4.67 35.81 -8.46
C PRO D 285 -5.65 35.58 -9.62
N LYS D 286 -5.95 34.33 -9.93
CA LYS D 286 -6.87 33.98 -11.03
C LYS D 286 -8.29 34.45 -10.79
N VAL D 287 -8.70 34.50 -9.52
CA VAL D 287 -10.02 35.03 -9.18
C VAL D 287 -10.02 36.55 -9.45
N MET D 288 -8.97 37.23 -9.00
CA MET D 288 -8.86 38.67 -9.21
C MET D 288 -8.84 39.03 -10.68
N SER D 289 -8.12 38.26 -11.51
CA SER D 289 -8.05 38.59 -12.91
C SER D 289 -9.35 38.31 -13.64
N ALA D 290 -10.06 37.26 -13.21
CA ALA D 290 -11.39 37.01 -13.74
C ALA D 290 -12.31 38.16 -13.42
N ILE D 291 -12.28 38.61 -12.16
CA ILE D 291 -13.11 39.75 -11.75
C ILE D 291 -12.78 40.99 -12.58
N GLU D 292 -11.49 41.28 -12.76
CA GLU D 292 -11.03 42.43 -13.54
C GLU D 292 -11.54 42.38 -14.96
N GLN D 293 -11.56 41.18 -15.54
CA GLN D 293 -12.12 41.02 -16.87
C GLN D 293 -13.55 41.50 -16.96
N VAL D 294 -14.33 41.24 -15.90
CA VAL D 294 -15.73 41.64 -15.88
C VAL D 294 -15.83 43.15 -15.66
N THR D 295 -15.02 43.70 -14.76
CA THR D 295 -15.13 45.15 -14.50
C THR D 295 -14.57 45.97 -15.66
N ALA D 296 -13.73 45.34 -16.49
CA ALA D 296 -13.10 45.99 -17.68
C ALA D 296 -14.14 46.31 -18.75
N ARG D 297 -15.22 45.53 -18.76
CA ARG D 297 -16.35 45.70 -19.66
C ARG D 297 -17.55 46.18 -18.83
N ASP D 298 -17.23 46.78 -17.68
CA ASP D 298 -18.24 47.35 -16.78
C ASP D 298 -19.44 46.39 -16.57
N GLY D 299 -19.09 45.12 -16.31
CA GLY D 299 -20.06 44.04 -16.09
C GLY D 299 -20.82 43.90 -14.76
N ARG D 300 -20.58 44.77 -13.78
CA ARG D 300 -21.41 44.83 -12.53
C ARG D 300 -21.61 43.49 -11.78
N PRO D 301 -20.50 42.83 -11.41
CA PRO D 301 -20.53 41.54 -10.68
C PRO D 301 -21.10 41.68 -9.27
N ILE D 302 -21.67 40.59 -8.78
CA ILE D 302 -22.06 40.45 -7.39
C ILE D 302 -20.92 39.69 -6.70
N VAL D 303 -20.34 40.29 -5.67
CA VAL D 303 -19.14 39.74 -5.05
C VAL D 303 -19.47 39.31 -3.63
N ILE D 304 -19.23 38.03 -3.34
CA ILE D 304 -19.32 37.50 -1.97
C ILE D 304 -17.89 37.58 -1.42
N CYS D 305 -17.71 38.35 -0.35
CA CYS D 305 -16.39 38.58 0.22
C CYS D 305 -16.53 38.75 1.73
N ASN D 306 -15.40 38.82 2.40
CA ASN D 306 -15.40 38.92 3.84
C ASN D 306 -15.66 40.38 4.23
N GLU D 307 -16.33 40.54 5.38
CA GLU D 307 -16.67 41.84 5.92
C GLU D 307 -15.45 42.71 5.91
N GLY D 308 -15.63 43.89 5.31
CA GLY D 308 -14.62 44.91 5.27
C GLY D 308 -13.60 44.88 4.15
N ASP D 309 -13.64 43.89 3.26
CA ASP D 309 -12.67 43.76 2.18
C ASP D 309 -13.22 44.43 0.93
N ALA D 310 -12.49 45.39 0.37
CA ALA D 310 -12.90 46.00 -0.90
C ALA D 310 -12.24 45.26 -2.05
N ILE D 311 -12.98 44.34 -2.66
CA ILE D 311 -12.43 43.54 -3.74
C ILE D 311 -12.40 44.39 -5.01
N ILE D 312 -13.40 45.26 -5.15
CA ILE D 312 -13.60 46.09 -6.35
C ILE D 312 -13.72 47.53 -5.93
N SER D 313 -13.04 48.39 -6.68
CA SER D 313 -13.02 49.81 -6.36
C SER D 313 -14.38 50.50 -6.62
N ASN D 314 -14.56 51.68 -6.05
CA ASN D 314 -15.79 52.45 -6.20
C ASN D 314 -16.00 52.99 -7.62
N ASP D 315 -14.98 52.89 -8.46
CA ASP D 315 -15.06 53.44 -9.83
C ASP D 315 -15.62 52.40 -10.79
N LYS D 316 -16.02 51.23 -10.23
CA LYS D 316 -16.77 50.21 -10.95
C LYS D 316 -18.07 49.86 -10.23
N VAL D 317 -19.16 49.75 -10.98
CA VAL D 317 -20.44 49.35 -10.38
C VAL D 317 -20.31 47.87 -10.00
N HIS D 318 -20.69 47.56 -8.77
CA HIS D 318 -20.73 46.18 -8.28
C HIS D 318 -21.63 46.12 -7.04
N THR D 319 -22.11 44.92 -6.73
CA THR D 319 -22.90 44.62 -5.53
C THR D 319 -21.98 43.76 -4.64
N THR D 320 -21.99 44.01 -3.34
CA THR D 320 -21.18 43.24 -2.39
C THR D 320 -22.12 42.51 -1.42
N LEU D 321 -21.81 41.25 -1.10
CA LEU D 321 -22.53 40.51 -0.09
C LEU D 321 -21.46 40.05 0.88
N GLU D 322 -21.34 40.76 2.00
CA GLU D 322 -20.25 40.51 2.95
C GLU D 322 -20.64 39.41 3.93
N VAL D 323 -19.69 38.51 4.19
CA VAL D 323 -19.93 37.43 5.14
C VAL D 323 -18.80 37.38 6.18
N PRO D 324 -19.07 36.86 7.42
CA PRO D 324 -17.94 36.79 8.35
C PRO D 324 -16.77 35.93 7.87
N GLU D 325 -15.55 36.26 8.29
CA GLU D 325 -14.41 35.40 7.97
C GLU D 325 -14.38 34.26 8.97
N THR D 326 -14.28 33.05 8.47
CA THR D 326 -14.09 31.91 9.34
C THR D 326 -12.76 31.24 8.95
N VAL D 327 -12.46 30.09 9.54
CA VAL D 327 -11.32 29.26 9.16
C VAL D 327 -11.48 28.90 7.68
N ASP D 328 -10.39 28.92 6.93
CA ASP D 328 -10.48 28.76 5.46
C ASP D 328 -11.34 27.58 5.00
N CYS D 329 -11.15 26.40 5.58
CA CYS D 329 -11.92 25.22 5.13
C CYS D 329 -13.37 25.17 5.63
N LEU D 330 -13.78 26.15 6.46
CA LEU D 330 -15.15 26.30 6.90
C LEU D 330 -15.90 27.43 6.17
N GLN D 331 -15.19 28.22 5.37
CA GLN D 331 -15.79 29.41 4.72
C GLN D 331 -16.97 29.06 3.82
N GLY D 332 -16.89 27.90 3.16
CA GLY D 332 -18.01 27.42 2.31
C GLY D 332 -19.34 27.28 3.05
N LEU D 333 -19.30 26.97 4.37
CA LEU D 333 -20.51 26.88 5.17
C LEU D 333 -21.27 28.19 5.21
N LEU D 334 -20.53 29.30 5.21
CA LEU D 334 -21.16 30.62 5.26
C LEU D 334 -21.45 31.09 3.84
N ASN D 335 -20.56 30.80 2.89
CA ASN D 335 -20.66 31.36 1.52
C ASN D 335 -21.85 30.79 0.76
N VAL D 336 -22.27 29.58 1.14
CA VAL D 336 -23.39 28.94 0.42
C VAL D 336 -24.72 29.58 0.82
N ILE D 337 -24.79 30.16 2.00
CA ILE D 337 -26.06 30.69 2.49
C ILE D 337 -26.68 31.78 1.60
N PRO D 338 -25.89 32.80 1.17
CA PRO D 338 -26.49 33.78 0.23
C PRO D 338 -26.98 33.15 -1.06
N LEU D 339 -26.31 32.10 -1.54
CA LEU D 339 -26.78 31.41 -2.74
C LEU D 339 -28.07 30.69 -2.52
N GLN D 340 -28.21 30.05 -1.35
CA GLN D 340 -29.50 29.44 -1.02
C GLN D 340 -30.62 30.50 -1.07
N LEU D 341 -30.35 31.64 -0.43
CA LEU D 341 -31.32 32.76 -0.36
C LEU D 341 -31.62 33.38 -1.73
N ILE D 342 -30.57 33.58 -2.53
CA ILE D 342 -30.76 34.09 -3.92
C ILE D 342 -31.62 33.13 -4.72
N SER D 343 -31.31 31.83 -4.65
CA SER D 343 -32.06 30.86 -5.41
C SER D 343 -33.57 30.89 -4.99
N TYR D 344 -33.82 31.00 -3.69
CA TYR D 344 -35.17 31.05 -3.12
C TYR D 344 -35.93 32.33 -3.60
N TRP D 345 -35.37 33.51 -3.36
CA TRP D 345 -36.02 34.78 -3.76
C TRP D 345 -36.15 34.92 -5.26
N LEU D 346 -35.19 34.41 -6.03
CA LEU D 346 -35.38 34.40 -7.50
C LEU D 346 -36.61 33.57 -7.89
N ALA D 347 -36.76 32.40 -7.29
CA ALA D 347 -37.95 31.61 -7.55
C ALA D 347 -39.25 32.36 -7.18
N VAL D 348 -39.30 32.96 -5.98
CA VAL D 348 -40.48 33.73 -5.54
C VAL D 348 -40.81 34.88 -6.52
N ASN D 349 -39.80 35.63 -6.95
CA ASN D 349 -40.01 36.74 -7.87
C ASN D 349 -40.48 36.28 -9.24
N ARG D 350 -40.21 35.01 -9.56
CA ARG D 350 -40.63 34.39 -10.82
C ARG D 350 -41.91 33.59 -10.68
N GLY D 351 -42.59 33.72 -9.55
CA GLY D 351 -43.87 33.06 -9.31
C GLY D 351 -43.76 31.55 -9.20
N ILE D 352 -42.60 31.06 -8.75
CA ILE D 352 -42.40 29.63 -8.63
C ILE D 352 -42.77 29.21 -7.21
N ASP D 353 -43.72 28.28 -7.10
CA ASP D 353 -43.99 27.64 -5.83
C ASP D 353 -42.82 26.73 -5.56
N VAL D 354 -41.93 27.24 -4.73
CA VAL D 354 -40.77 26.50 -4.29
C VAL D 354 -41.22 25.31 -3.44
#